data_5W2D
# 
_entry.id   5W2D 
# 
_audit_conform.dict_name       mmcif_pdbx.dic 
_audit_conform.dict_version    5.379 
_audit_conform.dict_location   http://mmcif.pdb.org/dictionaries/ascii/mmcif_pdbx.dic 
# 
loop_
_database_2.database_id 
_database_2.database_code 
_database_2.pdbx_database_accession 
_database_2.pdbx_DOI 
PDB   5W2D         pdb_00005w2d 10.2210/pdb5w2d/pdb 
WWPDB D_1000228321 ?            ?                   
# 
_pdbx_database_related.db_name        PDB 
_pdbx_database_related.details        'CJ without thiol model' 
_pdbx_database_related.db_id          5W17 
_pdbx_database_related.content_type   unspecified 
# 
_pdbx_database_status.status_code                     REL 
_pdbx_database_status.status_code_sf                  REL 
_pdbx_database_status.status_code_mr                  ? 
_pdbx_database_status.entry_id                        5W2D 
_pdbx_database_status.recvd_initial_deposition_date   2017-06-06 
_pdbx_database_status.SG_entry                        N 
_pdbx_database_status.deposit_site                    RCSB 
_pdbx_database_status.process_site                    RCSB 
_pdbx_database_status.status_code_cs                  ? 
_pdbx_database_status.methods_development_category    ? 
_pdbx_database_status.pdb_format_compatible           Y 
_pdbx_database_status.status_code_nmr_data            ? 
# 
loop_
_audit_author.name 
_audit_author.pdbx_ordinal 
_audit_author.identifier_ORCID 
'Huber, T.R.' 1 ? 
'Snow, C.D.'  2 ? 
# 
_citation.abstract                  ? 
_citation.abstract_id_CAS           ? 
_citation.book_id_ISBN              ? 
_citation.book_publisher            ? 
_citation.book_publisher_city       ? 
_citation.book_title                ? 
_citation.coordinate_linkage        ? 
_citation.country                   US 
_citation.database_id_Medline       ? 
_citation.details                   ? 
_citation.id                        primary 
_citation.journal_abbrev            'Bioconjug. Chem.' 
_citation.journal_id_ASTM           BCCHES 
_citation.journal_id_CSD            2063 
_citation.journal_id_ISSN           1520-4812 
_citation.journal_full              ? 
_citation.journal_issue             ? 
_citation.journal_volume            29 
_citation.language                  ? 
_citation.page_first                17 
_citation.page_last                 22 
_citation.title                     'Installing Guest Molecules at Specific Sites within Scaffold Protein Crystals.' 
_citation.year                      2018 
_citation.database_id_CSD           ? 
_citation.pdbx_database_id_DOI      10.1021/acs.bioconjchem.7b00668 
_citation.pdbx_database_id_PubMed   29232505 
_citation.unpublished_flag          ? 
# 
loop_
_citation_author.citation_id 
_citation_author.name 
_citation_author.ordinal 
_citation_author.identifier_ORCID 
primary 'Huber, T.R.'     1 ? 
primary 'McPherson, E.C.' 2 ? 
primary 'Keating, C.E.'   3 ? 
primary 'Snow, C.D.'      4 ? 
# 
_cell.angle_alpha                  90.000 
_cell.angle_alpha_esd              ? 
_cell.angle_beta                   90.000 
_cell.angle_beta_esd               ? 
_cell.angle_gamma                  120.000 
_cell.angle_gamma_esd              ? 
_cell.entry_id                     5W2D 
_cell.details                      ? 
_cell.formula_units_Z              ? 
_cell.length_a                     178.885 
_cell.length_a_esd                 ? 
_cell.length_b                     178.885 
_cell.length_b_esd                 ? 
_cell.length_c                     50.725 
_cell.length_c_esd                 ? 
_cell.volume                       ? 
_cell.volume_esd                   ? 
_cell.Z_PDB                        12 
_cell.reciprocal_angle_alpha       ? 
_cell.reciprocal_angle_beta        ? 
_cell.reciprocal_angle_gamma       ? 
_cell.reciprocal_angle_alpha_esd   ? 
_cell.reciprocal_angle_beta_esd    ? 
_cell.reciprocal_angle_gamma_esd   ? 
_cell.reciprocal_length_a          ? 
_cell.reciprocal_length_b          ? 
_cell.reciprocal_length_c          ? 
_cell.reciprocal_length_a_esd      ? 
_cell.reciprocal_length_b_esd      ? 
_cell.reciprocal_length_c_esd      ? 
_cell.pdbx_unique_axis             ? 
# 
_symmetry.entry_id                         5W2D 
_symmetry.cell_setting                     ? 
_symmetry.Int_Tables_number                177 
_symmetry.space_group_name_Hall            ? 
_symmetry.space_group_name_H-M             'P 6 2 2' 
_symmetry.pdbx_full_space_group_name_H-M   ? 
# 
loop_
_entity.id 
_entity.type 
_entity.src_method 
_entity.pdbx_description 
_entity.formula_weight 
_entity.pdbx_number_of_molecules 
_entity.pdbx_ec 
_entity.pdbx_mutation 
_entity.pdbx_fragment 
_entity.details 
1 polymer     man 'Polyisoprenoid-binding protein' 20245.883 1  ? ? ? ? 
2 non-polymer syn 'UNKNOWN LIGAND'                 282.547   1  ? ? ? ? 
3 non-polymer syn 'SULFATE ION'                    96.063    2  ? ? ? ? 
4 water       nat water                            18.015    18 ? ? ? ? 
# 
_entity_name_com.entity_id   1 
_entity_name_com.name        'Protein yceI,Putative periplasmic protein' 
# 
_entity_poly.entity_id                      1 
_entity_poly.type                           'polypeptide(L)' 
_entity_poly.nstd_linkage                   no 
_entity_poly.nstd_monomer                   no 
_entity_poly.pdbx_seq_one_letter_code       
;MKEYTLDKAHTDVCFKIKHLQISNVKGNFKDYSAVIDFDPASAEFKKLDVTIKIASVNTENQTRDNHLQQDDFFKAKKYP
DMTFTMKKYEKIDNEKGKMTGTLTIAGVSKDIVLDAEIGGVAKGKDGKEKIGFSLNGKIKRSDFKFATSTSTITLSDDIN
LNIEVEANEKEGGSHHHHHH
;
_entity_poly.pdbx_seq_one_letter_code_can   
;MKEYTLDKAHTDVCFKIKHLQISNVKGNFKDYSAVIDFDPASAEFKKLDVTIKIASVNTENQTRDNHLQQDDFFKAKKYP
DMTFTMKKYEKIDNEKGKMTGTLTIAGVSKDIVLDAEIGGVAKGKDGKEKIGFSLNGKIKRSDFKFATSTSTITLSDDIN
LNIEVEANEKEGGSHHHHHH
;
_entity_poly.pdbx_strand_id                 A 
_entity_poly.pdbx_target_identifier         ? 
# 
loop_
_entity_poly_seq.entity_id 
_entity_poly_seq.num 
_entity_poly_seq.mon_id 
_entity_poly_seq.hetero 
1 1   MET n 
1 2   LYS n 
1 3   GLU n 
1 4   TYR n 
1 5   THR n 
1 6   LEU n 
1 7   ASP n 
1 8   LYS n 
1 9   ALA n 
1 10  HIS n 
1 11  THR n 
1 12  ASP n 
1 13  VAL n 
1 14  CYS n 
1 15  PHE n 
1 16  LYS n 
1 17  ILE n 
1 18  LYS n 
1 19  HIS n 
1 20  LEU n 
1 21  GLN n 
1 22  ILE n 
1 23  SER n 
1 24  ASN n 
1 25  VAL n 
1 26  LYS n 
1 27  GLY n 
1 28  ASN n 
1 29  PHE n 
1 30  LYS n 
1 31  ASP n 
1 32  TYR n 
1 33  SER n 
1 34  ALA n 
1 35  VAL n 
1 36  ILE n 
1 37  ASP n 
1 38  PHE n 
1 39  ASP n 
1 40  PRO n 
1 41  ALA n 
1 42  SER n 
1 43  ALA n 
1 44  GLU n 
1 45  PHE n 
1 46  LYS n 
1 47  LYS n 
1 48  LEU n 
1 49  ASP n 
1 50  VAL n 
1 51  THR n 
1 52  ILE n 
1 53  LYS n 
1 54  ILE n 
1 55  ALA n 
1 56  SER n 
1 57  VAL n 
1 58  ASN n 
1 59  THR n 
1 60  GLU n 
1 61  ASN n 
1 62  GLN n 
1 63  THR n 
1 64  ARG n 
1 65  ASP n 
1 66  ASN n 
1 67  HIS n 
1 68  LEU n 
1 69  GLN n 
1 70  GLN n 
1 71  ASP n 
1 72  ASP n 
1 73  PHE n 
1 74  PHE n 
1 75  LYS n 
1 76  ALA n 
1 77  LYS n 
1 78  LYS n 
1 79  TYR n 
1 80  PRO n 
1 81  ASP n 
1 82  MET n 
1 83  THR n 
1 84  PHE n 
1 85  THR n 
1 86  MET n 
1 87  LYS n 
1 88  LYS n 
1 89  TYR n 
1 90  GLU n 
1 91  LYS n 
1 92  ILE n 
1 93  ASP n 
1 94  ASN n 
1 95  GLU n 
1 96  LYS n 
1 97  GLY n 
1 98  LYS n 
1 99  MET n 
1 100 THR n 
1 101 GLY n 
1 102 THR n 
1 103 LEU n 
1 104 THR n 
1 105 ILE n 
1 106 ALA n 
1 107 GLY n 
1 108 VAL n 
1 109 SER n 
1 110 LYS n 
1 111 ASP n 
1 112 ILE n 
1 113 VAL n 
1 114 LEU n 
1 115 ASP n 
1 116 ALA n 
1 117 GLU n 
1 118 ILE n 
1 119 GLY n 
1 120 GLY n 
1 121 VAL n 
1 122 ALA n 
1 123 LYS n 
1 124 GLY n 
1 125 LYS n 
1 126 ASP n 
1 127 GLY n 
1 128 LYS n 
1 129 GLU n 
1 130 LYS n 
1 131 ILE n 
1 132 GLY n 
1 133 PHE n 
1 134 SER n 
1 135 LEU n 
1 136 ASN n 
1 137 GLY n 
1 138 LYS n 
1 139 ILE n 
1 140 LYS n 
1 141 ARG n 
1 142 SER n 
1 143 ASP n 
1 144 PHE n 
1 145 LYS n 
1 146 PHE n 
1 147 ALA n 
1 148 THR n 
1 149 SER n 
1 150 THR n 
1 151 SER n 
1 152 THR n 
1 153 ILE n 
1 154 THR n 
1 155 LEU n 
1 156 SER n 
1 157 ASP n 
1 158 ASP n 
1 159 ILE n 
1 160 ASN n 
1 161 LEU n 
1 162 ASN n 
1 163 ILE n 
1 164 GLU n 
1 165 VAL n 
1 166 GLU n 
1 167 ALA n 
1 168 ASN n 
1 169 GLU n 
1 170 LYS n 
1 171 GLU n 
1 172 GLY n 
1 173 GLY n 
1 174 SER n 
1 175 HIS n 
1 176 HIS n 
1 177 HIS n 
1 178 HIS n 
1 179 HIS n 
1 180 HIS n 
# 
_entity_src_gen.entity_id                          1 
_entity_src_gen.pdbx_src_id                        1 
_entity_src_gen.pdbx_alt_source_flag               sample 
_entity_src_gen.pdbx_seq_type                      'Biological sequence' 
_entity_src_gen.pdbx_beg_seq_num                   1 
_entity_src_gen.pdbx_end_seq_num                   180 
_entity_src_gen.gene_src_common_name               ? 
_entity_src_gen.gene_src_genus                     ? 
_entity_src_gen.pdbx_gene_src_gene                 'A0L11_08945, A0M64_02260, A0M70_03345, AD53_02580' 
_entity_src_gen.gene_src_species                   ? 
_entity_src_gen.gene_src_strain                    ? 
_entity_src_gen.gene_src_tissue                    ? 
_entity_src_gen.gene_src_tissue_fraction           ? 
_entity_src_gen.gene_src_details                   ? 
_entity_src_gen.pdbx_gene_src_fragment             ? 
_entity_src_gen.pdbx_gene_src_scientific_name      'Campylobacter jejuni' 
_entity_src_gen.pdbx_gene_src_ncbi_taxonomy_id     197 
_entity_src_gen.pdbx_gene_src_variant              ? 
_entity_src_gen.pdbx_gene_src_cell_line            ? 
_entity_src_gen.pdbx_gene_src_atcc                 ? 
_entity_src_gen.pdbx_gene_src_organ                ? 
_entity_src_gen.pdbx_gene_src_organelle            ? 
_entity_src_gen.pdbx_gene_src_cell                 ? 
_entity_src_gen.pdbx_gene_src_cellular_location    ? 
_entity_src_gen.host_org_common_name               ? 
_entity_src_gen.pdbx_host_org_scientific_name      'Escherichia coli' 
_entity_src_gen.pdbx_host_org_ncbi_taxonomy_id     562 
_entity_src_gen.host_org_genus                     ? 
_entity_src_gen.pdbx_host_org_gene                 ? 
_entity_src_gen.pdbx_host_org_organ                ? 
_entity_src_gen.host_org_species                   ? 
_entity_src_gen.pdbx_host_org_tissue               ? 
_entity_src_gen.pdbx_host_org_tissue_fraction      ? 
_entity_src_gen.pdbx_host_org_strain               'C41(DE3)' 
_entity_src_gen.pdbx_host_org_variant              ? 
_entity_src_gen.pdbx_host_org_cell_line            ? 
_entity_src_gen.pdbx_host_org_atcc                 ? 
_entity_src_gen.pdbx_host_org_culture_collection   ? 
_entity_src_gen.pdbx_host_org_cell                 ? 
_entity_src_gen.pdbx_host_org_organelle            ? 
_entity_src_gen.pdbx_host_org_cellular_location    ? 
_entity_src_gen.pdbx_host_org_vector_type          plasmid 
_entity_src_gen.pdbx_host_org_vector               ? 
_entity_src_gen.host_org_details                   ? 
_entity_src_gen.expression_system_id               ? 
_entity_src_gen.plasmid_name                       pSB3 
_entity_src_gen.plasmid_details                    ? 
_entity_src_gen.pdbx_description                   ? 
# 
_struct_ref.id                         1 
_struct_ref.db_name                    UNP 
_struct_ref.db_code                    Q79JB5_CAMJU 
_struct_ref.pdbx_db_accession          Q79JB5 
_struct_ref.pdbx_db_isoform            ? 
_struct_ref.entity_id                  1 
_struct_ref.pdbx_seq_one_letter_code   
;KEYTLDKAHTDVGFKIKHLQISNVKGNFKDYSAVIDFDPASAEFKKLDVTIKIASVNTENQTRDNHLQQDDFFKAKKYPD
MTFTMKKYEKIDNEKGKMTGTLTIAGVSKDIVLDAEIGGVAKGKDGKEKIGFSLNGKIKRSDFKFATSTSTITLSDDINL
NIEVEANEK
;
_struct_ref.pdbx_align_begin           22 
# 
_struct_ref_seq.align_id                      1 
_struct_ref_seq.ref_id                        1 
_struct_ref_seq.pdbx_PDB_id_code              5W2D 
_struct_ref_seq.pdbx_strand_id                A 
_struct_ref_seq.seq_align_beg                 2 
_struct_ref_seq.pdbx_seq_align_beg_ins_code   ? 
_struct_ref_seq.seq_align_end                 170 
_struct_ref_seq.pdbx_seq_align_end_ins_code   ? 
_struct_ref_seq.pdbx_db_accession             Q79JB5 
_struct_ref_seq.db_align_beg                  22 
_struct_ref_seq.pdbx_db_align_beg_ins_code    ? 
_struct_ref_seq.db_align_end                  190 
_struct_ref_seq.pdbx_db_align_end_ins_code    ? 
_struct_ref_seq.pdbx_auth_seq_align_beg       22 
_struct_ref_seq.pdbx_auth_seq_align_end       190 
# 
loop_
_struct_ref_seq_dif.align_id 
_struct_ref_seq_dif.pdbx_pdb_id_code 
_struct_ref_seq_dif.mon_id 
_struct_ref_seq_dif.pdbx_pdb_strand_id 
_struct_ref_seq_dif.seq_num 
_struct_ref_seq_dif.pdbx_pdb_ins_code 
_struct_ref_seq_dif.pdbx_seq_db_name 
_struct_ref_seq_dif.pdbx_seq_db_accession_code 
_struct_ref_seq_dif.db_mon_id 
_struct_ref_seq_dif.pdbx_seq_db_seq_num 
_struct_ref_seq_dif.details 
_struct_ref_seq_dif.pdbx_auth_seq_num 
_struct_ref_seq_dif.pdbx_ordinal 
1 5W2D MET A 1   ? UNP Q79JB5 ?   ?  'expression tag'      21  1  
1 5W2D CYS A 14  ? UNP Q79JB5 GLY 34 'engineered mutation' 34  2  
1 5W2D GLU A 171 ? UNP Q79JB5 ?   ?  'expression tag'      191 3  
1 5W2D GLY A 172 ? UNP Q79JB5 ?   ?  'expression tag'      192 4  
1 5W2D GLY A 173 ? UNP Q79JB5 ?   ?  'expression tag'      193 5  
1 5W2D SER A 174 ? UNP Q79JB5 ?   ?  'expression tag'      194 6  
1 5W2D HIS A 175 ? UNP Q79JB5 ?   ?  'expression tag'      195 7  
1 5W2D HIS A 176 ? UNP Q79JB5 ?   ?  'expression tag'      196 8  
1 5W2D HIS A 177 ? UNP Q79JB5 ?   ?  'expression tag'      197 9  
1 5W2D HIS A 178 ? UNP Q79JB5 ?   ?  'expression tag'      198 10 
1 5W2D HIS A 179 ? UNP Q79JB5 ?   ?  'expression tag'      199 11 
1 5W2D HIS A 180 ? UNP Q79JB5 ?   ?  'expression tag'      200 12 
# 
loop_
_chem_comp.id 
_chem_comp.type 
_chem_comp.mon_nstd_flag 
_chem_comp.name 
_chem_comp.pdbx_synonyms 
_chem_comp.formula 
_chem_comp.formula_weight 
ALA 'L-peptide linking' y ALANINE          ? 'C3 H7 N O2'     89.093  
ARG 'L-peptide linking' y ARGININE         ? 'C6 H15 N4 O2 1' 175.209 
ASN 'L-peptide linking' y ASPARAGINE       ? 'C4 H8 N2 O3'    132.118 
ASP 'L-peptide linking' y 'ASPARTIC ACID'  ? 'C4 H7 N O4'     133.103 
CYS 'L-peptide linking' y CYSTEINE         ? 'C3 H7 N O2 S'   121.158 
GLN 'L-peptide linking' y GLUTAMINE        ? 'C5 H10 N2 O3'   146.144 
GLU 'L-peptide linking' y 'GLUTAMIC ACID'  ? 'C5 H9 N O4'     147.129 
GLY 'peptide linking'   y GLYCINE          ? 'C2 H5 N O2'     75.067  
HIS 'L-peptide linking' y HISTIDINE        ? 'C6 H10 N3 O2 1' 156.162 
HOH non-polymer         . WATER            ? 'H2 O'           18.015  
ILE 'L-peptide linking' y ISOLEUCINE       ? 'C6 H13 N O2'    131.173 
LEU 'L-peptide linking' y LEUCINE          ? 'C6 H13 N O2'    131.173 
LYS 'L-peptide linking' y LYSINE           ? 'C6 H15 N2 O2 1' 147.195 
MET 'L-peptide linking' y METHIONINE       ? 'C5 H11 N O2 S'  149.211 
PHE 'L-peptide linking' y PHENYLALANINE    ? 'C9 H11 N O2'    165.189 
PRO 'L-peptide linking' y PROLINE          ? 'C5 H9 N O2'     115.130 
SER 'L-peptide linking' y SERINE           ? 'C3 H7 N O3'     105.093 
SO4 non-polymer         . 'SULFATE ION'    ? 'O4 S -2'        96.063  
THR 'L-peptide linking' y THREONINE        ? 'C4 H9 N O3'     119.119 
TYR 'L-peptide linking' y TYROSINE         ? 'C9 H11 N O3'    181.189 
UNL non-polymer         . 'UNKNOWN LIGAND' ? ?                ?       
VAL 'L-peptide linking' y VALINE           ? 'C5 H11 N O2'    117.146 
# 
_exptl.absorpt_coefficient_mu     ? 
_exptl.absorpt_correction_T_max   ? 
_exptl.absorpt_correction_T_min   ? 
_exptl.absorpt_correction_type    ? 
_exptl.absorpt_process_details    ? 
_exptl.entry_id                   5W2D 
_exptl.crystals_number            1 
_exptl.details                    ? 
_exptl.method                     'X-RAY DIFFRACTION' 
_exptl.method_details             ? 
# 
_exptl_crystal.colour                      ? 
_exptl_crystal.density_diffrn              ? 
_exptl_crystal.density_Matthews            5.79 
_exptl_crystal.density_method              ? 
_exptl_crystal.density_percent_sol         78.74 
_exptl_crystal.description                 ? 
_exptl_crystal.F_000                       ? 
_exptl_crystal.id                          1 
_exptl_crystal.preparation                 ? 
_exptl_crystal.size_max                    ? 
_exptl_crystal.size_mid                    ? 
_exptl_crystal.size_min                    ? 
_exptl_crystal.size_rad                    ? 
_exptl_crystal.colour_lustre               ? 
_exptl_crystal.colour_modifier             ? 
_exptl_crystal.colour_primary              ? 
_exptl_crystal.density_meas                ? 
_exptl_crystal.density_meas_esd            ? 
_exptl_crystal.density_meas_gt             ? 
_exptl_crystal.density_meas_lt             ? 
_exptl_crystal.density_meas_temp           ? 
_exptl_crystal.density_meas_temp_esd       ? 
_exptl_crystal.density_meas_temp_gt        ? 
_exptl_crystal.density_meas_temp_lt        ? 
_exptl_crystal.pdbx_crystal_image_url      ? 
_exptl_crystal.pdbx_crystal_image_format   ? 
_exptl_crystal.pdbx_mosaicity              0.150 
_exptl_crystal.pdbx_mosaicity_esd          ? 
# 
_exptl_crystal_grow.apparatus       ? 
_exptl_crystal_grow.atmosphere      ? 
_exptl_crystal_grow.crystal_id      1 
_exptl_crystal_grow.details         ? 
_exptl_crystal_grow.method          'VAPOR DIFFUSION, SITTING DROP' 
_exptl_crystal_grow.method_ref      ? 
_exptl_crystal_grow.pH              6.0 
_exptl_crystal_grow.pressure        ? 
_exptl_crystal_grow.pressure_esd    ? 
_exptl_crystal_grow.seeding         ? 
_exptl_crystal_grow.seeding_ref     ? 
_exptl_crystal_grow.temp            293 
_exptl_crystal_grow.temp_details    ? 
_exptl_crystal_grow.temp_esd        ? 
_exptl_crystal_grow.time            ? 
_exptl_crystal_grow.pdbx_details    '3.2 M Ammonium Sulfate, 0.1 M Bis-Tris' 
_exptl_crystal_grow.pdbx_pH_range   ? 
# 
_diffrn.ambient_environment    ? 
_diffrn.ambient_temp           100 
_diffrn.ambient_temp_details   ? 
_diffrn.ambient_temp_esd       ? 
_diffrn.crystal_id             1 
_diffrn.crystal_support        ? 
_diffrn.crystal_treatment      ? 
_diffrn.details                ? 
_diffrn.id                     1 
_diffrn.ambient_pressure       ? 
_diffrn.ambient_pressure_esd   ? 
_diffrn.ambient_pressure_gt    ? 
_diffrn.ambient_pressure_lt    ? 
_diffrn.ambient_temp_gt        ? 
_diffrn.ambient_temp_lt        ? 
# 
_diffrn_detector.details                      ? 
_diffrn_detector.detector                     CMOS 
_diffrn_detector.diffrn_id                    1 
_diffrn_detector.type                         'RDI CMOS_8M' 
_diffrn_detector.area_resol_mean              ? 
_diffrn_detector.dtime                        ? 
_diffrn_detector.pdbx_frames_total            ? 
_diffrn_detector.pdbx_collection_time_total   ? 
_diffrn_detector.pdbx_collection_date         2016-12-02 
# 
_diffrn_radiation.collimation                      ? 
_diffrn_radiation.diffrn_id                        1 
_diffrn_radiation.filter_edge                      ? 
_diffrn_radiation.inhomogeneity                    ? 
_diffrn_radiation.monochromator                    'Si (111) double crystal' 
_diffrn_radiation.polarisn_norm                    ? 
_diffrn_radiation.polarisn_ratio                   ? 
_diffrn_radiation.probe                            ? 
_diffrn_radiation.type                             ? 
_diffrn_radiation.xray_symbol                      ? 
_diffrn_radiation.wavelength_id                    1 
_diffrn_radiation.pdbx_monochromatic_or_laue_m_l   M 
_diffrn_radiation.pdbx_wavelength_list             ? 
_diffrn_radiation.pdbx_wavelength                  ? 
_diffrn_radiation.pdbx_diffrn_protocol             'SINGLE WAVELENGTH' 
_diffrn_radiation.pdbx_analyzer                    ? 
_diffrn_radiation.pdbx_scattering_type             x-ray 
# 
_diffrn_radiation_wavelength.id           1 
_diffrn_radiation_wavelength.wavelength   1.0 
_diffrn_radiation_wavelength.wt           1.0 
# 
_diffrn_source.current                     ? 
_diffrn_source.details                     ? 
_diffrn_source.diffrn_id                   1 
_diffrn_source.power                       ? 
_diffrn_source.size                        ? 
_diffrn_source.source                      SYNCHROTRON 
_diffrn_source.target                      ? 
_diffrn_source.type                        'ALS BEAMLINE 4.2.2' 
_diffrn_source.voltage                     ? 
_diffrn_source.take-off_angle              ? 
_diffrn_source.pdbx_wavelength_list        1.0 
_diffrn_source.pdbx_wavelength             ? 
_diffrn_source.pdbx_synchrotron_beamline   4.2.2 
_diffrn_source.pdbx_synchrotron_site       ALS 
# 
_reflns.B_iso_Wilson_estimate            ? 
_reflns.entry_id                         5W2D 
_reflns.data_reduction_details           ? 
_reflns.data_reduction_method            ? 
_reflns.d_resolution_high                2.700 
_reflns.d_resolution_low                 38.730 
_reflns.details                          ? 
_reflns.limit_h_max                      ? 
_reflns.limit_h_min                      ? 
_reflns.limit_k_max                      ? 
_reflns.limit_k_min                      ? 
_reflns.limit_l_max                      ? 
_reflns.limit_l_min                      ? 
_reflns.number_all                       13638 
_reflns.number_obs                       13638 
_reflns.observed_criterion               ? 
_reflns.observed_criterion_F_max         ? 
_reflns.observed_criterion_F_min         ? 
_reflns.observed_criterion_I_max         ? 
_reflns.observed_criterion_I_min         ? 
_reflns.observed_criterion_sigma_F       ? 
_reflns.observed_criterion_sigma_I       ? 
_reflns.percent_possible_obs             99.900 
_reflns.R_free_details                   ? 
_reflns.Rmerge_F_all                     ? 
_reflns.Rmerge_F_obs                     ? 
_reflns.Friedel_coverage                 ? 
_reflns.number_gt                        ? 
_reflns.threshold_expression             ? 
_reflns.pdbx_redundancy                  20.600 
_reflns.pdbx_Rmerge_I_obs                ? 
_reflns.pdbx_Rmerge_I_all                ? 
_reflns.pdbx_Rsym_value                  0.208 
_reflns.pdbx_netI_over_av_sigmaI         3.400 
_reflns.pdbx_netI_over_sigmaI            13.200 
_reflns.pdbx_res_netI_over_av_sigmaI_2   ? 
_reflns.pdbx_res_netI_over_sigmaI_2      ? 
_reflns.pdbx_chi_squared                 ? 
_reflns.pdbx_scaling_rejects             ? 
_reflns.pdbx_d_res_high_opt              ? 
_reflns.pdbx_d_res_low_opt               ? 
_reflns.pdbx_d_res_opt_method            ? 
_reflns.phase_calculation_details        ? 
_reflns.pdbx_Rrim_I_all                  0.214 
_reflns.pdbx_Rpim_I_all                  0.047 
_reflns.pdbx_d_opt                       ? 
_reflns.pdbx_number_measured_all         280434 
_reflns.pdbx_diffrn_id                   1 
_reflns.pdbx_ordinal                     1 
_reflns.pdbx_CC_half                     ? 
_reflns.pdbx_R_split                     ? 
# 
loop_
_reflns_shell.d_res_high 
_reflns_shell.d_res_low 
_reflns_shell.meanI_over_sigI_all 
_reflns_shell.meanI_over_sigI_obs 
_reflns_shell.number_measured_all 
_reflns_shell.number_measured_obs 
_reflns_shell.number_possible 
_reflns_shell.number_unique_all 
_reflns_shell.number_unique_obs 
_reflns_shell.percent_possible_all 
_reflns_shell.percent_possible_obs 
_reflns_shell.Rmerge_F_all 
_reflns_shell.Rmerge_F_obs 
_reflns_shell.Rmerge_I_all 
_reflns_shell.Rmerge_I_obs 
_reflns_shell.meanI_over_sigI_gt 
_reflns_shell.meanI_over_uI_all 
_reflns_shell.meanI_over_uI_gt 
_reflns_shell.number_measured_gt 
_reflns_shell.number_unique_gt 
_reflns_shell.percent_possible_gt 
_reflns_shell.Rmerge_F_gt 
_reflns_shell.Rmerge_I_gt 
_reflns_shell.pdbx_redundancy 
_reflns_shell.pdbx_Rsym_value 
_reflns_shell.pdbx_chi_squared 
_reflns_shell.pdbx_netI_over_sigmaI_all 
_reflns_shell.pdbx_netI_over_sigmaI_obs 
_reflns_shell.pdbx_Rrim_I_all 
_reflns_shell.pdbx_Rpim_I_all 
_reflns_shell.pdbx_rejects 
_reflns_shell.pdbx_ordinal 
_reflns_shell.pdbx_diffrn_id 
_reflns_shell.pdbx_CC_half 
_reflns_shell.pdbx_R_split 
2.700 2.850  ? 0.200  ? ? ? ? ? 100.000 ? ? ? ? 3.133 ? ? ? ? ? ? ? ? 21.200 3.133 ? ? ? 3.210 0.694 ? 1  1 ? ? 
2.850 3.020  ? 0.400  ? ? ? ? ? 99.900  ? ? ? ? 2.076 ? ? ? ? ? ? ? ? 20.700 2.076 ? ? ? 2.128 0.465 ? 2  1 ? ? 
3.020 3.230  ? 0.700  ? ? ? ? ? 99.900  ? ? ? ? 1.039 ? ? ? ? ? ? ? ? 19.600 1.039 ? ? ? 1.067 0.240 ? 3  1 ? ? 
3.230 3.490  ? 1.400  ? ? ? ? ? 100.000 ? ? ? ? 0.522 ? ? ? ? ? ? ? ? 20.100 0.522 ? ? ? 0.535 0.119 ? 4  1 ? ? 
3.490 3.820  ? 2.500  ? ? ? ? ? 100.000 ? ? ? ? 0.299 ? ? ? ? ? ? ? ? 21.300 0.299 ? ? ? 0.306 0.066 ? 5  1 ? ? 
3.820 4.270  ? 4.200  ? ? ? ? ? 99.800  ? ? ? ? 0.182 ? ? ? ? ? ? ? ? 21.400 0.182 ? ? ? 0.187 0.040 ? 6  1 ? ? 
4.270 4.930  ? 6.600  ? ? ? ? ? 100.000 ? ? ? ? 0.111 ? ? ? ? ? ? ? ? 21.000 0.111 ? ? ? 0.114 0.025 ? 7  1 ? ? 
4.930 6.040  ? 7.400  ? ? ? ? ? 100.000 ? ? ? ? 0.098 ? ? ? ? ? ? ? ? 20.700 0.098 ? ? ? 0.100 0.022 ? 8  1 ? ? 
6.040 8.540  ? 9.900  ? ? ? ? ? 99.900  ? ? ? ? 0.068 ? ? ? ? ? ? ? ? 20.100 0.068 ? ? ? 0.070 0.015 ? 9  1 ? ? 
8.540 38.730 ? 13.000 ? ? ? ? ? 99.000  ? ? ? ? 0.040 ? ? ? ? ? ? ? ? 17.600 0.040 ? ? ? 0.041 0.009 ? 10 1 ? ? 
# 
_refine.aniso_B[1][1]                            4.1500 
_refine.aniso_B[1][2]                            2.0800 
_refine.aniso_B[1][3]                            -0.0000 
_refine.aniso_B[2][2]                            4.1500 
_refine.aniso_B[2][3]                            -0.0000 
_refine.aniso_B[3][3]                            -13.4800 
_refine.B_iso_max                                189.110 
_refine.B_iso_mean                               92.2190 
_refine.B_iso_min                                50.510 
_refine.correlation_coeff_Fo_to_Fc               0.9510 
_refine.correlation_coeff_Fo_to_Fc_free          0.9350 
_refine.details                                  'U VALUES      : REFINED INDIVIDUALLY' 
_refine.diff_density_max                         ? 
_refine.diff_density_max_esd                     ? 
_refine.diff_density_min                         ? 
_refine.diff_density_min_esd                     ? 
_refine.diff_density_rms                         ? 
_refine.diff_density_rms_esd                     ? 
_refine.entry_id                                 5W2D 
_refine.pdbx_refine_id                           'X-RAY DIFFRACTION' 
_refine.ls_abs_structure_details                 ? 
_refine.ls_abs_structure_Flack                   ? 
_refine.ls_abs_structure_Flack_esd               ? 
_refine.ls_abs_structure_Rogers                  ? 
_refine.ls_abs_structure_Rogers_esd              ? 
_refine.ls_d_res_high                            2.7000 
_refine.ls_d_res_low                             38.730 
_refine.ls_extinction_coef                       ? 
_refine.ls_extinction_coef_esd                   ? 
_refine.ls_extinction_expression                 ? 
_refine.ls_extinction_method                     ? 
_refine.ls_goodness_of_fit_all                   ? 
_refine.ls_goodness_of_fit_all_esd               ? 
_refine.ls_goodness_of_fit_obs                   ? 
_refine.ls_goodness_of_fit_obs_esd               ? 
_refine.ls_hydrogen_treatment                    ? 
_refine.ls_matrix_type                           ? 
_refine.ls_number_constraints                    ? 
_refine.ls_number_parameters                     ? 
_refine.ls_number_reflns_all                     ? 
_refine.ls_number_reflns_obs                     12896 
_refine.ls_number_reflns_R_free                  682 
_refine.ls_number_reflns_R_work                  ? 
_refine.ls_number_restraints                     ? 
_refine.ls_percent_reflns_obs                    99.4300 
_refine.ls_percent_reflns_R_free                 5.0000 
_refine.ls_R_factor_all                          ? 
_refine.ls_R_factor_obs                          0.2320 
_refine.ls_R_factor_R_free                       0.2713 
_refine.ls_R_factor_R_free_error                 ? 
_refine.ls_R_factor_R_free_error_details         ? 
_refine.ls_R_factor_R_work                       0.2299 
_refine.ls_R_Fsqd_factor_obs                     ? 
_refine.ls_R_I_factor_obs                        ? 
_refine.ls_redundancy_reflns_all                 ? 
_refine.ls_redundancy_reflns_obs                 ? 
_refine.ls_restrained_S_all                      ? 
_refine.ls_restrained_S_obs                      ? 
_refine.ls_shift_over_esd_max                    ? 
_refine.ls_shift_over_esd_mean                   ? 
_refine.ls_structure_factor_coef                 ? 
_refine.ls_weighting_details                     ? 
_refine.ls_weighting_scheme                      ? 
_refine.ls_wR_factor_all                         ? 
_refine.ls_wR_factor_obs                         ? 
_refine.ls_wR_factor_R_free                      ? 
_refine.ls_wR_factor_R_work                      ? 
_refine.occupancy_max                            ? 
_refine.occupancy_min                            ? 
_refine.solvent_model_details                    ? 
_refine.solvent_model_param_bsol                 ? 
_refine.solvent_model_param_ksol                 ? 
_refine.ls_R_factor_gt                           ? 
_refine.ls_goodness_of_fit_gt                    ? 
_refine.ls_goodness_of_fit_ref                   ? 
_refine.ls_shift_over_su_max                     ? 
_refine.ls_shift_over_su_max_lt                  ? 
_refine.ls_shift_over_su_mean                    ? 
_refine.ls_shift_over_su_mean_lt                 ? 
_refine.pdbx_ls_sigma_I                          ? 
_refine.pdbx_ls_sigma_F                          0.000 
_refine.pdbx_ls_sigma_Fsqd                       ? 
_refine.pdbx_data_cutoff_high_absF               ? 
_refine.pdbx_data_cutoff_high_rms_absF           ? 
_refine.pdbx_data_cutoff_low_absF                ? 
_refine.pdbx_isotropic_thermal_model             ? 
_refine.pdbx_ls_cross_valid_method               THROUGHOUT 
_refine.pdbx_method_to_determine_struct          'MOLECULAR REPLACEMENT' 
_refine.pdbx_starting_model                      5W17 
_refine.pdbx_stereochemistry_target_values       ? 
_refine.pdbx_R_Free_selection_details            RANDOM 
_refine.pdbx_stereochem_target_val_spec_case     ? 
_refine.pdbx_overall_ESU_R                       0.2720 
_refine.pdbx_overall_ESU_R_Free                  0.2430 
_refine.pdbx_solvent_vdw_probe_radii             1.2000 
_refine.pdbx_solvent_ion_probe_radii             0.8000 
_refine.pdbx_solvent_shrinkage_radii             0.8000 
_refine.pdbx_real_space_R                        ? 
_refine.pdbx_density_correlation                 ? 
_refine.pdbx_pd_number_of_powder_patterns        ? 
_refine.pdbx_pd_number_of_points                 ? 
_refine.pdbx_pd_meas_number_of_points            ? 
_refine.pdbx_pd_proc_ls_prof_R_factor            ? 
_refine.pdbx_pd_proc_ls_prof_wR_factor           ? 
_refine.pdbx_pd_Marquardt_correlation_coeff      ? 
_refine.pdbx_pd_Fsqrd_R_factor                   ? 
_refine.pdbx_pd_ls_matrix_band_width             ? 
_refine.pdbx_overall_phase_error                 ? 
_refine.pdbx_overall_SU_R_free_Cruickshank_DPI   ? 
_refine.pdbx_overall_SU_R_free_Blow_DPI          ? 
_refine.pdbx_overall_SU_R_Blow_DPI               ? 
_refine.pdbx_TLS_residual_ADP_flag               ? 
_refine.pdbx_diffrn_id                           1 
_refine.overall_SU_B                             14.7390 
_refine.overall_SU_ML                            0.2530 
_refine.overall_SU_R_Cruickshank_DPI             ? 
_refine.overall_SU_R_free                        ? 
_refine.overall_FOM_free_R_set                   ? 
_refine.overall_FOM_work_R_set                   ? 
_refine.pdbx_average_fsc_overall                 ? 
_refine.pdbx_average_fsc_work                    ? 
_refine.pdbx_average_fsc_free                    ? 
# 
_refine_hist.cycle_id                         final 
_refine_hist.pdbx_refine_id                   'X-RAY DIFFRACTION' 
_refine_hist.d_res_high                       2.7000 
_refine_hist.d_res_low                        38.730 
_refine_hist.pdbx_number_atoms_ligand         27 
_refine_hist.number_atoms_solvent             18 
_refine_hist.number_atoms_total               1368 
_refine_hist.pdbx_number_residues_total       171 
_refine_hist.pdbx_B_iso_mean_ligand           95.00 
_refine_hist.pdbx_B_iso_mean_solvent          79.65 
_refine_hist.pdbx_number_atoms_protein        1323 
_refine_hist.pdbx_number_atoms_nucleic_acid   0 
# 
loop_
_refine_ls_restr.pdbx_refine_id 
_refine_ls_restr.criterion 
_refine_ls_restr.dev_ideal 
_refine_ls_restr.dev_ideal_target 
_refine_ls_restr.number 
_refine_ls_restr.rejects 
_refine_ls_restr.type 
_refine_ls_restr.weight 
_refine_ls_restr.pdbx_restraint_function 
'X-RAY DIFFRACTION' ? 0.013  0.019  1365 ? r_bond_refined_d       ? ? 
'X-RAY DIFFRACTION' ? 1.826  1.970  1828 ? r_angle_refined_deg    ? ? 
'X-RAY DIFFRACTION' ? 7.840  5.000  170  ? r_dihedral_angle_1_deg ? ? 
'X-RAY DIFFRACTION' ? 39.178 26.441 59   ? r_dihedral_angle_2_deg ? ? 
'X-RAY DIFFRACTION' ? 21.009 15.000 256  ? r_dihedral_angle_3_deg ? ? 
'X-RAY DIFFRACTION' ? 21.224 15.000 2    ? r_dihedral_angle_4_deg ? ? 
'X-RAY DIFFRACTION' ? 0.120  0.200  209  ? r_chiral_restr         ? ? 
'X-RAY DIFFRACTION' ? 0.006  0.020  978  ? r_gen_planes_refined   ? ? 
# 
_refine_ls_shell.pdbx_refine_id                   'X-RAY DIFFRACTION' 
_refine_ls_shell.d_res_high                       2.7000 
_refine_ls_shell.d_res_low                        2.7700 
_refine_ls_shell.number_reflns_all                968 
_refine_ls_shell.number_reflns_obs                ? 
_refine_ls_shell.number_reflns_R_free             49 
_refine_ls_shell.number_reflns_R_work             919 
_refine_ls_shell.percent_reflns_obs               100.0000 
_refine_ls_shell.percent_reflns_R_free            ? 
_refine_ls_shell.R_factor_all                     ? 
_refine_ls_shell.R_factor_obs                     ? 
_refine_ls_shell.R_factor_R_free                  0.4460 
_refine_ls_shell.R_factor_R_free_error            0.0000 
_refine_ls_shell.R_factor_R_work                  0.4550 
_refine_ls_shell.redundancy_reflns_all            ? 
_refine_ls_shell.redundancy_reflns_obs            ? 
_refine_ls_shell.wR_factor_all                    ? 
_refine_ls_shell.wR_factor_obs                    ? 
_refine_ls_shell.wR_factor_R_free                 ? 
_refine_ls_shell.wR_factor_R_work                 ? 
_refine_ls_shell.pdbx_total_number_of_bins_used   20 
_refine_ls_shell.pdbx_phase_error                 ? 
_refine_ls_shell.pdbx_fsc_work                    ? 
_refine_ls_shell.pdbx_fsc_free                    ? 
# 
_struct.entry_id                     5W2D 
_struct.title                        'Crystal structure of mutant CJ YCEI protein (CJ-G34C) for nanotechnology applications' 
_struct.pdbx_model_details           ? 
_struct.pdbx_formula_weight          ? 
_struct.pdbx_formula_weight_method   ? 
_struct.pdbx_model_type_details      ? 
_struct.pdbx_CASP_flag               N 
# 
_struct_keywords.entry_id        5W2D 
_struct_keywords.text            'nanomaterial nanoporous, UNKNOWN FUNCTION' 
_struct_keywords.pdbx_keywords   'UNKNOWN FUNCTION' 
# 
loop_
_struct_asym.id 
_struct_asym.pdbx_blank_PDB_chainid_flag 
_struct_asym.pdbx_modified 
_struct_asym.entity_id 
_struct_asym.details 
A N N 1 ? 
B N N 2 ? 
C N N 3 ? 
D N N 3 ? 
E N N 4 ? 
# 
loop_
_struct_conf.conf_type_id 
_struct_conf.id 
_struct_conf.pdbx_PDB_helix_id 
_struct_conf.beg_label_comp_id 
_struct_conf.beg_label_asym_id 
_struct_conf.beg_label_seq_id 
_struct_conf.pdbx_beg_PDB_ins_code 
_struct_conf.end_label_comp_id 
_struct_conf.end_label_asym_id 
_struct_conf.end_label_seq_id 
_struct_conf.pdbx_end_PDB_ins_code 
_struct_conf.beg_auth_comp_id 
_struct_conf.beg_auth_asym_id 
_struct_conf.beg_auth_seq_id 
_struct_conf.end_auth_comp_id 
_struct_conf.end_auth_asym_id 
_struct_conf.end_auth_seq_id 
_struct_conf.pdbx_PDB_helix_class 
_struct_conf.details 
_struct_conf.pdbx_PDB_helix_length 
HELX_P HELX_P1 AA1 ASP A 7   ? THR A 11  ? ASP A 27  THR A 31  5 ? 5  
HELX_P HELX_P2 AA2 ASN A 61  ? GLN A 70  ? ASN A 81  GLN A 90  1 ? 10 
HELX_P HELX_P3 AA3 SER A 142 ? LYS A 145 ? SER A 162 LYS A 165 5 ? 4  
# 
_struct_conf_type.id          HELX_P 
_struct_conf_type.criteria    ? 
_struct_conf_type.reference   ? 
# 
loop_
_struct_sheet.id 
_struct_sheet.type 
_struct_sheet.number_strands 
_struct_sheet.details 
AA1 ? 2 ? 
AA2 ? 7 ? 
# 
loop_
_struct_sheet_order.sheet_id 
_struct_sheet_order.range_id_1 
_struct_sheet_order.range_id_2 
_struct_sheet_order.offset 
_struct_sheet_order.sense 
AA1 1 2 ? anti-parallel 
AA2 1 2 ? anti-parallel 
AA2 2 3 ? anti-parallel 
AA2 3 4 ? anti-parallel 
AA2 4 5 ? anti-parallel 
AA2 5 6 ? anti-parallel 
AA2 6 7 ? anti-parallel 
# 
loop_
_struct_sheet_range.sheet_id 
_struct_sheet_range.id 
_struct_sheet_range.beg_label_comp_id 
_struct_sheet_range.beg_label_asym_id 
_struct_sheet_range.beg_label_seq_id 
_struct_sheet_range.pdbx_beg_PDB_ins_code 
_struct_sheet_range.end_label_comp_id 
_struct_sheet_range.end_label_asym_id 
_struct_sheet_range.end_label_seq_id 
_struct_sheet_range.pdbx_end_PDB_ins_code 
_struct_sheet_range.beg_auth_comp_id 
_struct_sheet_range.beg_auth_asym_id 
_struct_sheet_range.beg_auth_seq_id 
_struct_sheet_range.end_auth_comp_id 
_struct_sheet_range.end_auth_asym_id 
_struct_sheet_range.end_auth_seq_id 
AA1 1 ASN A 28  ? PHE A 29  ? ASN A 48  PHE A 49  
AA1 2 VAL A 57  ? ASN A 58  ? VAL A 77  ASN A 78  
AA2 1 TYR A 32  ? PHE A 38  ? TYR A 52  PHE A 58  
AA2 2 PHE A 45  ? LYS A 53  ? PHE A 65  LYS A 73  
AA2 3 ASP A 81  ? LYS A 91  ? ASP A 101 LYS A 111 
AA2 4 LYS A 96  ? ILE A 105 ? LYS A 116 ILE A 125 
AA2 5 VAL A 108 ? GLU A 117 ? VAL A 128 GLU A 137 
AA2 6 LYS A 130 ? LYS A 140 ? LYS A 150 LYS A 160 
AA2 7 ASP A 158 ? ASN A 168 ? ASP A 178 ASN A 188 
# 
loop_
_pdbx_struct_sheet_hbond.sheet_id 
_pdbx_struct_sheet_hbond.range_id_1 
_pdbx_struct_sheet_hbond.range_id_2 
_pdbx_struct_sheet_hbond.range_1_label_atom_id 
_pdbx_struct_sheet_hbond.range_1_label_comp_id 
_pdbx_struct_sheet_hbond.range_1_label_asym_id 
_pdbx_struct_sheet_hbond.range_1_label_seq_id 
_pdbx_struct_sheet_hbond.range_1_PDB_ins_code 
_pdbx_struct_sheet_hbond.range_1_auth_atom_id 
_pdbx_struct_sheet_hbond.range_1_auth_comp_id 
_pdbx_struct_sheet_hbond.range_1_auth_asym_id 
_pdbx_struct_sheet_hbond.range_1_auth_seq_id 
_pdbx_struct_sheet_hbond.range_2_label_atom_id 
_pdbx_struct_sheet_hbond.range_2_label_comp_id 
_pdbx_struct_sheet_hbond.range_2_label_asym_id 
_pdbx_struct_sheet_hbond.range_2_label_seq_id 
_pdbx_struct_sheet_hbond.range_2_PDB_ins_code 
_pdbx_struct_sheet_hbond.range_2_auth_atom_id 
_pdbx_struct_sheet_hbond.range_2_auth_comp_id 
_pdbx_struct_sheet_hbond.range_2_auth_asym_id 
_pdbx_struct_sheet_hbond.range_2_auth_seq_id 
AA1 1 2 N ASN A 28  ? N ASN A 48  O ASN A 58  ? O ASN A 78  
AA2 1 2 N ASP A 37  ? N ASP A 57  O LYS A 46  ? O LYS A 66  
AA2 2 3 N VAL A 50  ? N VAL A 70  O PHE A 84  ? O PHE A 104 
AA2 3 4 N GLU A 90  ? N GLU A 110 O LYS A 98  ? O LYS A 118 
AA2 4 5 N LEU A 103 ? N LEU A 123 O LYS A 110 ? O LYS A 130 
AA2 5 6 N ASP A 115 ? N ASP A 135 O ASN A 136 ? O ASN A 156 
AA2 6 7 N GLY A 137 ? N GLY A 157 O LEU A 161 ? O LEU A 181 
# 
loop_
_struct_site.id 
_struct_site.pdbx_evidence_code 
_struct_site.pdbx_auth_asym_id 
_struct_site.pdbx_auth_comp_id 
_struct_site.pdbx_auth_seq_id 
_struct_site.pdbx_auth_ins_code 
_struct_site.pdbx_num_residues 
_struct_site.details 
AC1 Software A SO4 302 ? 2 'binding site for residue SO4 A 302' 
AC2 Software A SO4 303 ? 6 'binding site for residue SO4 A 303' 
# 
loop_
_struct_site_gen.id 
_struct_site_gen.site_id 
_struct_site_gen.pdbx_num_res 
_struct_site_gen.label_comp_id 
_struct_site_gen.label_asym_id 
_struct_site_gen.label_seq_id 
_struct_site_gen.pdbx_auth_ins_code 
_struct_site_gen.auth_comp_id 
_struct_site_gen.auth_asym_id 
_struct_site_gen.auth_seq_id 
_struct_site_gen.label_atom_id 
_struct_site_gen.label_alt_id 
_struct_site_gen.symmetry 
_struct_site_gen.details 
1 AC1 2 LYS A 110 ? LYS A 130 . ? 1_555 ? 
2 AC1 2 ASP A 111 ? ASP A 131 . ? 1_555 ? 
3 AC2 6 SER A 149 ? SER A 169 . ? 4_545 ? 
4 AC2 6 THR A 150 ? THR A 170 . ? 1_555 ? 
5 AC2 6 SER A 151 ? SER A 171 . ? 4_545 ? 
6 AC2 6 SER A 151 ? SER A 171 . ? 1_555 ? 
7 AC2 6 THR A 154 ? THR A 174 . ? 4_545 ? 
8 AC2 6 THR A 154 ? THR A 174 . ? 1_555 ? 
# 
_atom_sites.entry_id                    5W2D 
_atom_sites.fract_transf_matrix[1][1]   0.00312055 
_atom_sites.fract_transf_matrix[1][2]   -0.00549327 
_atom_sites.fract_transf_matrix[1][3]   0.00132204 
_atom_sites.fract_transf_matrix[2][1]   0.00588942 
_atom_sites.fract_transf_matrix[2][2]   0.00018792 
_atom_sites.fract_transf_matrix[2][3]   0.00263560 
_atom_sites.fract_transf_matrix[3][1]   -0.00804575 
_atom_sites.fract_transf_matrix[3][2]   -0.00023957 
_atom_sites.fract_transf_matrix[3][3]   0.01799584 
_atom_sites.fract_transf_vector[1]      -0.119001 
_atom_sites.fract_transf_vector[2]      -0.500990 
_atom_sites.fract_transf_vector[3]      0.321338 
# 
loop_
_atom_type.symbol 
C 
N 
O 
S 
# 
loop_
_atom_site.group_PDB 
_atom_site.id 
_atom_site.type_symbol 
_atom_site.label_atom_id 
_atom_site.label_alt_id 
_atom_site.label_comp_id 
_atom_site.label_asym_id 
_atom_site.label_entity_id 
_atom_site.label_seq_id 
_atom_site.pdbx_PDB_ins_code 
_atom_site.Cartn_x 
_atom_site.Cartn_y 
_atom_site.Cartn_z 
_atom_site.occupancy 
_atom_site.B_iso_or_equiv 
_atom_site.pdbx_formal_charge 
_atom_site.auth_seq_id 
_atom_site.auth_comp_id 
_atom_site.auth_asym_id 
_atom_site.auth_atom_id 
_atom_site.pdbx_PDB_model_num 
ATOM   1    N N   . MET A 1 1   ? 23.662  -55.755 35.134  1.00 109.95 ? 21  MET A N   1 
ATOM   2    C CA  . MET A 1 1   ? 23.647  -54.384 34.538  1.00 104.79 ? 21  MET A CA  1 
ATOM   3    C C   . MET A 1 1   ? 24.535  -53.339 35.276  1.00 90.72  ? 21  MET A C   1 
ATOM   4    O O   . MET A 1 1   ? 25.601  -53.670 35.753  1.00 92.54  ? 21  MET A O   1 
ATOM   5    C CB  . MET A 1 1   ? 22.198  -53.908 34.264  1.00 115.33 ? 21  MET A CB  1 
ATOM   6    C CG  . MET A 1 1   ? 21.198  -54.010 35.406  1.00 131.27 ? 21  MET A CG  1 
ATOM   7    S SD  . MET A 1 1   ? 21.518  -52.868 36.780  1.00 159.13 ? 21  MET A SD  1 
ATOM   8    C CE  . MET A 1 1   ? 21.853  -54.044 38.117  1.00 154.28 ? 21  MET A CE  1 
ATOM   9    N N   . LYS A 1 2   ? 24.107  -52.083 35.321  1.00 84.68  ? 22  LYS A N   1 
ATOM   10   C CA  . LYS A 1 2   ? 24.867  -50.989 35.914  1.00 91.33  ? 22  LYS A CA  1 
ATOM   11   C C   . LYS A 1 2   ? 23.957  -49.785 36.047  1.00 103.17 ? 22  LYS A C   1 
ATOM   12   O O   . LYS A 1 2   ? 22.990  -49.639 35.286  1.00 116.83 ? 22  LYS A O   1 
ATOM   13   C CB  . LYS A 1 2   ? 26.114  -50.631 35.094  1.00 87.11  ? 22  LYS A CB  1 
ATOM   14   C CG  . LYS A 1 2   ? 27.372  -51.112 35.768  1.00 104.53 ? 22  LYS A CG  1 
ATOM   15   C CD  . LYS A 1 2   ? 28.635  -51.042 34.935  1.00 112.40 ? 22  LYS A CD  1 
ATOM   16   C CE  . LYS A 1 2   ? 29.714  -51.847 35.663  1.00 122.40 ? 22  LYS A CE  1 
ATOM   17   N NZ  . LYS A 1 2   ? 31.070  -51.198 35.580  1.00 137.32 ? 22  LYS A NZ  1 
ATOM   18   N N   . GLU A 1 3   ? 24.272  -48.931 37.020  1.00 104.50 ? 23  GLU A N   1 
ATOM   19   C CA  . GLU A 1 3   ? 23.452  -47.763 37.333  1.00 99.63  ? 23  GLU A CA  1 
ATOM   20   C C   . GLU A 1 3   ? 24.189  -46.465 37.065  1.00 96.22  ? 23  GLU A C   1 
ATOM   21   O O   . GLU A 1 3   ? 25.404  -46.349 37.292  1.00 92.05  ? 23  GLU A O   1 
ATOM   22   C CB  . GLU A 1 3   ? 22.980  -47.794 38.776  1.00 102.38 ? 23  GLU A CB  1 
ATOM   23   C CG  . GLU A 1 3   ? 21.924  -48.841 39.067  1.00 117.00 ? 23  GLU A CG  1 
ATOM   24   C CD  . GLU A 1 3   ? 21.777  -49.087 40.553  1.00 128.66 ? 23  GLU A CD  1 
ATOM   25   O OE1 . GLU A 1 3   ? 21.691  -50.268 40.956  1.00 129.83 ? 23  GLU A OE1 1 
ATOM   26   O OE2 . GLU A 1 3   ? 21.769  -48.096 41.316  1.00 131.53 ? 23  GLU A OE2 1 
ATOM   27   N N   . TYR A 1 4   ? 23.441  -45.492 36.556  1.00 90.72  ? 24  TYR A N   1 
ATOM   28   C CA  . TYR A 1 4   ? 24.028  -44.219 36.173  1.00 92.45  ? 24  TYR A CA  1 
ATOM   29   C C   . TYR A 1 4   ? 23.204  -43.094 36.772  1.00 88.49  ? 24  TYR A C   1 
ATOM   30   O O   . TYR A 1 4   ? 22.023  -43.272 37.097  1.00 84.91  ? 24  TYR A O   1 
ATOM   31   C CB  . TYR A 1 4   ? 24.143  -44.104 34.641  1.00 91.82  ? 24  TYR A CB  1 
ATOM   32   C CG  . TYR A 1 4   ? 24.968  -45.215 34.000  1.00 90.57  ? 24  TYR A CG  1 
ATOM   33   C CD1 . TYR A 1 4   ? 24.457  -46.549 33.881  1.00 84.85  ? 24  TYR A CD1 1 
ATOM   34   C CD2 . TYR A 1 4   ? 26.247  -44.943 33.490  1.00 86.10  ? 24  TYR A CD2 1 
ATOM   35   C CE1 . TYR A 1 4   ? 25.215  -47.564 33.305  1.00 85.98  ? 24  TYR A CE1 1 
ATOM   36   C CE2 . TYR A 1 4   ? 27.010  -45.954 32.900  1.00 96.62  ? 24  TYR A CE2 1 
ATOM   37   C CZ  . TYR A 1 4   ? 26.497  -47.257 32.811  1.00 97.09  ? 24  TYR A CZ  1 
ATOM   38   O OH  . TYR A 1 4   ? 27.273  -48.239 32.226  1.00 101.63 ? 24  TYR A OH  1 
ATOM   39   N N   . THR A 1 5   ? 23.858  -41.957 36.947  1.00 84.33  ? 25  THR A N   1 
ATOM   40   C CA  . THR A 1 5   ? 23.236  -40.750 37.437  1.00 96.71  ? 25  THR A CA  1 
ATOM   41   C C   . THR A 1 5   ? 23.440  -39.811 36.296  1.00 91.56  ? 25  THR A C   1 
ATOM   42   O O   . THR A 1 5   ? 24.545  -39.786 35.753  1.00 99.05  ? 25  THR A O   1 
ATOM   43   C CB  . THR A 1 5   ? 24.022  -40.208 38.657  1.00 108.67 ? 25  THR A CB  1 
ATOM   44   O OG1 . THR A 1 5   ? 24.040  -41.200 39.696  1.00 120.03 ? 25  THR A OG1 1 
ATOM   45   C CG2 . THR A 1 5   ? 23.431  -38.873 39.202  1.00 107.56 ? 25  THR A CG2 1 
ATOM   46   N N   . LEU A 1 6   ? 22.424  -39.023 35.935  1.00 84.25  ? 26  LEU A N   1 
ATOM   47   C CA  . LEU A 1 6   ? 22.635  -37.944 34.930  1.00 93.88  ? 26  LEU A CA  1 
ATOM   48   C C   . LEU A 1 6   ? 23.788  -37.006 35.311  1.00 91.00  ? 26  LEU A C   1 
ATOM   49   O O   . LEU A 1 6   ? 24.175  -36.921 36.478  1.00 105.98 ? 26  LEU A O   1 
ATOM   50   C CB  . LEU A 1 6   ? 21.370  -37.108 34.690  1.00 88.66  ? 26  LEU A CB  1 
ATOM   51   C CG  . LEU A 1 6   ? 20.064  -37.802 34.314  1.00 93.51  ? 26  LEU A CG  1 
ATOM   52   C CD1 . LEU A 1 6   ? 19.265  -38.292 35.525  1.00 99.69  ? 26  LEU A CD1 1 
ATOM   53   C CD2 . LEU A 1 6   ? 19.271  -36.777 33.547  1.00 92.96  ? 26  LEU A CD2 1 
ATOM   54   N N   . ASP A 1 7   ? 24.366  -36.360 34.312  1.00 90.38  ? 27  ASP A N   1 
ATOM   55   C CA  . ASP A 1 7   ? 25.181  -35.185 34.520  1.00 97.91  ? 27  ASP A CA  1 
ATOM   56   C C   . ASP A 1 7   ? 24.359  -34.083 33.858  1.00 103.24 ? 27  ASP A C   1 
ATOM   57   O O   . ASP A 1 7   ? 24.401  -33.914 32.636  1.00 106.47 ? 27  ASP A O   1 
ATOM   58   C CB  . ASP A 1 7   ? 26.586  -35.357 33.904  1.00 104.65 ? 27  ASP A CB  1 
ATOM   59   C CG  . ASP A 1 7   ? 27.313  -34.012 33.634  1.00 119.63 ? 27  ASP A CG  1 
ATOM   60   O OD1 . ASP A 1 7   ? 27.000  -32.976 34.273  1.00 128.14 ? 27  ASP A OD1 1 
ATOM   61   O OD2 . ASP A 1 7   ? 28.221  -33.995 32.771  1.00 120.81 ? 27  ASP A OD2 1 
ATOM   62   N N   . LYS A 1 8   ? 23.592  -33.358 34.676  1.00 107.99 ? 28  LYS A N   1 
ATOM   63   C CA  . LYS A 1 8   ? 22.678  -32.301 34.208  1.00 102.93 ? 28  LYS A CA  1 
ATOM   64   C C   . LYS A 1 8   ? 23.344  -31.216 33.327  1.00 102.87 ? 28  LYS A C   1 
ATOM   65   O O   . LYS A 1 8   ? 22.664  -30.607 32.478  1.00 102.54 ? 28  LYS A O   1 
ATOM   66   C CB  . LYS A 1 8   ? 21.911  -31.661 35.383  1.00 103.50 ? 28  LYS A CB  1 
ATOM   67   C CG  . LYS A 1 8   ? 20.818  -32.522 36.019  1.00 105.55 ? 28  LYS A CG  1 
ATOM   68   C CD  . LYS A 1 8   ? 19.592  -31.673 36.386  1.00 119.11 ? 28  LYS A CD  1 
ATOM   69   C CE  . LYS A 1 8   ? 18.833  -32.175 37.613  1.00 118.92 ? 28  LYS A CE  1 
ATOM   70   N NZ  . LYS A 1 8   ? 18.672  -33.659 37.647  1.00 111.41 ? 28  LYS A NZ  1 
ATOM   71   N N   . ALA A 1 9   ? 24.654  -31.005 33.513  1.00 92.07  ? 29  ALA A N   1 
ATOM   72   C CA  . ALA A 1 9   ? 25.425  -30.015 32.755  1.00 99.86  ? 29  ALA A CA  1 
ATOM   73   C C   . ALA A 1 9   ? 25.508  -30.301 31.249  1.00 109.99 ? 29  ALA A C   1 
ATOM   74   O O   . ALA A 1 9   ? 25.484  -29.374 30.435  1.00 116.15 ? 29  ALA A O   1 
ATOM   75   C CB  . ALA A 1 9   ? 26.816  -29.880 33.340  1.00 99.59  ? 29  ALA A CB  1 
ATOM   76   N N   . HIS A 1 10  ? 25.607  -31.581 30.893  1.00 121.71 ? 30  HIS A N   1 
ATOM   77   C CA  . HIS A 1 10  ? 25.636  -32.023 29.492  1.00 122.58 ? 30  HIS A CA  1 
ATOM   78   C C   . HIS A 1 10  ? 24.466  -32.995 29.182  1.00 119.56 ? 30  HIS A C   1 
ATOM   79   O O   . HIS A 1 10  ? 24.641  -34.040 28.534  1.00 116.78 ? 30  HIS A O   1 
ATOM   80   C CB  . HIS A 1 10  ? 27.002  -32.644 29.163  1.00 133.35 ? 30  HIS A CB  1 
ATOM   81   C CG  . HIS A 1 10  ? 28.174  -31.834 29.631  1.00 146.32 ? 30  HIS A CG  1 
ATOM   82   N ND1 . HIS A 1 10  ? 28.799  -32.059 30.842  1.00 150.69 ? 30  HIS A ND1 1 
ATOM   83   C CD2 . HIS A 1 10  ? 28.840  -30.808 29.050  1.00 150.47 ? 30  HIS A CD2 1 
ATOM   84   C CE1 . HIS A 1 10  ? 29.803  -31.210 30.986  1.00 153.03 ? 30  HIS A CE1 1 
ATOM   85   N NE2 . HIS A 1 10  ? 29.850  -30.440 29.912  1.00 161.92 ? 30  HIS A NE2 1 
ATOM   86   N N   . THR A 1 11  ? 23.277  -32.633 29.677  1.00 113.26 ? 31  THR A N   1 
ATOM   87   C CA  . THR A 1 11  ? 22.002  -33.327 29.406  1.00 96.43  ? 31  THR A CA  1 
ATOM   88   C C   . THR A 1 11  ? 20.925  -32.279 29.092  1.00 94.23  ? 31  THR A C   1 
ATOM   89   O O   . THR A 1 11  ? 20.851  -31.229 29.751  1.00 101.12 ? 31  THR A O   1 
ATOM   90   C CB  . THR A 1 11  ? 21.577  -34.264 30.571  1.00 86.91  ? 31  THR A CB  1 
ATOM   91   O OG1 . THR A 1 11  ? 22.419  -35.423 30.594  1.00 84.48  ? 31  THR A OG1 1 
ATOM   92   C CG2 . THR A 1 11  ? 20.146  -34.739 30.430  1.00 78.97  ? 31  THR A CG2 1 
ATOM   93   N N   . ASP A 1 12  ? 20.124  -32.569 28.067  1.00 89.51  ? 32  ASP A N   1 
ATOM   94   C CA  . ASP A 1 12  ? 19.102  -31.662 27.573  1.00 94.08  ? 32  ASP A CA  1 
ATOM   95   C C   . ASP A 1 12  ? 17.799  -32.364 27.232  1.00 91.01  ? 32  ASP A C   1 
ATOM   96   O O   . ASP A 1 12  ? 17.758  -33.201 26.318  1.00 94.87  ? 32  ASP A O   1 
ATOM   97   C CB  . ASP A 1 12  ? 19.623  -30.913 26.350  1.00 102.07 ? 32  ASP A CB  1 
ATOM   98   C CG  . ASP A 1 12  ? 20.088  -29.520 26.675  1.00 119.50 ? 32  ASP A CG  1 
ATOM   99   O OD1 . ASP A 1 12  ? 19.856  -29.043 27.814  1.00 135.95 ? 32  ASP A OD1 1 
ATOM   100  O OD2 . ASP A 1 12  ? 20.676  -28.893 25.772  1.00 129.91 ? 32  ASP A OD2 1 
ATOM   101  N N   . VAL A 1 13  ? 16.741  -32.016 27.964  1.00 80.98  ? 33  VAL A N   1 
ATOM   102  C CA  . VAL A 1 13  ? 15.433  -32.595 27.712  1.00 74.22  ? 33  VAL A CA  1 
ATOM   103  C C   . VAL A 1 13  ? 14.663  -31.608 26.840  1.00 78.35  ? 33  VAL A C   1 
ATOM   104  O O   . VAL A 1 13  ? 14.048  -30.689 27.365  1.00 96.00  ? 33  VAL A O   1 
ATOM   105  C CB  . VAL A 1 13  ? 14.722  -32.962 29.034  1.00 71.88  ? 33  VAL A CB  1 
ATOM   106  C CG1 . VAL A 1 13  ? 13.358  -33.599 28.790  1.00 68.46  ? 33  VAL A CG1 1 
ATOM   107  C CG2 . VAL A 1 13  ? 15.583  -33.917 29.850  1.00 67.22  ? 33  VAL A CG2 1 
ATOM   108  N N   . CYS A 1 14  ? 14.725  -31.783 25.513  1.00 78.48  ? 34  CYS A N   1 
ATOM   109  C CA  . CYS A 1 14  ? 14.202  -30.785 24.551  1.00 78.71  ? 34  CYS A CA  1 
ATOM   110  C C   . CYS A 1 14  ? 12.972  -31.203 23.765  1.00 82.75  ? 34  CYS A C   1 
ATOM   111  O O   . CYS A 1 14  ? 12.692  -32.399 23.603  1.00 89.99  ? 34  CYS A O   1 
ATOM   112  C CB  . CYS A 1 14  ? 15.271  -30.390 23.545  1.00 78.14  ? 34  CYS A CB  1 
ATOM   113  S SG  . CYS A 1 14  ? 16.821  -29.852 24.270  1.00 93.91  ? 34  CYS A SG  1 
ATOM   114  N N   . PHE A 1 15  ? 12.265  -30.200 23.248  1.00 81.16  ? 35  PHE A N   1 
ATOM   115  C CA  . PHE A 1 15  ? 11.110  -30.407 22.367  1.00 84.75  ? 35  PHE A CA  1 
ATOM   116  C C   . PHE A 1 15  ? 11.058  -29.331 21.270  1.00 88.87  ? 35  PHE A C   1 
ATOM   117  O O   . PHE A 1 15  ? 11.634  -28.254 21.423  1.00 87.79  ? 35  PHE A O   1 
ATOM   118  C CB  . PHE A 1 15  ? 9.798   -30.474 23.171  1.00 87.06  ? 35  PHE A CB  1 
ATOM   119  C CG  . PHE A 1 15  ? 9.483   -29.208 23.934  1.00 97.36  ? 35  PHE A CG  1 
ATOM   120  C CD1 . PHE A 1 15  ? 10.142  -28.902 25.123  1.00 98.79  ? 35  PHE A CD1 1 
ATOM   121  C CD2 . PHE A 1 15  ? 8.525   -28.315 23.459  1.00 95.60  ? 35  PHE A CD2 1 
ATOM   122  C CE1 . PHE A 1 15  ? 9.863   -27.729 25.807  1.00 98.22  ? 35  PHE A CE1 1 
ATOM   123  C CE2 . PHE A 1 15  ? 8.237   -27.148 24.144  1.00 91.07  ? 35  PHE A CE2 1 
ATOM   124  C CZ  . PHE A 1 15  ? 8.910   -26.855 25.315  1.00 94.83  ? 35  PHE A CZ  1 
ATOM   125  N N   . LYS A 1 16  ? 10.403  -29.660 20.156  1.00 91.38  ? 36  LYS A N   1 
ATOM   126  C CA  . LYS A 1 16  ? 10.193  -28.757 19.021  1.00 82.86  ? 36  LYS A CA  1 
ATOM   127  C C   . LYS A 1 16  ? 8.746   -28.873 18.639  1.00 79.67  ? 36  LYS A C   1 
ATOM   128  O O   . LYS A 1 16  ? 8.203   -29.995 18.496  1.00 76.47  ? 36  LYS A O   1 
ATOM   129  C CB  . LYS A 1 16  ? 11.027  -29.168 17.810  1.00 94.28  ? 36  LYS A CB  1 
ATOM   130  C CG  . LYS A 1 16  ? 12.050  -28.147 17.347  1.00 111.16 ? 36  LYS A CG  1 
ATOM   131  C CD  . LYS A 1 16  ? 12.818  -28.670 16.127  1.00 128.75 ? 36  LYS A CD  1 
ATOM   132  C CE  . LYS A 1 16  ? 14.085  -27.861 15.838  1.00 145.28 ? 36  LYS A CE  1 
ATOM   133  N NZ  . LYS A 1 16  ? 15.105  -28.578 15.004  1.00 129.64 ? 36  LYS A NZ  1 
ATOM   134  N N   . ILE A 1 17  ? 8.106   -27.720 18.488  1.00 70.54  ? 37  ILE A N   1 
ATOM   135  C CA  . ILE A 1 17  ? 6.741   -27.715 17.983  1.00 73.50  ? 37  ILE A CA  1 
ATOM   136  C C   . ILE A 1 17  ? 6.488   -26.548 17.026  1.00 80.34  ? 37  ILE A C   1 
ATOM   137  O O   . ILE A 1 17  ? 6.934   -25.403 17.243  1.00 74.50  ? 37  ILE A O   1 
ATOM   138  C CB  . ILE A 1 17  ? 5.692   -27.839 19.110  1.00 69.52  ? 37  ILE A CB  1 
ATOM   139  C CG1 . ILE A 1 17  ? 4.311   -28.132 18.522  1.00 69.79  ? 37  ILE A CG1 1 
ATOM   140  C CG2 . ILE A 1 17  ? 5.768   -26.640 20.065  1.00 66.34  ? 37  ILE A CG2 1 
ATOM   141  C CD1 . ILE A 1 17  ? 3.242   -28.409 19.549  1.00 68.78  ? 37  ILE A CD1 1 
ATOM   142  N N   . LYS A 1 18  ? 5.789   -26.873 15.949  1.00 82.93  ? 38  LYS A N   1 
ATOM   143  C CA  . LYS A 1 18  ? 5.578   -25.929 14.885  1.00 91.97  ? 38  LYS A CA  1 
ATOM   144  C C   . LYS A 1 18  ? 4.284   -25.169 15.149  1.00 97.06  ? 38  LYS A C   1 
ATOM   145  O O   . LYS A 1 18  ? 3.228   -25.798 15.339  1.00 93.98  ? 38  LYS A O   1 
ATOM   146  C CB  . LYS A 1 18  ? 5.515   -26.672 13.542  1.00 99.04  ? 38  LYS A CB  1 
ATOM   147  C CG  . LYS A 1 18  ? 6.868   -26.932 12.904  1.00 95.23  ? 38  LYS A CG  1 
ATOM   148  C CD  . LYS A 1 18  ? 6.760   -28.017 11.847  1.00 107.80 ? 38  LYS A CD  1 
ATOM   149  C CE  . LYS A 1 18  ? 8.138   -28.397 11.319  1.00 117.47 ? 38  LYS A CE  1 
ATOM   150  N NZ  . LYS A 1 18  ? 8.017   -29.298 10.140  1.00 126.47 ? 38  LYS A NZ  1 
ATOM   151  N N   . HIS A 1 19  ? 4.367   -23.834 15.180  1.00 88.58  ? 39  HIS A N   1 
ATOM   152  C CA  . HIS A 1 19  ? 3.154   -23.012 15.150  1.00 96.61  ? 39  HIS A CA  1 
ATOM   153  C C   . HIS A 1 19  ? 3.157   -21.909 14.090  1.00 103.21 ? 39  HIS A C   1 
ATOM   154  O O   . HIS A 1 19  ? 4.227   -21.403 13.720  1.00 98.63  ? 39  HIS A O   1 
ATOM   155  C CB  . HIS A 1 19  ? 2.811   -22.450 16.548  1.00 99.96  ? 39  HIS A CB  1 
ATOM   156  C CG  . HIS A 1 19  ? 3.568   -21.212 16.933  1.00 104.27 ? 39  HIS A CG  1 
ATOM   157  N ND1 . HIS A 1 19  ? 4.910   -21.030 16.659  1.00 102.88 ? 39  HIS A ND1 1 
ATOM   158  C CD2 . HIS A 1 19  ? 3.171   -20.111 17.617  1.00 106.59 ? 39  HIS A CD2 1 
ATOM   159  C CE1 . HIS A 1 19  ? 5.302   -19.860 17.131  1.00 97.17  ? 39  HIS A CE1 1 
ATOM   160  N NE2 . HIS A 1 19  ? 4.266   -19.286 17.724  1.00 113.59 ? 39  HIS A NE2 1 
ATOM   161  N N   . LEU A 1 20  ? 1.947   -21.551 13.634  1.00 100.08 ? 40  LEU A N   1 
ATOM   162  C CA  . LEU A 1 20  ? 1.690   -20.381 12.779  1.00 87.83  ? 40  LEU A CA  1 
ATOM   163  C C   . LEU A 1 20  ? 1.652   -19.058 13.528  1.00 90.13  ? 40  LEU A C   1 
ATOM   164  O O   . LEU A 1 20  ? 1.250   -19.006 14.684  1.00 108.86 ? 40  LEU A O   1 
ATOM   165  C CB  . LEU A 1 20  ? 0.370   -20.560 12.050  1.00 78.99  ? 40  LEU A CB  1 
ATOM   166  C CG  . LEU A 1 20  ? 0.345   -21.771 11.121  1.00 85.69  ? 40  LEU A CG  1 
ATOM   167  C CD1 . LEU A 1 20  ? -1.008  -21.901 10.438  1.00 81.67  ? 40  LEU A CD1 1 
ATOM   168  C CD2 . LEU A 1 20  ? 1.466   -21.706 10.089  1.00 87.72  ? 40  LEU A CD2 1 
ATOM   169  N N   . GLN A 1 21  ? 2.068   -17.994 12.849  1.00 98.21  ? 41  GLN A N   1 
ATOM   170  C CA  . GLN A 1 21  ? 2.001   -16.620 13.352  1.00 97.76  ? 41  GLN A CA  1 
ATOM   171  C C   . GLN A 1 21  ? 1.593   -15.679 12.220  1.00 102.76 ? 41  GLN A C   1 
ATOM   172  O O   . GLN A 1 21  ? 2.344   -15.509 11.258  1.00 116.97 ? 41  GLN A O   1 
ATOM   173  C CB  . GLN A 1 21  ? 3.358   -16.173 13.887  1.00 92.24  ? 41  GLN A CB  1 
ATOM   174  C CG  . GLN A 1 21  ? 3.736   -16.749 15.232  1.00 108.57 ? 41  GLN A CG  1 
ATOM   175  C CD  . GLN A 1 21  ? 4.900   -16.006 15.863  1.00 122.53 ? 41  GLN A CD  1 
ATOM   176  O OE1 . GLN A 1 21  ? 6.055   -16.165 15.449  1.00 128.02 ? 41  GLN A OE1 1 
ATOM   177  N NE2 . GLN A 1 21  ? 4.605   -15.197 16.883  1.00 120.24 ? 41  GLN A NE2 1 
ATOM   178  N N   . ILE A 1 22  ? 0.410   -15.076 12.328  1.00 106.23 ? 42  ILE A N   1 
ATOM   179  C CA  . ILE A 1 22  ? -0.005  -13.972 11.441  1.00 97.82  ? 42  ILE A CA  1 
ATOM   180  C C   . ILE A 1 22  ? 0.871   -12.724 11.696  1.00 96.42  ? 42  ILE A C   1 
ATOM   181  O O   . ILE A 1 22  ? 1.330   -12.508 12.825  1.00 97.08  ? 42  ILE A O   1 
ATOM   182  C CB  . ILE A 1 22  ? -1.515  -13.657 11.616  1.00 94.68  ? 42  ILE A CB  1 
ATOM   183  C CG1 . ILE A 1 22  ? -2.160  -13.293 10.278  1.00 103.16 ? 42  ILE A CG1 1 
ATOM   184  C CG2 . ILE A 1 22  ? -1.750  -12.574 12.667  1.00 101.55 ? 42  ILE A CG2 1 
ATOM   185  C CD1 . ILE A 1 22  ? -3.672  -13.460 10.215  1.00 98.27  ? 42  ILE A CD1 1 
ATOM   186  N N   . SER A 1 23  ? 1.157   -11.957 10.640  1.00 102.41 ? 43  SER A N   1 
ATOM   187  C CA  . SER A 1 23  ? 1.777   -10.615 10.761  1.00 104.21 ? 43  SER A CA  1 
ATOM   188  C C   . SER A 1 23  ? 1.488   -9.747  9.525   1.00 110.95 ? 43  SER A C   1 
ATOM   189  O O   . SER A 1 23  ? 1.166   -10.269 8.442   1.00 106.02 ? 43  SER A O   1 
ATOM   190  C CB  . SER A 1 23  ? 3.283   -10.650 11.126  1.00 86.69  ? 43  SER A CB  1 
ATOM   191  O OG  . SER A 1 23  ? 4.113   -10.650 9.982   1.00 91.25  ? 43  SER A OG  1 
ATOM   192  N N   . ASN A 1 24  ? 1.557   -8.426  9.728   1.00 123.99 ? 44  ASN A N   1 
ATOM   193  C CA  . ASN A 1 24  ? 1.336   -7.426  8.680   1.00 117.29 ? 44  ASN A CA  1 
ATOM   194  C C   . ASN A 1 24  ? 2.654   -7.212  8.001   1.00 104.27 ? 44  ASN A C   1 
ATOM   195  O O   . ASN A 1 24  ? 3.653   -6.958  8.676   1.00 106.90 ? 44  ASN A O   1 
ATOM   196  C CB  . ASN A 1 24  ? 0.906   -6.056  9.254   1.00 128.43 ? 44  ASN A CB  1 
ATOM   197  C CG  . ASN A 1 24  ? -0.357  -6.112  10.104  1.00 149.39 ? 44  ASN A CG  1 
ATOM   198  O OD1 . ASN A 1 24  ? -0.373  -5.602  11.235  1.00 168.81 ? 44  ASN A OD1 1 
ATOM   199  N ND2 . ASN A 1 24  ? -1.427  -6.703  9.564   1.00 144.32 ? 44  ASN A ND2 1 
ATOM   200  N N   . VAL A 1 25  ? 2.669   -7.312  6.674   1.00 99.30  ? 45  VAL A N   1 
ATOM   201  C CA  . VAL A 1 25  ? 3.751   -6.689  5.910   1.00 98.73  ? 45  VAL A CA  1 
ATOM   202  C C   . VAL A 1 25  ? 3.294   -5.284  5.556   1.00 100.55 ? 45  VAL A C   1 
ATOM   203  O O   . VAL A 1 25  ? 2.202   -5.096  4.973   1.00 101.41 ? 45  VAL A O   1 
ATOM   204  C CB  . VAL A 1 25  ? 4.151   -7.447  4.637   1.00 96.23  ? 45  VAL A CB  1 
ATOM   205  C CG1 . VAL A 1 25  ? 5.515   -6.957  4.151   1.00 93.33  ? 45  VAL A CG1 1 
ATOM   206  C CG2 . VAL A 1 25  ? 4.210   -8.938  4.907   1.00 99.64  ? 45  VAL A CG2 1 
ATOM   207  N N   . LYS A 1 26  ? 4.119   -4.314  5.951   1.00 88.42  ? 46  LYS A N   1 
ATOM   208  C CA  . LYS A 1 26  ? 3.842   -2.903  5.727   1.00 89.35  ? 46  LYS A CA  1 
ATOM   209  C C   . LYS A 1 26  ? 4.975   -2.311  4.883   1.00 92.98  ? 46  LYS A C   1 
ATOM   210  O O   . LYS A 1 26  ? 6.147   -2.509  5.185   1.00 106.82 ? 46  LYS A O   1 
ATOM   211  C CB  . LYS A 1 26  ? 3.661   -2.162  7.065   1.00 76.95  ? 46  LYS A CB  1 
ATOM   212  N N   . GLY A 1 27  ? 4.626   -1.629  3.798   1.00 99.91  ? 47  GLY A N   1 
ATOM   213  C CA  . GLY A 1 27  ? 5.622   -0.955  2.975   1.00 97.80  ? 47  GLY A CA  1 
ATOM   214  C C   . GLY A 1 27  ? 5.112   0.304   2.324   1.00 97.22  ? 47  GLY A C   1 
ATOM   215  O O   . GLY A 1 27  ? 3.897   0.545   2.290   1.00 99.50  ? 47  GLY A O   1 
ATOM   216  N N   . ASN A 1 28  ? 6.039   1.119   1.831   1.00 95.65  ? 48  ASN A N   1 
ATOM   217  C CA  . ASN A 1 28  ? 5.682   2.237   0.948   1.00 96.56  ? 48  ASN A CA  1 
ATOM   218  C C   . ASN A 1 28  ? 6.300   2.102   -0.440  1.00 94.37  ? 48  ASN A C   1 
ATOM   219  O O   . ASN A 1 28  ? 6.715   1.012   -0.849  1.00 97.34  ? 48  ASN A O   1 
ATOM   220  C CB  . ASN A 1 28  ? 6.007   3.607   1.573   1.00 92.63  ? 48  ASN A CB  1 
ATOM   221  C CG  . ASN A 1 28  ? 7.438   3.719   2.040   1.00 97.37  ? 48  ASN A CG  1 
ATOM   222  O OD1 . ASN A 1 28  ? 8.300   2.902   1.698   1.00 95.01  ? 48  ASN A OD1 1 
ATOM   223  N ND2 . ASN A 1 28  ? 7.703   4.744   2.837   1.00 103.92 ? 48  ASN A ND2 1 
ATOM   224  N N   . PHE A 1 29  ? 6.321   3.212   -1.163  1.00 90.13  ? 49  PHE A N   1 
ATOM   225  C CA  . PHE A 1 29  ? 7.042   3.323   -2.411  1.00 88.95  ? 49  PHE A CA  1 
ATOM   226  C C   . PHE A 1 29  ? 7.792   4.640   -2.331  1.00 100.46 ? 49  PHE A C   1 
ATOM   227  O O   . PHE A 1 29  ? 7.169   5.681   -2.048  1.00 102.18 ? 49  PHE A O   1 
ATOM   228  C CB  . PHE A 1 29  ? 6.082   3.308   -3.605  1.00 81.57  ? 49  PHE A CB  1 
ATOM   229  C CG  . PHE A 1 29  ? 5.406   1.976   -3.840  1.00 86.56  ? 49  PHE A CG  1 
ATOM   230  C CD1 . PHE A 1 29  ? 5.969   1.018   -4.683  1.00 85.28  ? 49  PHE A CD1 1 
ATOM   231  C CD2 . PHE A 1 29  ? 4.184   1.679   -3.245  1.00 88.08  ? 49  PHE A CD2 1 
ATOM   232  C CE1 . PHE A 1 29  ? 5.329   -0.206  -4.916  1.00 83.08  ? 49  PHE A CE1 1 
ATOM   233  C CE2 . PHE A 1 29  ? 3.545   0.453   -3.478  1.00 91.37  ? 49  PHE A CE2 1 
ATOM   234  C CZ  . PHE A 1 29  ? 4.117   -0.491  -4.314  1.00 78.66  ? 49  PHE A CZ  1 
ATOM   235  N N   . LYS A 1 30  ? 9.122   4.582   -2.535  1.00 107.97 ? 50  LYS A N   1 
ATOM   236  C CA  . LYS A 1 30  ? 9.999   5.771   -2.537  1.00 97.55  ? 50  LYS A CA  1 
ATOM   237  C C   . LYS A 1 30  ? 9.811   6.666   -3.788  1.00 99.34  ? 50  LYS A C   1 
ATOM   238  O O   . LYS A 1 30  ? 9.912   7.896   -3.688  1.00 100.46 ? 50  LYS A O   1 
ATOM   239  C CB  . LYS A 1 30  ? 11.470  5.393   -2.311  1.00 86.82  ? 50  LYS A CB  1 
ATOM   240  N N   . ASP A 1 31  ? 9.494   6.076   -4.946  1.00 100.34 ? 51  ASP A N   1 
ATOM   241  C CA  . ASP A 1 31  ? 9.281   6.890   -6.163  1.00 107.63 ? 51  ASP A CA  1 
ATOM   242  C C   . ASP A 1 31  ? 7.958   6.775   -6.959  1.00 98.92  ? 51  ASP A C   1 
ATOM   243  O O   . ASP A 1 31  ? 7.611   5.720   -7.519  1.00 98.74  ? 51  ASP A O   1 
ATOM   244  C CB  . ASP A 1 31  ? 10.474  6.795   -7.107  1.00 126.97 ? 51  ASP A CB  1 
ATOM   245  C CG  . ASP A 1 31  ? 10.566  7.991   -8.007  1.00 140.41 ? 51  ASP A CG  1 
ATOM   246  O OD1 . ASP A 1 31  ? 10.524  9.137   -7.480  1.00 149.05 ? 51  ASP A OD1 1 
ATOM   247  O OD2 . ASP A 1 31  ? 10.644  7.779   -9.234  1.00 144.23 ? 51  ASP A OD2 1 
ATOM   248  N N   . TYR A 1 32  ? 7.274   7.911   -7.044  1.00 85.77  ? 52  TYR A N   1 
ATOM   249  C CA  . TYR A 1 32  ? 5.913   8.019   -7.580  1.00 85.71  ? 52  TYR A CA  1 
ATOM   250  C C   . TYR A 1 32  ? 5.730   9.476   -7.994  1.00 89.00  ? 52  TYR A C   1 
ATOM   251  O O   . TYR A 1 32  ? 6.465   10.363  -7.537  1.00 89.49  ? 52  TYR A O   1 
ATOM   252  C CB  . TYR A 1 32  ? 4.878   7.670   -6.484  1.00 86.23  ? 52  TYR A CB  1 
ATOM   253  C CG  . TYR A 1 32  ? 5.118   8.453   -5.180  1.00 87.27  ? 52  TYR A CG  1 
ATOM   254  C CD1 . TYR A 1 32  ? 6.041   7.991   -4.229  1.00 86.85  ? 52  TYR A CD1 1 
ATOM   255  C CD2 . TYR A 1 32  ? 4.458   9.679   -4.917  1.00 78.91  ? 52  TYR A CD2 1 
ATOM   256  C CE1 . TYR A 1 32  ? 6.300   8.712   -3.065  1.00 90.50  ? 52  TYR A CE1 1 
ATOM   257  C CE2 . TYR A 1 32  ? 4.717   10.404  -3.752  1.00 73.80  ? 52  TYR A CE2 1 
ATOM   258  C CZ  . TYR A 1 32  ? 5.641   9.918   -2.830  1.00 82.71  ? 52  TYR A CZ  1 
ATOM   259  O OH  . TYR A 1 32  ? 5.932   10.593  -1.656  1.00 87.19  ? 52  TYR A OH  1 
ATOM   260  N N   . SER A 1 33  ? 4.751   9.747   -8.838  1.00 89.81  ? 53  SER A N   1 
ATOM   261  C CA  . SER A 1 33  ? 4.400   11.134  -9.110  1.00 100.77 ? 53  SER A CA  1 
ATOM   262  C C   . SER A 1 33  ? 2.893   11.241  -9.173  1.00 111.35 ? 53  SER A C   1 
ATOM   263  O O   . SER A 1 33  ? 2.206   10.251  -9.496  1.00 115.23 ? 53  SER A O   1 
ATOM   264  C CB  . SER A 1 33  ? 5.006   11.614  -10.432 1.00 102.81 ? 53  SER A CB  1 
ATOM   265  O OG  . SER A 1 33  ? 4.184   11.245  -11.533 1.00 104.54 ? 53  SER A OG  1 
ATOM   266  N N   . ALA A 1 34  ? 2.379   12.434  -8.880  1.00 105.46 ? 54  ALA A N   1 
ATOM   267  C CA  . ALA A 1 34  ? 0.954   12.677  -9.035  1.00 99.93  ? 54  ALA A CA  1 
ATOM   268  C C   . ALA A 1 34  ? 0.603   14.076  -9.478  1.00 96.02  ? 54  ALA A C   1 
ATOM   269  O O   . ALA A 1 34  ? 1.391   15.015  -9.315  1.00 93.66  ? 54  ALA A O   1 
ATOM   270  C CB  . ALA A 1 34  ? 0.200   12.323  -7.765  1.00 101.38 ? 54  ALA A CB  1 
ATOM   271  N N   . VAL A 1 35  ? -0.609  14.156  -10.026 1.00 93.54  ? 55  VAL A N   1 
ATOM   272  C CA  . VAL A 1 35  ? -1.282  15.360  -10.493 1.00 94.49  ? 55  VAL A CA  1 
ATOM   273  C C   . VAL A 1 35  ? -2.523  15.573  -9.621  1.00 95.04  ? 55  VAL A C   1 
ATOM   274  O O   . VAL A 1 35  ? -3.448  14.744  -9.597  1.00 95.93  ? 55  VAL A O   1 
ATOM   275  C CB  . VAL A 1 35  ? -1.732  15.177  -11.959 1.00 104.12 ? 55  VAL A CB  1 
ATOM   276  C CG1 . VAL A 1 35  ? -2.595  16.344  -12.453 1.00 94.72  ? 55  VAL A CG1 1 
ATOM   277  C CG2 . VAL A 1 35  ? -0.526  14.934  -12.853 1.00 105.33 ? 55  VAL A CG2 1 
ATOM   278  N N   . ILE A 1 36  ? -2.538  16.703  -8.924  1.00 95.00  ? 56  ILE A N   1 
ATOM   279  C CA  . ILE A 1 36  ? -3.571  17.013  -7.929  1.00 88.15  ? 56  ILE A CA  1 
ATOM   280  C C   . ILE A 1 36  ? -4.372  18.304  -8.250  1.00 88.23  ? 56  ILE A C   1 
ATOM   281  O O   . ILE A 1 36  ? -3.854  19.424  -8.139  1.00 79.86  ? 56  ILE A O   1 
ATOM   282  C CB  . ILE A 1 36  ? -2.961  17.080  -6.509  1.00 79.84  ? 56  ILE A CB  1 
ATOM   283  C CG1 . ILE A 1 36  ? -2.045  15.870  -6.239  1.00 76.62  ? 56  ILE A CG1 1 
ATOM   284  C CG2 . ILE A 1 36  ? -4.075  17.180  -5.485  1.00 93.06  ? 56  ILE A CG2 1 
ATOM   285  C CD1 . ILE A 1 36  ? -1.129  15.979  -5.029  1.00 75.42  ? 56  ILE A CD1 1 
ATOM   286  N N   . ASP A 1 37  ? -5.635  18.121  -8.637  1.00 89.60  ? 57  ASP A N   1 
ATOM   287  C CA  . ASP A 1 37  ? -6.563  19.223  -8.896  1.00 94.47  ? 57  ASP A CA  1 
ATOM   288  C C   . ASP A 1 37  ? -7.659  19.309  -7.865  1.00 102.13 ? 57  ASP A C   1 
ATOM   289  O O   . ASP A 1 37  ? -8.553  18.442  -7.837  1.00 97.32  ? 57  ASP A O   1 
ATOM   290  C CB  . ASP A 1 37  ? -7.253  19.024  -10.220 1.00 97.80  ? 57  ASP A CB  1 
ATOM   291  C CG  . ASP A 1 37  ? -6.506  19.622  -11.359 1.00 104.84 ? 57  ASP A CG  1 
ATOM   292  O OD1 . ASP A 1 37  ? -5.305  19.987  -11.165 1.00 93.81  ? 57  ASP A OD1 1 
ATOM   293  O OD2 . ASP A 1 37  ? -7.149  19.702  -12.448 1.00 92.95  ? 57  ASP A OD2 1 
ATOM   294  N N   . PHE A 1 38  ? -7.622  20.373  -7.061  1.00 99.96  ? 58  PHE A N   1 
ATOM   295  C CA  . PHE A 1 38  ? -8.492  20.481  -5.889  1.00 97.85  ? 58  PHE A CA  1 
ATOM   296  C C   . PHE A 1 38  ? -9.003  21.889  -5.614  1.00 92.11  ? 58  PHE A C   1 
ATOM   297  O O   . PHE A 1 38  ? -8.215  22.822  -5.524  1.00 98.91  ? 58  PHE A O   1 
ATOM   298  C CB  . PHE A 1 38  ? -7.776  19.932  -4.643  1.00 95.54  ? 58  PHE A CB  1 
ATOM   299  C CG  . PHE A 1 38  ? -8.627  19.949  -3.415  1.00 92.43  ? 58  PHE A CG  1 
ATOM   300  C CD1 . PHE A 1 38  ? -9.613  18.977  -3.224  1.00 80.75  ? 58  PHE A CD1 1 
ATOM   301  C CD2 . PHE A 1 38  ? -8.469  20.966  -2.457  1.00 93.56  ? 58  PHE A CD2 1 
ATOM   302  C CE1 . PHE A 1 38  ? -10.415 19.016  -2.088  1.00 89.34  ? 58  PHE A CE1 1 
ATOM   303  C CE2 . PHE A 1 38  ? -9.268  21.007  -1.319  1.00 87.40  ? 58  PHE A CE2 1 
ATOM   304  C CZ  . PHE A 1 38  ? -10.239 20.025  -1.129  1.00 85.56  ? 58  PHE A CZ  1 
ATOM   305  N N   . ASP A 1 39  ? -10.318 22.000  -5.420  1.00 89.25  ? 59  ASP A N   1 
ATOM   306  C CA  . ASP A 1 39  ? -11.014 23.286  -5.243  1.00 82.94  ? 59  ASP A CA  1 
ATOM   307  C C   . ASP A 1 39  ? -11.398 23.573  -3.809  1.00 82.23  ? 59  ASP A C   1 
ATOM   308  O O   . ASP A 1 39  ? -12.488 23.170  -3.385  1.00 80.39  ? 59  ASP A O   1 
ATOM   309  C CB  . ASP A 1 39  ? -12.279 23.360  -6.113  1.00 79.88  ? 59  ASP A CB  1 
ATOM   310  C CG  . ASP A 1 39  ? -12.994 24.698  -6.009  1.00 80.51  ? 59  ASP A CG  1 
ATOM   311  O OD1 . ASP A 1 39  ? -12.347 25.752  -5.782  1.00 84.90  ? 59  ASP A OD1 1 
ATOM   312  O OD2 . ASP A 1 39  ? -14.227 24.687  -6.164  1.00 86.81  ? 59  ASP A OD2 1 
ATOM   313  N N   . PRO A 1 40  ? -10.552 24.332  -3.085  1.00 82.51  ? 60  PRO A N   1 
ATOM   314  C CA  . PRO A 1 40  ? -10.788 24.676  -1.675  1.00 83.68  ? 60  PRO A CA  1 
ATOM   315  C C   . PRO A 1 40  ? -12.157 25.306  -1.350  1.00 76.35  ? 60  PRO A C   1 
ATOM   316  O O   . PRO A 1 40  ? -12.677 25.098  -0.261  1.00 77.09  ? 60  PRO A O   1 
ATOM   317  C CB  . PRO A 1 40  ? -9.656  25.656  -1.366  1.00 81.02  ? 60  PRO A CB  1 
ATOM   318  C CG  . PRO A 1 40  ? -8.584  25.269  -2.315  1.00 82.00  ? 60  PRO A CG  1 
ATOM   319  C CD  . PRO A 1 40  ? -9.335  24.992  -3.579  1.00 80.25  ? 60  PRO A CD  1 
ATOM   320  N N   . ALA A 1 41  ? -12.741 26.045  -2.287  1.00 83.28  ? 61  ALA A N   1 
ATOM   321  C CA  . ALA A 1 41  ? -14.067 26.661  -2.080  1.00 82.92  ? 61  ALA A CA  1 
ATOM   322  C C   . ALA A 1 41  ? -15.193 25.648  -1.893  1.00 81.11  ? 61  ALA A C   1 
ATOM   323  O O   . ALA A 1 41  ? -16.137 25.905  -1.161  1.00 82.94  ? 61  ALA A O   1 
ATOM   324  C CB  . ALA A 1 41  ? -14.404 27.616  -3.221  1.00 92.22  ? 61  ALA A CB  1 
ATOM   325  N N   . SER A 1 42  ? -15.092 24.502  -2.560  1.00 86.80  ? 62  SER A N   1 
ATOM   326  C CA  . SER A 1 42  ? -16.126 23.474  -2.488  1.00 79.43  ? 62  SER A CA  1 
ATOM   327  C C   . SER A 1 42  ? -15.575 22.184  -1.880  1.00 78.47  ? 62  SER A C   1 
ATOM   328  O O   . SER A 1 42  ? -16.309 21.221  -1.686  1.00 82.53  ? 62  SER A O   1 
ATOM   329  C CB  . SER A 1 42  ? -16.687 23.208  -3.867  1.00 71.23  ? 62  SER A CB  1 
ATOM   330  O OG  . SER A 1 42  ? -15.651 22.662  -4.661  1.00 78.90  ? 62  SER A OG  1 
ATOM   331  N N   . ALA A 1 43  ? -14.287 22.179  -1.557  1.00 82.75  ? 63  ALA A N   1 
ATOM   332  C CA  . ALA A 1 43  ? -13.588 20.989  -1.036  1.00 83.57  ? 63  ALA A CA  1 
ATOM   333  C C   . ALA A 1 43  ? -13.932 19.697  -1.815  1.00 81.74  ? 63  ALA A C   1 
ATOM   334  O O   . ALA A 1 43  ? -14.458 18.711  -1.251  1.00 86.39  ? 63  ALA A O   1 
ATOM   335  C CB  . ALA A 1 43  ? -13.789 20.846  0.471   1.00 83.06  ? 63  ALA A CB  1 
ATOM   336  N N   . GLU A 1 44  ? -13.660 19.774  -3.125  1.00 72.03  ? 64  GLU A N   1 
ATOM   337  C CA  . GLU A 1 44  ? -13.814 18.699  -4.090  1.00 69.50  ? 64  GLU A CA  1 
ATOM   338  C C   . GLU A 1 44  ? -12.534 18.517  -4.892  1.00 75.71  ? 64  GLU A C   1 
ATOM   339  O O   . GLU A 1 44  ? -11.931 19.492  -5.333  1.00 73.05  ? 64  GLU A O   1 
ATOM   340  C CB  . GLU A 1 44  ? -14.954 18.999  -5.033  1.00 63.15  ? 64  GLU A CB  1 
ATOM   341  C CG  . GLU A 1 44  ? -16.271 19.000  -4.307  1.00 73.64  ? 64  GLU A CG  1 
ATOM   342  C CD  . GLU A 1 44  ? -17.449 19.026  -5.241  1.00 88.03  ? 64  GLU A CD  1 
ATOM   343  O OE1 . GLU A 1 44  ? -17.711 20.108  -5.797  1.00 98.65  ? 64  GLU A OE1 1 
ATOM   344  O OE2 . GLU A 1 44  ? -18.118 17.971  -5.405  1.00 96.59  ? 64  GLU A OE2 1 
ATOM   345  N N   . PHE A 1 45  ? -12.104 17.261  -5.035  1.00 79.82  ? 65  PHE A N   1 
ATOM   346  C CA  . PHE A 1 45  ? -11.071 16.896  -5.994  1.00 72.64  ? 65  PHE A CA  1 
ATOM   347  C C   . PHE A 1 45  ? -11.699 16.852  -7.394  1.00 76.58  ? 65  PHE A C   1 
ATOM   348  O O   . PHE A 1 45  ? -12.886 16.476  -7.574  1.00 66.78  ? 65  PHE A O   1 
ATOM   349  C CB  . PHE A 1 45  ? -10.451 15.555  -5.651  1.00 65.98  ? 65  PHE A CB  1 
ATOM   350  C CG  . PHE A 1 45  ? -9.622  15.558  -4.402  1.00 65.16  ? 65  PHE A CG  1 
ATOM   351  C CD1 . PHE A 1 45  ? -10.204 15.368  -3.156  1.00 68.10  ? 65  PHE A CD1 1 
ATOM   352  C CD2 . PHE A 1 45  ? -8.230  15.688  -4.472  1.00 63.87  ? 65  PHE A CD2 1 
ATOM   353  C CE1 . PHE A 1 45  ? -9.401  15.335  -1.997  1.00 74.53  ? 65  PHE A CE1 1 
ATOM   354  C CE2 . PHE A 1 45  ? -7.422  15.658  -3.324  1.00 61.94  ? 65  PHE A CE2 1 
ATOM   355  C CZ  . PHE A 1 45  ? -8.005  15.478  -2.078  1.00 64.34  ? 65  PHE A CZ  1 
ATOM   356  N N   . LYS A 1 46  ? -10.887 17.269  -8.371  1.00 85.99  ? 66  LYS A N   1 
ATOM   357  C CA  . LYS A 1 46  ? -11.311 17.517  -9.769  1.00 89.69  ? 66  LYS A CA  1 
ATOM   358  C C   . LYS A 1 46  ? -10.581 16.522  -10.675 1.00 83.34  ? 66  LYS A C   1 
ATOM   359  O O   . LYS A 1 46  ? -11.150 16.032  -11.662 1.00 69.52  ? 66  LYS A O   1 
ATOM   360  C CB  . LYS A 1 46  ? -10.999 18.981  -10.189 1.00 100.12 ? 66  LYS A CB  1 
ATOM   361  C CG  . LYS A 1 46  ? -11.626 20.091  -9.329  1.00 100.38 ? 66  LYS A CG  1 
ATOM   362  C CD  . LYS A 1 46  ? -12.946 20.569  -9.920  1.00 109.87 ? 66  LYS A CD  1 
ATOM   363  C CE  . LYS A 1 46  ? -14.121 20.394  -8.965  1.00 107.62 ? 66  LYS A CE  1 
ATOM   364  N NZ  . LYS A 1 46  ? -15.395 20.943  -9.522  1.00 113.67 ? 66  LYS A NZ  1 
ATOM   365  N N   . LYS A 1 47  ? -9.336  16.216  -10.281 1.00 78.75  ? 67  LYS A N   1 
ATOM   366  C CA  . LYS A 1 47  ? -8.431  15.326  -10.976 1.00 75.88  ? 67  LYS A CA  1 
ATOM   367  C C   . LYS A 1 47  ? -7.409  14.799  -9.967  1.00 82.01  ? 67  LYS A C   1 
ATOM   368  O O   . LYS A 1 47  ? -6.762  15.573  -9.232  1.00 73.52  ? 67  LYS A O   1 
ATOM   369  C CB  . LYS A 1 47  ? -7.713  16.118  -12.053 1.00 84.74  ? 67  LYS A CB  1 
ATOM   370  C CG  . LYS A 1 47  ? -7.052  15.343  -13.177 1.00 101.98 ? 67  LYS A CG  1 
ATOM   371  C CD  . LYS A 1 47  ? -6.228  16.308  -14.024 1.00 109.73 ? 67  LYS A CD  1 
ATOM   372  C CE  . LYS A 1 47  ? -5.366  15.592  -15.049 1.00 128.01 ? 67  LYS A CE  1 
ATOM   373  N NZ  . LYS A 1 47  ? -6.141  15.248  -16.277 1.00 143.83 ? 67  LYS A NZ  1 
ATOM   374  N N   . LEU A 1 48  ? -7.284  13.473  -9.916  1.00 91.54  ? 68  LEU A N   1 
ATOM   375  C CA  . LEU A 1 48  ? -6.189  12.841  -9.184  1.00 84.79  ? 68  LEU A CA  1 
ATOM   376  C C   . LEU A 1 48  ? -5.631  11.648  -9.930  1.00 85.89  ? 68  LEU A C   1 
ATOM   377  O O   . LEU A 1 48  ? -6.290  10.604  -10.069 1.00 86.39  ? 68  LEU A O   1 
ATOM   378  C CB  . LEU A 1 48  ? -6.589  12.442  -7.771  1.00 81.02  ? 68  LEU A CB  1 
ATOM   379  C CG  . LEU A 1 48  ? -5.327  12.079  -7.009  1.00 77.58  ? 68  LEU A CG  1 
ATOM   380  C CD1 . LEU A 1 48  ? -4.630  13.366  -6.654  1.00 87.48  ? 68  LEU A CD1 1 
ATOM   381  C CD2 . LEU A 1 48  ? -5.675  11.346  -5.748  1.00 78.21  ? 68  LEU A CD2 1 
ATOM   382  N N   . ASP A 1 49  ? -4.396  11.833  -10.384 1.00 82.32  ? 69  ASP A N   1 
ATOM   383  C CA  . ASP A 1 49  ? -3.694  10.890  -11.238 1.00 78.99  ? 69  ASP A CA  1 
ATOM   384  C C   . ASP A 1 49  ? -2.346  10.569  -10.639 1.00 75.89  ? 69  ASP A C   1 
ATOM   385  O O   . ASP A 1 49  ? -1.529  11.473  -10.434 1.00 70.03  ? 69  ASP A O   1 
ATOM   386  C CB  . ASP A 1 49  ? -3.535  11.479  -12.638 1.00 82.20  ? 69  ASP A CB  1 
ATOM   387  C CG  . ASP A 1 49  ? -4.856  11.500  -13.425 1.00 98.71  ? 69  ASP A CG  1 
ATOM   388  O OD1 . ASP A 1 49  ? -5.747  10.652  -13.172 1.00 102.15 ? 69  ASP A OD1 1 
ATOM   389  O OD2 . ASP A 1 49  ? -5.005  12.368  -14.317 1.00 99.72  ? 69  ASP A OD2 1 
ATOM   390  N N   . VAL A 1 50  ? -2.129  9.285   -10.337 1.00 73.17  ? 70  VAL A N   1 
ATOM   391  C CA  . VAL A 1 50  ? -0.907  8.839   -9.644  1.00 78.83  ? 70  VAL A CA  1 
ATOM   392  C C   . VAL A 1 50  ? -0.211  7.707   -10.391 1.00 83.65  ? 70  VAL A C   1 
ATOM   393  O O   . VAL A 1 50  ? -0.875  6.817   -10.932 1.00 84.49  ? 70  VAL A O   1 
ATOM   394  C CB  . VAL A 1 50  ? -1.176  8.373   -8.197  1.00 75.94  ? 70  VAL A CB  1 
ATOM   395  C CG1 . VAL A 1 50  ? 0.114   8.356   -7.396  1.00 63.54  ? 70  VAL A CG1 1 
ATOM   396  C CG2 . VAL A 1 50  ? -2.183  9.275   -7.505  1.00 87.03  ? 70  VAL A CG2 1 
ATOM   397  N N   . THR A 1 51  ? 1.126   7.764   -10.418 1.00 83.37  ? 71  THR A N   1 
ATOM   398  C CA  . THR A 1 51  ? 1.962   6.711   -11.007 1.00 83.14  ? 71  THR A CA  1 
ATOM   399  C C   . THR A 1 51  ? 3.074   6.422   -10.046 1.00 83.85  ? 71  THR A C   1 
ATOM   400  O O   . THR A 1 51  ? 3.745   7.341   -9.525  1.00 72.45  ? 71  THR A O   1 
ATOM   401  C CB  . THR A 1 51  ? 2.578   7.085   -12.371 1.00 81.99  ? 71  THR A CB  1 
ATOM   402  O OG1 . THR A 1 51  ? 1.591   7.707   -13.190 1.00 100.64 ? 71  THR A OG1 1 
ATOM   403  C CG2 . THR A 1 51  ? 3.056   5.858   -13.101 1.00 76.24  ? 71  THR A CG2 1 
ATOM   404  N N   . ILE A 1 52  ? 3.251   5.123   -9.835  1.00 82.06  ? 72  ILE A N   1 
ATOM   405  C CA  . ILE A 1 52  ? 4.114   4.614   -8.807  1.00 86.40  ? 72  ILE A CA  1 
ATOM   406  C C   . ILE A 1 52  ? 5.051   3.662   -9.478  1.00 83.57  ? 72  ILE A C   1 
ATOM   407  O O   . ILE A 1 52  ? 4.592   2.710   -10.129 1.00 73.03  ? 72  ILE A O   1 
ATOM   408  C CB  . ILE A 1 52  ? 3.304   3.849   -7.754  1.00 91.24  ? 72  ILE A CB  1 
ATOM   409  C CG1 . ILE A 1 52  ? 2.343   4.793   -7.046  1.00 96.74  ? 72  ILE A CG1 1 
ATOM   410  C CG2 . ILE A 1 52  ? 4.220   3.250   -6.708  1.00 85.46  ? 72  ILE A CG2 1 
ATOM   411  C CD1 . ILE A 1 52  ? 1.039   4.132   -6.692  1.00 106.48 ? 72  ILE A CD1 1 
ATOM   412  N N   . LYS A 1 53  ? 6.349   3.924   -9.290  1.00 84.37  ? 73  LYS A N   1 
ATOM   413  C CA  . LYS A 1 53  ? 7.428   3.087   -9.826  1.00 92.20  ? 73  LYS A CA  1 
ATOM   414  C C   . LYS A 1 53  ? 7.587   1.866   -8.938  1.00 87.82  ? 73  LYS A C   1 
ATOM   415  O O   . LYS A 1 53  ? 8.080   1.977   -7.795  1.00 78.62  ? 73  LYS A O   1 
ATOM   416  C CB  . LYS A 1 53  ? 8.763   3.863   -9.961  1.00 100.92 ? 73  LYS A CB  1 
ATOM   417  C CG  . LYS A 1 53  ? 8.681   5.107   -10.848 1.00 114.13 ? 73  LYS A CG  1 
ATOM   418  C CD  . LYS A 1 53  ? 9.876   5.278   -11.784 1.00 116.89 ? 73  LYS A CD  1 
ATOM   419  C CE  . LYS A 1 53  ? 9.472   5.898   -13.128 1.00 116.75 ? 73  LYS A CE  1 
ATOM   420  N NZ  . LYS A 1 53  ? 8.529   5.040   -13.918 1.00 103.54 ? 73  LYS A NZ  1 
ATOM   421  N N   . ILE A 1 54  ? 7.157   0.714   -9.470  1.00 78.37  ? 74  ILE A N   1 
ATOM   422  C CA  . ILE A 1 54  ? 7.168   -0.561  -8.730  1.00 81.47  ? 74  ILE A CA  1 
ATOM   423  C C   . ILE A 1 54  ? 8.557   -0.875  -8.163  1.00 86.33  ? 74  ILE A C   1 
ATOM   424  O O   . ILE A 1 54  ? 8.698   -1.290  -7.012  1.00 83.89  ? 74  ILE A O   1 
ATOM   425  C CB  . ILE A 1 54  ? 6.615   -1.732  -9.596  1.00 85.43  ? 74  ILE A CB  1 
ATOM   426  C CG1 . ILE A 1 54  ? 5.094   -1.632  -9.777  1.00 83.19  ? 74  ILE A CG1 1 
ATOM   427  C CG2 . ILE A 1 54  ? 6.964   -3.095  -9.012  1.00 84.33  ? 74  ILE A CG2 1 
ATOM   428  C CD1 . ILE A 1 54  ? 4.331   -1.242  -8.521  1.00 83.85  ? 74  ILE A CD1 1 
ATOM   429  N N   . ALA A 1 55  ? 9.577   -0.628  -8.979  1.00 97.99  ? 75  ALA A N   1 
ATOM   430  C CA  . ALA A 1 55  ? 10.978  -0.732  -8.565  1.00 100.95 ? 75  ALA A CA  1 
ATOM   431  C C   . ALA A 1 55  ? 11.307  -0.068  -7.211  1.00 100.42 ? 75  ALA A C   1 
ATOM   432  O O   . ALA A 1 55  ? 12.246  -0.494  -6.541  1.00 100.32 ? 75  ALA A O   1 
ATOM   433  C CB  . ALA A 1 55  ? 11.881  -0.174  -9.661  1.00 106.68 ? 75  ALA A CB  1 
ATOM   434  N N   . SER A 1 56  ? 10.536  0.949   -6.806  1.00 90.56  ? 76  SER A N   1 
ATOM   435  C CA  . SER A 1 56  ? 10.903  1.744   -5.635  1.00 91.68  ? 76  SER A CA  1 
ATOM   436  C C   . SER A 1 56  ? 10.240  1.282   -4.342  1.00 92.10  ? 76  SER A C   1 
ATOM   437  O O   . SER A 1 56  ? 10.325  1.981   -3.308  1.00 97.49  ? 76  SER A O   1 
ATOM   438  C CB  . SER A 1 56  ? 10.688  3.241   -5.877  1.00 93.90  ? 76  SER A CB  1 
ATOM   439  O OG  . SER A 1 56  ? 9.323   3.541   -6.063  1.00 89.58  ? 76  SER A OG  1 
ATOM   440  N N   . VAL A 1 57  ? 9.603   0.107   -4.406  1.00 77.44  ? 77  VAL A N   1 
ATOM   441  C CA  . VAL A 1 57  ? 9.006   -0.550  -3.237  1.00 81.58  ? 77  VAL A CA  1 
ATOM   442  C C   . VAL A 1 57  ? 9.989   -0.696  -2.052  1.00 91.63  ? 77  VAL A C   1 
ATOM   443  O O   . VAL A 1 57  ? 11.162  -1.022  -2.226  1.00 102.78 ? 77  VAL A O   1 
ATOM   444  C CB  . VAL A 1 57  ? 8.295   -1.892  -3.624  1.00 80.69  ? 77  VAL A CB  1 
ATOM   445  C CG1 . VAL A 1 57  ? 9.260   -2.968  -4.095  1.00 80.71  ? 77  VAL A CG1 1 
ATOM   446  C CG2 . VAL A 1 57  ? 7.441   -2.428  -2.487  1.00 89.85  ? 77  VAL A CG2 1 
ATOM   447  N N   . ASN A 1 58  ? 9.512   -0.411  -0.845  1.00 102.33 ? 78  ASN A N   1 
ATOM   448  C CA  . ASN A 1 58  ? 10.338  -0.549  0.349   1.00 99.83  ? 78  ASN A CA  1 
ATOM   449  C C   . ASN A 1 58  ? 9.538   -1.140  1.502   1.00 97.90  ? 78  ASN A C   1 
ATOM   450  O O   . ASN A 1 58  ? 8.693   -0.474  2.127   1.00 105.65 ? 78  ASN A O   1 
ATOM   451  C CB  . ASN A 1 58  ? 10.964  0.795   0.736   1.00 101.32 ? 78  ASN A CB  1 
ATOM   452  C CG  . ASN A 1 58  ? 11.519  0.790   2.141   1.00 104.06 ? 78  ASN A CG  1 
ATOM   453  O OD1 . ASN A 1 58  ? 12.225  -0.141  2.552   1.00 116.54 ? 78  ASN A OD1 1 
ATOM   454  N ND2 . ASN A 1 58  ? 11.182  1.820   2.899   1.00 110.24 ? 78  ASN A ND2 1 
ATOM   455  N N   . THR A 1 59  ? 9.808   -2.402  1.770   1.00 88.00  ? 79  THR A N   1 
ATOM   456  C CA  . THR A 1 59  ? 9.155   -3.072  2.864   1.00 91.93  ? 79  THR A CA  1 
ATOM   457  C C   . THR A 1 59  ? 10.194  -3.424  3.919   1.00 98.59  ? 79  THR A C   1 
ATOM   458  O O   . THR A 1 59  ? 10.157  -4.521  4.500   1.00 99.15  ? 79  THR A O   1 
ATOM   459  C CB  . THR A 1 59  ? 8.346   -4.296  2.387   1.00 92.85  ? 79  THR A CB  1 
ATOM   460  O OG1 . THR A 1 59  ? 9.176   -5.140  1.589   1.00 97.19  ? 79  THR A OG1 1 
ATOM   461  C CG2 . THR A 1 59  ? 7.180   -3.878  1.552   1.00 94.01  ? 79  THR A CG2 1 
ATOM   462  N N   . GLU A 1 60  ? 11.122  -2.475  4.143   1.00 107.07 ? 80  GLU A N   1 
ATOM   463  C CA  . GLU A 1 60  ? 12.192  -2.540  5.170   1.00 117.91 ? 80  GLU A CA  1 
ATOM   464  C C   . GLU A 1 60  ? 12.996  -3.857  5.304   1.00 131.98 ? 80  GLU A C   1 
ATOM   465  O O   . GLU A 1 60  ? 13.236  -4.349  6.416   1.00 143.24 ? 80  GLU A O   1 
ATOM   466  C CB  . GLU A 1 60  ? 11.663  -2.077  6.542   1.00 122.20 ? 80  GLU A CB  1 
ATOM   467  C CG  . GLU A 1 60  ? 11.295  -0.594  6.646   1.00 134.98 ? 80  GLU A CG  1 
ATOM   468  C CD  . GLU A 1 60  ? 12.268  0.360   5.935   1.00 145.77 ? 80  GLU A CD  1 
ATOM   469  O OE1 . GLU A 1 60  ? 11.891  1.534   5.719   1.00 150.67 ? 80  GLU A OE1 1 
ATOM   470  O OE2 . GLU A 1 60  ? 13.404  -0.038  5.586   1.00 147.86 ? 80  GLU A OE2 1 
ATOM   471  N N   . ASN A 1 61  ? 13.419  -4.404  4.154   1.00 135.85 ? 81  ASN A N   1 
ATOM   472  C CA  . ASN A 1 61  ? 14.040  -5.727  4.040   1.00 118.98 ? 81  ASN A CA  1 
ATOM   473  C C   . ASN A 1 61  ? 14.331  -5.790  2.563   1.00 130.44 ? 81  ASN A C   1 
ATOM   474  O O   . ASN A 1 61  ? 13.384  -5.900  1.742   1.00 148.43 ? 81  ASN A O   1 
ATOM   475  C CB  . ASN A 1 61  ? 13.028  -6.846  4.436   1.00 115.97 ? 81  ASN A CB  1 
ATOM   476  C CG  . ASN A 1 61  ? 13.456  -8.234  3.946   1.00 112.94 ? 81  ASN A CG  1 
ATOM   477  O OD1 . ASN A 1 61  ? 14.518  -8.416  3.357   1.00 118.92 ? 81  ASN A OD1 1 
ATOM   478  N ND2 . ASN A 1 61  ? 12.591  -9.222  4.175   1.00 110.13 ? 81  ASN A ND2 1 
ATOM   479  N N   . GLN A 1 62  ? 15.618  -5.726  2.208   1.00 125.45 ? 82  GLN A N   1 
ATOM   480  C CA  . GLN A 1 62  ? 15.946  -5.634  0.783   1.00 133.87 ? 82  GLN A CA  1 
ATOM   481  C C   . GLN A 1 62  ? 15.682  -6.912  -0.030  1.00 127.99 ? 82  GLN A C   1 
ATOM   482  O O   . GLN A 1 62  ? 15.241  -6.830  -1.191  1.00 140.69 ? 82  GLN A O   1 
ATOM   483  C CB  . GLN A 1 62  ? 17.340  -5.080  0.515   1.00 132.86 ? 82  GLN A CB  1 
ATOM   484  C CG  . GLN A 1 62  ? 17.454  -4.497  -0.896  1.00 140.38 ? 82  GLN A CG  1 
ATOM   485  C CD  . GLN A 1 62  ? 18.627  -3.553  -1.054  1.00 155.76 ? 82  GLN A CD  1 
ATOM   486  O OE1 . GLN A 1 62  ? 18.673  -2.497  -0.416  1.00 153.46 ? 82  GLN A OE1 1 
ATOM   487  N NE2 . GLN A 1 62  ? 19.585  -3.922  -1.913  1.00 164.96 ? 82  GLN A NE2 1 
ATOM   488  N N   . THR A 1 63  ? 15.915  -8.077  0.582   1.00 118.56 ? 83  THR A N   1 
ATOM   489  C CA  . THR A 1 63  ? 15.716  -9.346  -0.132  1.00 125.19 ? 83  THR A CA  1 
ATOM   490  C C   . THR A 1 63  ? 14.240  -9.624  -0.534  1.00 113.31 ? 83  THR A C   1 
ATOM   491  O O   . THR A 1 63  ? 14.005  -10.292 -1.547  1.00 114.98 ? 83  THR A O   1 
ATOM   492  C CB  . THR A 1 63  ? 16.375  -10.555 0.590   1.00 136.37 ? 83  THR A CB  1 
ATOM   493  O OG1 . THR A 1 63  ? 15.776  -10.737 1.878   1.00 170.23 ? 83  THR A OG1 1 
ATOM   494  C CG2 . THR A 1 63  ? 17.900  -10.353 0.766   1.00 132.72 ? 83  THR A CG2 1 
ATOM   495  N N   . ARG A 1 64  ? 13.263  -9.094  0.224   1.00 112.84 ? 84  ARG A N   1 
ATOM   496  C CA  . ARG A 1 64  ? 11.815  -9.244  -0.114  1.00 117.23 ? 84  ARG A CA  1 
ATOM   497  C C   . ARG A 1 64  ? 11.364  -8.277  -1.217  1.00 112.24 ? 84  ARG A C   1 
ATOM   498  O O   . ARG A 1 64  ? 10.599  -8.661  -2.101  1.00 102.42 ? 84  ARG A O   1 
ATOM   499  C CB  . ARG A 1 64  ? 10.896  -9.078  1.115   1.00 122.07 ? 84  ARG A CB  1 
ATOM   500  C CG  . ARG A 1 64  ? 9.523   -9.782  1.007   1.00 119.69 ? 84  ARG A CG  1 
ATOM   501  C CD  . ARG A 1 64  ? 8.386   -8.980  1.641   1.00 108.14 ? 84  ARG A CD  1 
ATOM   502  N NE  . ARG A 1 64  ? 8.389   -8.936  3.125   1.00 115.82 ? 84  ARG A NE  1 
ATOM   503  C CZ  . ARG A 1 64  ? 8.876   -7.929  3.876   1.00 109.49 ? 84  ARG A CZ  1 
ATOM   504  N NH1 . ARG A 1 64  ? 9.417   -6.859  3.313   1.00 107.85 ? 84  ARG A NH1 1 
ATOM   505  N NH2 . ARG A 1 64  ? 8.805   -7.979  5.205   1.00 99.09  ? 84  ARG A NH2 1 
ATOM   506  N N   . ASP A 1 65  ? 11.833  -7.027  -1.143  1.00 109.21 ? 85  ASP A N   1 
ATOM   507  C CA  . ASP A 1 65  ? 11.616  -6.005  -2.187  1.00 108.57 ? 85  ASP A CA  1 
ATOM   508  C C   . ASP A 1 65  ? 12.049  -6.487  -3.611  1.00 108.31 ? 85  ASP A C   1 
ATOM   509  O O   . ASP A 1 65  ? 11.256  -6.431  -4.555  1.00 106.75 ? 85  ASP A O   1 
ATOM   510  C CB  . ASP A 1 65  ? 12.292  -4.671  -1.792  1.00 109.53 ? 85  ASP A CB  1 
ATOM   511  C CG  . ASP A 1 65  ? 11.750  -4.078  -0.478  1.00 108.98 ? 85  ASP A CG  1 
ATOM   512  O OD1 . ASP A 1 65  ? 10.522  -4.133  -0.257  1.00 117.04 ? 85  ASP A OD1 1 
ATOM   513  O OD2 . ASP A 1 65  ? 12.564  -3.550  0.331   1.00 110.52 ? 85  ASP A OD2 1 
ATOM   514  N N   . ASN A 1 66  ? 13.285  -6.982  -3.745  1.00 104.75 ? 86  ASN A N   1 
ATOM   515  C CA  . ASN A 1 66  ? 13.736  -7.695  -4.953  1.00 100.99 ? 86  ASN A CA  1 
ATOM   516  C C   . ASN A 1 66  ? 12.737  -8.784  -5.326  1.00 94.03  ? 86  ASN A C   1 
ATOM   517  O O   . ASN A 1 66  ? 12.193  -8.784  -6.432  1.00 93.96  ? 86  ASN A O   1 
ATOM   518  C CB  . ASN A 1 66  ? 15.128  -8.332  -4.766  1.00 110.13 ? 86  ASN A CB  1 
ATOM   519  C CG  . ASN A 1 66  ? 16.207  -7.326  -4.372  1.00 121.80 ? 86  ASN A CG  1 
ATOM   520  O OD1 . ASN A 1 66  ? 15.994  -6.100  -4.345  1.00 127.75 ? 86  ASN A OD1 1 
ATOM   521  N ND2 . ASN A 1 66  ? 17.383  -7.854  -4.051  1.00 119.10 ? 86  ASN A ND2 1 
ATOM   522  N N   . HIS A 1 67  ? 12.456  -9.687  -4.390  1.00 86.22  ? 87  HIS A N   1 
ATOM   523  C CA  . HIS A 1 67  ? 11.532  -10.756 -4.689  1.00 93.98  ? 87  HIS A CA  1 
ATOM   524  C C   . HIS A 1 67  ? 10.198  -10.232 -5.264  1.00 98.58  ? 87  HIS A C   1 
ATOM   525  O O   . HIS A 1 67  ? 9.548   -10.922 -6.063  1.00 94.82  ? 87  HIS A O   1 
ATOM   526  C CB  . HIS A 1 67  ? 11.330  -11.714 -3.501  1.00 100.03 ? 87  HIS A CB  1 
ATOM   527  C CG  . HIS A 1 67  ? 10.782  -13.041 -3.923  1.00 121.18 ? 87  HIS A CG  1 
ATOM   528  N ND1 . HIS A 1 67  ? 9.486   -13.434 -3.660  1.00 126.83 ? 87  HIS A ND1 1 
ATOM   529  C CD2 . HIS A 1 67  ? 11.328  -14.031 -4.672  1.00 131.14 ? 87  HIS A CD2 1 
ATOM   530  C CE1 . HIS A 1 67  ? 9.268   -14.622 -4.196  1.00 129.67 ? 87  HIS A CE1 1 
ATOM   531  N NE2 . HIS A 1 67  ? 10.369  -15.004 -4.821  1.00 136.51 ? 87  HIS A NE2 1 
ATOM   532  N N   . LEU A 1 68  ? 9.836   -8.998  -4.894  1.00 101.97 ? 88  LEU A N   1 
ATOM   533  C CA  . LEU A 1 68  ? 8.537   -8.413  -5.255  1.00 102.94 ? 88  LEU A CA  1 
ATOM   534  C C   . LEU A 1 68  ? 8.398   -8.108  -6.742  1.00 111.85 ? 88  LEU A C   1 
ATOM   535  O O   . LEU A 1 68  ? 7.297   -8.259  -7.338  1.00 95.35  ? 88  LEU A O   1 
ATOM   536  C CB  . LEU A 1 68  ? 8.255   -7.173  -4.406  1.00 94.83  ? 88  LEU A CB  1 
ATOM   537  C CG  . LEU A 1 68  ? 7.681   -7.484  -3.007  1.00 86.62  ? 88  LEU A CG  1 
ATOM   538  C CD1 . LEU A 1 68  ? 7.528   -6.213  -2.178  1.00 81.34  ? 88  LEU A CD1 1 
ATOM   539  C CD2 . LEU A 1 68  ? 6.366   -8.266  -3.078  1.00 74.20  ? 88  LEU A CD2 1 
ATOM   540  N N   . GLN A 1 69  ? 9.541   -7.718  -7.312  1.00 102.87 ? 89  GLN A N   1 
ATOM   541  C CA  . GLN A 1 69  ? 9.712   -7.463  -8.743  1.00 90.28  ? 89  GLN A CA  1 
ATOM   542  C C   . GLN A 1 69  ? 9.575   -8.711  -9.652  1.00 83.54  ? 89  GLN A C   1 
ATOM   543  O O   . GLN A 1 69  ? 9.179   -8.572  -10.805 1.00 88.80  ? 89  GLN A O   1 
ATOM   544  C CB  . GLN A 1 69  ? 11.034  -6.751  -8.987  1.00 78.09  ? 89  GLN A CB  1 
ATOM   545  C CG  . GLN A 1 69  ? 11.524  -5.913  -7.807  1.00 84.14  ? 89  GLN A CG  1 
ATOM   546  C CD  . GLN A 1 69  ? 11.095  -4.456  -7.844  1.00 98.25  ? 89  GLN A CD  1 
ATOM   547  O OE1 . GLN A 1 69  ? 10.377  -4.027  -8.731  1.00 115.06 ? 89  GLN A OE1 1 
ATOM   548  N NE2 . GLN A 1 69  ? 11.543  -3.687  -6.867  1.00 99.51  ? 89  GLN A NE2 1 
ATOM   549  N N   . GLN A 1 70  ? 9.864   -9.906  -9.128  1.00 84.40  ? 90  GLN A N   1 
ATOM   550  C CA  . GLN A 1 70  ? 9.801   -11.193 -9.890  1.00 93.95  ? 90  GLN A CA  1 
ATOM   551  C C   . GLN A 1 70  ? 8.399   -11.592 -10.415 1.00 80.33  ? 90  GLN A C   1 
ATOM   552  O O   . GLN A 1 70  ? 7.429   -10.999 -10.015 1.00 81.06  ? 90  GLN A O   1 
ATOM   553  C CB  . GLN A 1 70  ? 10.416  -12.363 -9.068  1.00 109.16 ? 90  GLN A CB  1 
ATOM   554  C CG  . GLN A 1 70  ? 11.729  -12.103 -8.305  1.00 119.62 ? 90  GLN A CG  1 
ATOM   555  C CD  . GLN A 1 70  ? 12.804  -11.336 -9.086  1.00 126.19 ? 90  GLN A CD  1 
ATOM   556  O OE1 . GLN A 1 70  ? 13.070  -11.605 -10.265 1.00 128.30 ? 90  GLN A OE1 1 
ATOM   557  N NE2 . GLN A 1 70  ? 13.442  -10.379 -8.413  1.00 122.02 ? 90  GLN A NE2 1 
ATOM   558  N N   . ASP A 1 71  ? 8.318   -12.611 -11.279 1.00 87.43  ? 91  ASP A N   1 
ATOM   559  C CA  . ASP A 1 71  ? 7.083   -13.020 -12.004 1.00 104.30 ? 91  ASP A CA  1 
ATOM   560  C C   . ASP A 1 71  ? 5.895   -13.407 -11.151 1.00 108.46 ? 91  ASP A C   1 
ATOM   561  O O   . ASP A 1 71  ? 4.737   -13.285 -11.590 1.00 125.01 ? 91  ASP A O   1 
ATOM   562  C CB  . ASP A 1 71  ? 7.342   -14.201 -12.966 1.00 117.15 ? 91  ASP A CB  1 
ATOM   563  C CG  . ASP A 1 71  ? 8.403   -13.903 -14.020 1.00 146.87 ? 91  ASP A CG  1 
ATOM   564  O OD1 . ASP A 1 71  ? 8.937   -12.763 -14.099 1.00 169.22 ? 91  ASP A OD1 1 
ATOM   565  O OD2 . ASP A 1 71  ? 8.703   -14.841 -14.787 1.00 159.89 ? 91  ASP A OD2 1 
ATOM   566  N N   . ASP A 1 72  ? 6.186   -13.906 -9.952  1.00 113.49 ? 92  ASP A N   1 
ATOM   567  C CA  . ASP A 1 72  ? 5.163   -14.431 -9.044  1.00 117.36 ? 92  ASP A CA  1 
ATOM   568  C C   . ASP A 1 72  ? 4.478   -13.313 -8.224  1.00 107.03 ? 92  ASP A C   1 
ATOM   569  O O   . ASP A 1 72  ? 3.582   -13.591 -7.417  1.00 96.21  ? 92  ASP A O   1 
ATOM   570  C CB  . ASP A 1 72  ? 5.753   -15.562 -8.165  1.00 117.07 ? 92  ASP A CB  1 
ATOM   571  C CG  . ASP A 1 72  ? 7.126   -15.205 -7.536  1.00 125.34 ? 92  ASP A CG  1 
ATOM   572  O OD1 . ASP A 1 72  ? 7.710   -14.118 -7.804  1.00 117.37 ? 92  ASP A OD1 1 
ATOM   573  O OD2 . ASP A 1 72  ? 7.632   -16.042 -6.758  1.00 125.69 ? 92  ASP A OD2 1 
ATOM   574  N N   . PHE A 1 73  ? 4.927   -12.068 -8.468  1.00 103.05 ? 93  PHE A N   1 
ATOM   575  C CA  . PHE A 1 73  ? 4.400   -10.808 -7.899  1.00 89.94  ? 93  PHE A CA  1 
ATOM   576  C C   . PHE A 1 73  ? 4.201   -9.722  -8.947  1.00 82.43  ? 93  PHE A C   1 
ATOM   577  O O   . PHE A 1 73  ? 3.219   -9.803  -9.740  1.00 68.69  ? 93  PHE A O   1 
ATOM   578  C CB  . PHE A 1 73  ? 5.285   -10.299 -6.753  1.00 97.25  ? 93  PHE A CB  1 
ATOM   579  C CG  . PHE A 1 73  ? 5.206   -11.168 -5.550  1.00 123.48 ? 93  PHE A CG  1 
ATOM   580  C CD1 . PHE A 1 73  ? 4.094   -11.107 -4.708  1.00 116.17 ? 93  PHE A CD1 1 
ATOM   581  C CD2 . PHE A 1 73  ? 6.192   -12.125 -5.301  1.00 133.42 ? 93  PHE A CD2 1 
ATOM   582  C CE1 . PHE A 1 73  ? 3.991   -11.956 -3.619  1.00 123.17 ? 93  PHE A CE1 1 
ATOM   583  C CE2 . PHE A 1 73  ? 6.089   -12.982 -4.210  1.00 123.17 ? 93  PHE A CE2 1 
ATOM   584  C CZ  . PHE A 1 73  ? 4.988   -12.893 -3.367  1.00 122.48 ? 93  PHE A CZ  1 
ATOM   585  N N   . PHE A 1 74  ? 5.131   -8.746  -8.957  1.00 72.68  ? 94  PHE A N   1 
ATOM   586  C CA  . PHE A 1 74  ? 4.983   -7.510  -9.752  1.00 88.43  ? 94  PHE A CA  1 
ATOM   587  C C   . PHE A 1 74  ? 5.253   -7.542  -11.267 1.00 95.42  ? 94  PHE A C   1 
ATOM   588  O O   . PHE A 1 74  ? 4.608   -6.793  -12.010 1.00 108.00 ? 94  PHE A O   1 
ATOM   589  C CB  . PHE A 1 74  ? 5.730   -6.327  -9.120  1.00 88.98  ? 94  PHE A CB  1 
ATOM   590  C CG  . PHE A 1 74  ? 4.930   -5.580  -8.089  1.00 101.46 ? 94  PHE A CG  1 
ATOM   591  C CD1 . PHE A 1 74  ? 3.672   -5.016  -8.408  1.00 102.48 ? 94  PHE A CD1 1 
ATOM   592  C CD2 . PHE A 1 74  ? 5.432   -5.405  -6.793  1.00 99.94  ? 94  PHE A CD2 1 
ATOM   593  C CE1 . PHE A 1 74  ? 2.926   -4.321  -7.448  1.00 89.58  ? 94  PHE A CE1 1 
ATOM   594  C CE2 . PHE A 1 74  ? 4.691   -4.702  -5.835  1.00 96.96  ? 94  PHE A CE2 1 
ATOM   595  C CZ  . PHE A 1 74  ? 3.442   -4.158  -6.166  1.00 91.39  ? 94  PHE A CZ  1 
ATOM   596  N N   . LYS A 1 75  ? 6.203   -8.383  -11.699 1.00 89.39  ? 95  LYS A N   1 
ATOM   597  C CA  . LYS A 1 75  ? 6.721   -8.463  -13.090 1.00 84.28  ? 95  LYS A CA  1 
ATOM   598  C C   . LYS A 1 75  ? 7.248   -7.109  -13.566 1.00 83.98  ? 95  LYS A C   1 
ATOM   599  O O   . LYS A 1 75  ? 6.971   -6.685  -14.686 1.00 89.90  ? 95  LYS A O   1 
ATOM   600  C CB  . LYS A 1 75  ? 5.699   -9.066  -14.081 1.00 88.35  ? 95  LYS A CB  1 
ATOM   601  C CG  . LYS A 1 75  ? 4.901   -10.245 -13.544 1.00 94.86  ? 95  LYS A CG  1 
ATOM   602  C CD  . LYS A 1 75  ? 3.583   -10.429 -14.268 1.00 108.26 ? 95  LYS A CD  1 
ATOM   603  C CE  . LYS A 1 75  ? 2.665   -11.355 -13.487 1.00 112.16 ? 95  LYS A CE  1 
ATOM   604  N NZ  . LYS A 1 75  ? 1.738   -12.088 -14.393 1.00 120.58 ? 95  LYS A NZ  1 
ATOM   605  N N   . ALA A 1 76  ? 8.020   -6.450  -12.699 1.00 80.83  ? 96  ALA A N   1 
ATOM   606  C CA  . ALA A 1 76  ? 8.523   -5.078  -12.905 1.00 88.79  ? 96  ALA A CA  1 
ATOM   607  C C   . ALA A 1 76  ? 9.289   -4.822  -14.206 1.00 99.29  ? 96  ALA A C   1 
ATOM   608  O O   . ALA A 1 76  ? 9.348   -3.674  -14.672 1.00 100.17 ? 96  ALA A O   1 
ATOM   609  C CB  . ALA A 1 76  ? 9.388   -4.669  -11.729 1.00 93.38  ? 96  ALA A CB  1 
ATOM   610  N N   . LYS A 1 77  ? 9.921   -5.875  -14.741 1.00 105.10 ? 97  LYS A N   1 
ATOM   611  C CA  . LYS A 1 77  ? 10.548  -5.829  -16.056 1.00 95.86  ? 97  LYS A CA  1 
ATOM   612  C C   . LYS A 1 77  ? 9.447   -5.428  -17.048 1.00 93.99  ? 97  LYS A C   1 
ATOM   613  O O   . LYS A 1 77  ? 9.468   -4.289  -17.526 1.00 96.02  ? 97  LYS A O   1 
ATOM   614  C CB  . LYS A 1 77  ? 11.229  -7.164  -16.412 1.00 91.51  ? 97  LYS A CB  1 
ATOM   615  N N   . LYS A 1 78  ? 8.467   -6.320  -17.279 1.00 83.39  ? 98  LYS A N   1 
ATOM   616  C CA  . LYS A 1 78  ? 7.311   -6.085  -18.187 1.00 74.08  ? 98  LYS A CA  1 
ATOM   617  C C   . LYS A 1 78  ? 6.412   -4.907  -17.772 1.00 86.06  ? 98  LYS A C   1 
ATOM   618  O O   . LYS A 1 78  ? 5.999   -4.125  -18.636 1.00 105.09 ? 98  LYS A O   1 
ATOM   619  C CB  . LYS A 1 78  ? 6.481   -7.367  -18.343 1.00 68.66  ? 98  LYS A CB  1 
ATOM   620  C CG  . LYS A 1 78  ? 5.456   -7.422  -19.479 1.00 65.03  ? 98  LYS A CG  1 
ATOM   621  C CD  . LYS A 1 78  ? 5.189   -8.878  -19.896 1.00 69.53  ? 98  LYS A CD  1 
ATOM   622  C CE  . LYS A 1 78  ? 3.908   -9.027  -20.712 1.00 85.91  ? 98  LYS A CE  1 
ATOM   623  N NZ  . LYS A 1 78  ? 3.710   -10.248 -21.569 1.00 95.15  ? 98  LYS A NZ  1 
ATOM   624  N N   . TYR A 1 79  ? 6.121   -4.767  -16.471 1.00 82.85  ? 99  TYR A N   1 
ATOM   625  C CA  . TYR A 1 79  ? 5.201   -3.724  -15.994 1.00 72.20  ? 99  TYR A CA  1 
ATOM   626  C C   . TYR A 1 79  ? 5.859   -2.880  -14.907 1.00 72.67  ? 99  TYR A C   1 
ATOM   627  O O   . TYR A 1 79  ? 5.704   -3.142  -13.725 1.00 82.46  ? 99  TYR A O   1 
ATOM   628  C CB  . TYR A 1 79  ? 3.880   -4.318  -15.517 1.00 59.50  ? 99  TYR A CB  1 
ATOM   629  C CG  . TYR A 1 79  ? 3.258   -5.383  -16.407 1.00 65.15  ? 99  TYR A CG  1 
ATOM   630  C CD1 . TYR A 1 79  ? 2.340   -5.055  -17.440 1.00 70.66  ? 99  TYR A CD1 1 
ATOM   631  C CD2 . TYR A 1 79  ? 3.540   -6.728  -16.200 1.00 69.65  ? 99  TYR A CD2 1 
ATOM   632  C CE1 . TYR A 1 79  ? 1.729   -6.049  -18.240 1.00 68.65  ? 99  TYR A CE1 1 
ATOM   633  C CE2 . TYR A 1 79  ? 2.937   -7.730  -16.982 1.00 81.87  ? 99  TYR A CE2 1 
ATOM   634  C CZ  . TYR A 1 79  ? 2.043   -7.394  -18.005 1.00 79.47  ? 99  TYR A CZ  1 
ATOM   635  O OH  . TYR A 1 79  ? 1.491   -8.429  -18.754 1.00 84.73  ? 99  TYR A OH  1 
ATOM   636  N N   . PRO A 1 80  ? 6.609   -1.856  -15.307 1.00 81.02  ? 100 PRO A N   1 
ATOM   637  C CA  . PRO A 1 80  ? 7.473   -1.082  -14.384 1.00 87.54  ? 100 PRO A CA  1 
ATOM   638  C C   . PRO A 1 80  ? 6.745   -0.136  -13.425 1.00 87.36  ? 100 PRO A C   1 
ATOM   639  O O   . PRO A 1 80  ? 7.337   0.343   -12.424 1.00 87.17  ? 100 PRO A O   1 
ATOM   640  C CB  . PRO A 1 80  ? 8.336   -0.257  -15.335 1.00 81.77  ? 100 PRO A CB  1 
ATOM   641  C CG  . PRO A 1 80  ? 7.448   -0.053  -16.517 1.00 85.22  ? 100 PRO A CG  1 
ATOM   642  C CD  . PRO A 1 80  ? 6.662   -1.330  -16.680 1.00 79.39  ? 100 PRO A CD  1 
ATOM   643  N N   . ASP A 1 81  ? 5.493   0.171   -13.742 1.00 83.36  ? 101 ASP A N   1 
ATOM   644  C CA  . ASP A 1 81  ? 4.758   1.071   -12.879 1.00 90.10  ? 101 ASP A CA  1 
ATOM   645  C C   . ASP A 1 81  ? 3.300   0.709   -12.663 1.00 84.52  ? 101 ASP A C   1 
ATOM   646  O O   . ASP A 1 81  ? 2.707   0.015   -13.497 1.00 73.40  ? 101 ASP A O   1 
ATOM   647  C CB  . ASP A 1 81  ? 4.998   2.572   -13.213 1.00 101.63 ? 101 ASP A CB  1 
ATOM   648  C CG  . ASP A 1 81  ? 5.079   2.881   -14.708 1.00 94.29  ? 101 ASP A CG  1 
ATOM   649  O OD1 . ASP A 1 81  ? 4.330   2.302   -15.527 1.00 100.27 ? 101 ASP A OD1 1 
ATOM   650  O OD2 . ASP A 1 81  ? 5.890   3.767   -15.040 1.00 86.54  ? 101 ASP A OD2 1 
ATOM   651  N N   . MET A 1 82  ? 2.765   1.113   -11.503 1.00 85.83  ? 102 MET A N   1 
ATOM   652  C CA  . MET A 1 82  ? 1.332   1.034   -11.246 1.00 88.31  ? 102 MET A CA  1 
ATOM   653  C C   . MET A 1 82  ? 0.736   2.434   -11.180 1.00 85.56  ? 102 MET A C   1 
ATOM   654  O O   . MET A 1 82  ? 1.390   3.404   -10.724 1.00 74.46  ? 102 MET A O   1 
ATOM   655  C CB  . MET A 1 82  ? 0.968   0.141   -10.038 1.00 91.90  ? 102 MET A CB  1 
ATOM   656  C CG  . MET A 1 82  ? 1.131   0.761   -8.649  1.00 97.65  ? 102 MET A CG  1 
ATOM   657  S SD  . MET A 1 82  ? 0.606   -0.314  -7.277  1.00 93.74  ? 102 MET A SD  1 
ATOM   658  C CE  . MET A 1 82  ? -1.052  -0.711  -7.776  1.00 90.53  ? 102 MET A CE  1 
ATOM   659  N N   . THR A 1 83  ? -0.504  2.505   -11.667 1.00 83.09  ? 103 THR A N   1 
ATOM   660  C CA  . THR A 1 83  ? -1.217  3.764   -11.886 1.00 86.10  ? 103 THR A CA  1 
ATOM   661  C C   . THR A 1 83  ? -2.612  3.854   -11.248 1.00 89.81  ? 103 THR A C   1 
ATOM   662  O O   . THR A 1 83  ? -3.406  2.883   -11.250 1.00 83.45  ? 103 THR A O   1 
ATOM   663  C CB  . THR A 1 83  ? -1.437  4.017   -13.376 1.00 81.76  ? 103 THR A CB  1 
ATOM   664  O OG1 . THR A 1 83  ? -1.950  2.816   -13.966 1.00 81.04  ? 103 THR A OG1 1 
ATOM   665  C CG2 . THR A 1 83  ? -0.156  4.406   -14.034 1.00 79.47  ? 103 THR A CG2 1 
ATOM   666  N N   . PHE A 1 84  ? -2.892  5.046   -10.725 1.00 84.83  ? 104 PHE A N   1 
ATOM   667  C CA  . PHE A 1 84  ? -4.212  5.387   -10.267 1.00 79.64  ? 104 PHE A CA  1 
ATOM   668  C C   . PHE A 1 84  ? -4.765  6.628   -10.947 1.00 78.27  ? 104 PHE A C   1 
ATOM   669  O O   . PHE A 1 84  ? -4.138  7.697   -10.915 1.00 83.01  ? 104 PHE A O   1 
ATOM   670  C CB  . PHE A 1 84  ? -4.265  5.606   -8.761  1.00 79.84  ? 104 PHE A CB  1 
ATOM   671  C CG  . PHE A 1 84  ? -5.625  5.960   -8.317  1.00 80.58  ? 104 PHE A CG  1 
ATOM   672  C CD1 . PHE A 1 84  ? -6.648  4.983   -8.371  1.00 82.42  ? 104 PHE A CD1 1 
ATOM   673  C CD2 . PHE A 1 84  ? -5.940  7.280   -7.983  1.00 74.02  ? 104 PHE A CD2 1 
ATOM   674  C CE1 . PHE A 1 84  ? -7.951  5.298   -8.024  1.00 73.83  ? 104 PHE A CE1 1 
ATOM   675  C CE2 . PHE A 1 84  ? -7.242  7.607   -7.637  1.00 73.48  ? 104 PHE A CE2 1 
ATOM   676  C CZ  . PHE A 1 84  ? -8.244  6.612   -7.659  1.00 80.30  ? 104 PHE A CZ  1 
ATOM   677  N N   . THR A 1 85  ? -5.971  6.481   -11.489 1.00 70.06  ? 105 THR A N   1 
ATOM   678  C CA  . THR A 1 85  ? -6.674  7.545   -12.194 1.00 72.36  ? 105 THR A CA  1 
ATOM   679  C C   . THR A 1 85  ? -8.061  7.814   -11.641 1.00 73.28  ? 105 THR A C   1 
ATOM   680  O O   . THR A 1 85  ? -8.958  6.983   -11.842 1.00 73.34  ? 105 THR A O   1 
ATOM   681  C CB  . THR A 1 85  ? -6.856  7.141   -13.660 1.00 78.99  ? 105 THR A CB  1 
ATOM   682  O OG1 . THR A 1 85  ? -5.566  6.961   -14.231 1.00 98.76  ? 105 THR A OG1 1 
ATOM   683  C CG2 . THR A 1 85  ? -7.628  8.204   -14.471 1.00 75.50  ? 105 THR A CG2 1 
ATOM   684  N N   . MET A 1 86  ? -8.258  8.981   -11.012 1.00 70.02  ? 106 MET A N   1 
ATOM   685  C CA  . MET A 1 86  ? -9.597  9.369   -10.536 1.00 71.53  ? 106 MET A CA  1 
ATOM   686  C C   . MET A 1 86  ? -10.668 9.524   -11.629 1.00 72.41  ? 106 MET A C   1 
ATOM   687  O O   . MET A 1 86  ? -10.482 10.259  -12.575 1.00 83.15  ? 106 MET A O   1 
ATOM   688  C CB  . MET A 1 86  ? -9.534  10.640  -9.721  1.00 72.26  ? 106 MET A CB  1 
ATOM   689  C CG  . MET A 1 86  ? -10.814 10.822  -8.913  1.00 75.45  ? 106 MET A CG  1 
ATOM   690  S SD  . MET A 1 86  ? -10.851 12.431  -8.136  1.00 74.10  ? 106 MET A SD  1 
ATOM   691  C CE  . MET A 1 86  ? -11.489 13.342  -9.527  1.00 73.10  ? 106 MET A CE  1 
ATOM   692  N N   . LYS A 1 87  ? -11.789 8.836   -11.481 1.00 74.31  ? 107 LYS A N   1 
ATOM   693  C CA  . LYS A 1 87  ? -12.893 8.950   -12.424 1.00 75.66  ? 107 LYS A CA  1 
ATOM   694  C C   . LYS A 1 87  ? -14.073 9.734   -11.856 1.00 81.94  ? 107 LYS A C   1 
ATOM   695  O O   . LYS A 1 87  ? -14.925 10.187  -12.625 1.00 95.76  ? 107 LYS A O   1 
ATOM   696  C CB  . LYS A 1 87  ? -13.375 7.580   -12.885 1.00 73.86  ? 107 LYS A CB  1 
ATOM   697  C CG  . LYS A 1 87  ? -12.456 6.912   -13.894 1.00 87.07  ? 107 LYS A CG  1 
ATOM   698  C CD  . LYS A 1 87  ? -12.920 5.481   -14.179 1.00 100.58 ? 107 LYS A CD  1 
ATOM   699  C CE  . LYS A 1 87  ? -13.806 5.373   -15.415 1.00 103.96 ? 107 LYS A CE  1 
ATOM   700  N NZ  . LYS A 1 87  ? -14.638 4.136   -15.375 1.00 102.38 ? 107 LYS A NZ  1 
ATOM   701  N N   . LYS A 1 88  ? -14.112 9.908   -10.527 1.00 84.36  ? 108 LYS A N   1 
ATOM   702  C CA  . LYS A 1 88  ? -15.297 10.416  -9.780  1.00 78.86  ? 108 LYS A CA  1 
ATOM   703  C C   . LYS A 1 88  ? -14.862 10.805  -8.365  1.00 76.77  ? 108 LYS A C   1 
ATOM   704  O O   . LYS A 1 88  ? -14.121 10.069  -7.714  1.00 92.21  ? 108 LYS A O   1 
ATOM   705  C CB  . LYS A 1 88  ? -16.347 9.312   -9.677  1.00 77.63  ? 108 LYS A CB  1 
ATOM   706  C CG  . LYS A 1 88  ? -17.812 9.675   -9.768  1.00 78.44  ? 108 LYS A CG  1 
ATOM   707  C CD  . LYS A 1 88  ? -18.586 8.374   -9.495  1.00 94.02  ? 108 LYS A CD  1 
ATOM   708  C CE  . LYS A 1 88  ? -20.052 8.402   -9.920  1.00 99.16  ? 108 LYS A CE  1 
ATOM   709  N NZ  . LYS A 1 88  ? -20.292 8.018   -11.346 1.00 114.21 ? 108 LYS A NZ  1 
ATOM   710  N N   . TYR A 1 89  ? -15.296 11.968  -7.900  1.00 74.89  ? 109 TYR A N   1 
ATOM   711  C CA  . TYR A 1 89  ? -15.246 12.271  -6.478  1.00 72.23  ? 109 TYR A CA  1 
ATOM   712  C C   . TYR A 1 89  ? -16.640 12.602  -6.027  1.00 79.01  ? 109 TYR A C   1 
ATOM   713  O O   . TYR A 1 89  ? -17.278 13.520  -6.559  1.00 98.21  ? 109 TYR A O   1 
ATOM   714  C CB  . TYR A 1 89  ? -14.332 13.426  -6.188  1.00 66.90  ? 109 TYR A CB  1 
ATOM   715  C CG  . TYR A 1 89  ? -14.226 13.747  -4.727  1.00 70.78  ? 109 TYR A CG  1 
ATOM   716  C CD1 . TYR A 1 89  ? -13.356 13.029  -3.879  1.00 72.28  ? 109 TYR A CD1 1 
ATOM   717  C CD2 . TYR A 1 89  ? -14.959 14.802  -4.182  1.00 74.84  ? 109 TYR A CD2 1 
ATOM   718  C CE1 . TYR A 1 89  ? -13.230 13.370  -2.520  1.00 72.72  ? 109 TYR A CE1 1 
ATOM   719  C CE2 . TYR A 1 89  ? -14.851 15.137  -2.824  1.00 75.13  ? 109 TYR A CE2 1 
ATOM   720  C CZ  . TYR A 1 89  ? -13.989 14.429  -1.996  1.00 69.75  ? 109 TYR A CZ  1 
ATOM   721  O OH  . TYR A 1 89  ? -13.920 14.802  -0.670  1.00 68.38  ? 109 TYR A OH  1 
ATOM   722  N N   . GLU A 1 90  ? -17.127 11.831  -5.067  1.00 75.95  ? 110 GLU A N   1 
ATOM   723  C CA  . GLU A 1 90  ? -18.453 12.064  -4.503  1.00 73.39  ? 110 GLU A CA  1 
ATOM   724  C C   . GLU A 1 90  ? -18.272 12.644  -3.105  1.00 78.47  ? 110 GLU A C   1 
ATOM   725  O O   . GLU A 1 90  ? -17.716 11.971  -2.204  1.00 75.18  ? 110 GLU A O   1 
ATOM   726  C CB  . GLU A 1 90  ? -19.291 10.795  -4.508  1.00 60.78  ? 110 GLU A CB  1 
ATOM   727  C CG  . GLU A 1 90  ? -19.456 10.228  -5.900  1.00 60.74  ? 110 GLU A CG  1 
ATOM   728  C CD  . GLU A 1 90  ? -20.148 8.876   -5.907  1.00 70.92  ? 110 GLU A CD  1 
ATOM   729  O OE1 . GLU A 1 90  ? -21.319 8.837   -6.375  1.00 70.63  ? 110 GLU A OE1 1 
ATOM   730  O OE2 . GLU A 1 90  ? -19.537 7.857   -5.450  1.00 71.58  ? 110 GLU A OE2 1 
ATOM   731  N N   . LYS A 1 91  ? -18.686 13.910  -2.952  1.00 77.89  ? 111 LYS A N   1 
ATOM   732  C CA  . LYS A 1 91  ? -18.484 14.651  -1.701  1.00 79.34  ? 111 LYS A CA  1 
ATOM   733  C C   . LYS A 1 91  ? -19.425 14.149  -0.595  1.00 81.56  ? 111 LYS A C   1 
ATOM   734  O O   . LYS A 1 91  ? -20.622 13.890  -0.856  1.00 84.78  ? 111 LYS A O   1 
ATOM   735  C CB  . LYS A 1 91  ? -18.667 16.158  -1.907  1.00 75.86  ? 111 LYS A CB  1 
ATOM   736  C CG  . LYS A 1 91  ? -17.973 16.992  -0.837  1.00 78.91  ? 111 LYS A CG  1 
ATOM   737  C CD  . LYS A 1 91  ? -18.886 18.053  -0.229  1.00 81.75  ? 111 LYS A CD  1 
ATOM   738  C CE  . LYS A 1 91  ? -18.689 19.454  -0.821  1.00 83.44  ? 111 LYS A CE  1 
ATOM   739  N NZ  . LYS A 1 91  ? -18.558 20.524  0.231   1.00 74.61  ? 111 LYS A NZ  1 
ATOM   740  N N   . ILE A 1 92  ? -18.885 13.985  0.619   1.00 70.88  ? 112 ILE A N   1 
ATOM   741  C CA  . ILE A 1 92  ? -19.730 13.673  1.766   1.00 68.72  ? 112 ILE A CA  1 
ATOM   742  C C   . ILE A 1 92  ? -19.953 14.952  2.546   1.00 68.82  ? 112 ILE A C   1 
ATOM   743  O O   . ILE A 1 92  ? -21.071 15.388  2.679   1.00 72.43  ? 112 ILE A O   1 
ATOM   744  C CB  . ILE A 1 92  ? -19.201 12.488  2.605   1.00 70.74  ? 112 ILE A CB  1 
ATOM   745  C CG1 . ILE A 1 92  ? -19.542 11.177  1.892   1.00 63.95  ? 112 ILE A CG1 1 
ATOM   746  C CG2 . ILE A 1 92  ? -19.790 12.476  4.022   1.00 66.42  ? 112 ILE A CG2 1 
ATOM   747  C CD1 . ILE A 1 92  ? -18.709 10.015  2.365   1.00 64.35  ? 112 ILE A CD1 1 
ATOM   748  N N   . ASP A 1 93  ? -18.891 15.559  3.042   1.00 72.76  ? 113 ASP A N   1 
ATOM   749  C CA  . ASP A 1 93  ? -18.961 16.906  3.572   1.00 71.48  ? 113 ASP A CA  1 
ATOM   750  C C   . ASP A 1 93  ? -17.601 17.565  3.245   1.00 73.89  ? 113 ASP A C   1 
ATOM   751  O O   . ASP A 1 93  ? -16.908 17.132  2.314   1.00 93.42  ? 113 ASP A O   1 
ATOM   752  C CB  . ASP A 1 93  ? -19.322 16.849  5.060   1.00 69.64  ? 113 ASP A CB  1 
ATOM   753  C CG  . ASP A 1 93  ? -18.289 16.088  5.900   1.00 81.05  ? 113 ASP A CG  1 
ATOM   754  O OD1 . ASP A 1 93  ? -17.093 16.023  5.515   1.00 80.06  ? 113 ASP A OD1 1 
ATOM   755  O OD2 . ASP A 1 93  ? -18.674 15.565  6.973   1.00 87.99  ? 113 ASP A OD2 1 
ATOM   756  N N   . ASN A 1 94  ? -17.192 18.579  3.991   1.00 78.04  ? 114 ASN A N   1 
ATOM   757  C CA  . ASN A 1 94  ? -15.929 19.266  3.691   1.00 81.07  ? 114 ASN A CA  1 
ATOM   758  C C   . ASN A 1 94  ? -14.719 18.518  4.185   1.00 74.15  ? 114 ASN A C   1 
ATOM   759  O O   . ASN A 1 94  ? -13.613 18.963  3.962   1.00 85.71  ? 114 ASN A O   1 
ATOM   760  C CB  . ASN A 1 94  ? -15.898 20.691  4.263   1.00 87.79  ? 114 ASN A CB  1 
ATOM   761  C CG  . ASN A 1 94  ? -17.017 21.573  3.734   1.00 95.67  ? 114 ASN A CG  1 
ATOM   762  O OD1 . ASN A 1 94  ? -17.746 21.234  2.777   1.00 94.89  ? 114 ASN A OD1 1 
ATOM   763  N ND2 . ASN A 1 94  ? -17.159 22.731  4.363   1.00 136.76 ? 114 ASN A ND2 1 
ATOM   764  N N   . GLU A 1 95  ? -14.913 17.393  4.853   1.00 71.43  ? 115 GLU A N   1 
ATOM   765  C CA  . GLU A 1 95  ? -13.794 16.673  5.432   1.00 78.01  ? 115 GLU A CA  1 
ATOM   766  C C   . GLU A 1 95  ? -13.632 15.305  4.799   1.00 80.05  ? 115 GLU A C   1 
ATOM   767  O O   . GLU A 1 95  ? -12.613 14.622  5.002   1.00 83.45  ? 115 GLU A O   1 
ATOM   768  C CB  . GLU A 1 95  ? -14.026 16.487  6.918   1.00 85.77  ? 115 GLU A CB  1 
ATOM   769  C CG  . GLU A 1 95  ? -14.115 17.772  7.716   1.00 96.55  ? 115 GLU A CG  1 
ATOM   770  C CD  . GLU A 1 95  ? -13.798 17.546  9.180   1.00 109.19 ? 115 GLU A CD  1 
ATOM   771  O OE1 . GLU A 1 95  ? -14.293 16.537  9.744   1.00 118.07 ? 115 GLU A OE1 1 
ATOM   772  O OE2 . GLU A 1 95  ? -13.041 18.364  9.758   1.00 113.12 ? 115 GLU A OE2 1 
ATOM   773  N N   . LYS A 1 96  ? -14.647 14.914  4.036   1.00 72.34  ? 116 LYS A N   1 
ATOM   774  C CA  . LYS A 1 96  ? -14.908 13.520  3.761   1.00 74.14  ? 116 LYS A CA  1 
ATOM   775  C C   . LYS A 1 96  ? -15.541 13.380  2.399   1.00 72.51  ? 116 LYS A C   1 
ATOM   776  O O   . LYS A 1 96  ? -16.440 14.137  2.026   1.00 73.94  ? 116 LYS A O   1 
ATOM   777  C CB  . LYS A 1 96  ? -15.818 12.902  4.865   1.00 77.18  ? 116 LYS A CB  1 
ATOM   778  C CG  . LYS A 1 96  ? -15.044 12.342  6.065   1.00 92.28  ? 116 LYS A CG  1 
ATOM   779  C CD  . LYS A 1 96  ? -15.828 12.190  7.375   1.00 103.97 ? 116 LYS A CD  1 
ATOM   780  C CE  . LYS A 1 96  ? -14.869 11.938  8.559   1.00 117.31 ? 116 LYS A CE  1 
ATOM   781  N NZ  . LYS A 1 96  ? -15.452 11.614  9.902   1.00 117.49 ? 116 LYS A NZ  1 
ATOM   782  N N   . GLY A 1 97  ? -15.059 12.401  1.651   1.00 67.92  ? 117 GLY A N   1 
ATOM   783  C CA  . GLY A 1 97  ? -15.707 12.027  0.410   1.00 62.99  ? 117 GLY A CA  1 
ATOM   784  C C   . GLY A 1 97  ? -15.188 10.702  -0.080  1.00 65.57  ? 117 GLY A C   1 
ATOM   785  O O   . GLY A 1 97  ? -14.186 10.164  0.447   1.00 65.14  ? 117 GLY A O   1 
ATOM   786  N N   . LYS A 1 98  ? -15.874 10.209  -1.109  1.00 61.34  ? 118 LYS A N   1 
ATOM   787  C CA  . LYS A 1 98  ? -15.717 8.876   -1.648  1.00 62.91  ? 118 LYS A CA  1 
ATOM   788  C C   . LYS A 1 98  ? -15.096 9.075   -3.025  1.00 65.52  ? 118 LYS A C   1 
ATOM   789  O O   . LYS A 1 98  ? -15.762 9.585   -3.913  1.00 66.31  ? 118 LYS A O   1 
ATOM   790  C CB  . LYS A 1 98  ? -17.115 8.278   -1.786  1.00 63.31  ? 118 LYS A CB  1 
ATOM   791  C CG  . LYS A 1 98  ? -17.265 6.786   -1.648  1.00 75.05  ? 118 LYS A CG  1 
ATOM   792  C CD  . LYS A 1 98  ? -18.565 6.340   -2.334  1.00 91.13  ? 118 LYS A CD  1 
ATOM   793  C CE  . LYS A 1 98  ? -18.820 4.820   -2.371  1.00 86.76  ? 118 LYS A CE  1 
ATOM   794  N NZ  . LYS A 1 98  ? -19.566 4.438   -3.620  1.00 76.37  ? 118 LYS A NZ  1 
ATOM   795  N N   . MET A 1 99  ? -13.817 8.713   -3.191  1.00 69.14  ? 119 MET A N   1 
ATOM   796  C CA  . MET A 1 99  ? -13.130 8.768   -4.499  1.00 64.54  ? 119 MET A CA  1 
ATOM   797  C C   . MET A 1 99  ? -13.157 7.449   -5.268  1.00 65.81  ? 119 MET A C   1 
ATOM   798  O O   . MET A 1 99  ? -12.631 6.447   -4.794  1.00 75.48  ? 119 MET A O   1 
ATOM   799  C CB  . MET A 1 99  ? -11.682 9.170   -4.300  1.00 62.90  ? 119 MET A CB  1 
ATOM   800  C CG  . MET A 1 99  ? -10.973 9.578   -5.577  1.00 62.60  ? 119 MET A CG  1 
ATOM   801  S SD  . MET A 1 99  ? -9.339  10.281  -5.226  1.00 74.13  ? 119 MET A SD  1 
ATOM   802  C CE  . MET A 1 99  ? -9.716  11.950  -4.656  1.00 69.93  ? 119 MET A CE  1 
ATOM   803  N N   . THR A 1 100 ? -13.758 7.452   -6.452  1.00 61.89  ? 120 THR A N   1 
ATOM   804  C CA  . THR A 1 100 ? -13.656 6.315   -7.370  1.00 66.44  ? 120 THR A CA  1 
ATOM   805  C C   . THR A 1 100 ? -12.604 6.555   -8.470  1.00 73.17  ? 120 THR A C   1 
ATOM   806  O O   . THR A 1 100 ? -12.521 7.648   -9.023  1.00 84.28  ? 120 THR A O   1 
ATOM   807  C CB  . THR A 1 100 ? -15.002 6.008   -8.014  1.00 65.32  ? 120 THR A CB  1 
ATOM   808  O OG1 . THR A 1 100 ? -15.970 5.826   -6.983  1.00 69.28  ? 120 THR A OG1 1 
ATOM   809  C CG2 . THR A 1 100 ? -14.934 4.733   -8.814  1.00 63.01  ? 120 THR A CG2 1 
ATOM   810  N N   . GLY A 1 101 ? -11.802 5.535   -8.773  1.00 73.52  ? 121 GLY A N   1 
ATOM   811  C CA  . GLY A 1 101 ? -10.761 5.624   -9.795  1.00 69.85  ? 121 GLY A CA  1 
ATOM   812  C C   . GLY A 1 101 ? -10.342 4.301   -10.400 1.00 73.32  ? 121 GLY A C   1 
ATOM   813  O O   . GLY A 1 101 ? -10.827 3.252   -10.012 1.00 78.41  ? 121 GLY A O   1 
ATOM   814  N N   . THR A 1 102 ? -9.451  4.342   -11.381 1.00 78.65  ? 122 THR A N   1 
ATOM   815  C CA  . THR A 1 102 ? -8.948  3.109   -11.979 1.00 73.25  ? 122 THR A CA  1 
ATOM   816  C C   . THR A 1 102 ? -7.527  2.885   -11.537 1.00 74.60  ? 122 THR A C   1 
ATOM   817  O O   . THR A 1 102 ? -6.640  3.733   -11.753 1.00 73.01  ? 122 THR A O   1 
ATOM   818  C CB  . THR A 1 102 ? -9.029  3.099   -13.506 1.00 73.17  ? 122 THR A CB  1 
ATOM   819  O OG1 . THR A 1 102 ? -10.391 3.274   -13.899 1.00 79.93  ? 122 THR A OG1 1 
ATOM   820  C CG2 . THR A 1 102 ? -8.562  1.763   -14.054 1.00 73.80  ? 122 THR A CG2 1 
ATOM   821  N N   . LEU A 1 103 ? -7.350  1.734   -10.891 1.00 73.53  ? 123 LEU A N   1 
ATOM   822  C CA  . LEU A 1 103 ? -6.055  1.233   -10.513 1.00 67.72  ? 123 LEU A CA  1 
ATOM   823  C C   . LEU A 1 103 ? -5.650  0.137   -11.497 1.00 74.26  ? 123 LEU A C   1 
ATOM   824  O O   . LEU A 1 103 ? -6.478  -0.705  -11.948 1.00 63.84  ? 123 LEU A O   1 
ATOM   825  C CB  . LEU A 1 103 ? -6.092  0.713   -9.100  1.00 62.20  ? 123 LEU A CB  1 
ATOM   826  C CG  . LEU A 1 103 ? -4.732  0.401   -8.499  1.00 66.54  ? 123 LEU A CG  1 
ATOM   827  C CD1 . LEU A 1 103 ? -3.916  1.646   -8.153  1.00 62.79  ? 123 LEU A CD1 1 
ATOM   828  C CD2 . LEU A 1 103 ? -4.994  -0.454  -7.267  1.00 67.78  ? 123 LEU A CD2 1 
ATOM   829  N N   . THR A 1 104 ? -4.371  0.204   -11.859 1.00 73.43  ? 124 THR A N   1 
ATOM   830  C CA  . THR A 1 104 ? -3.750  -0.782  -12.724 1.00 71.77  ? 124 THR A CA  1 
ATOM   831  C C   . THR A 1 104 ? -2.513  -1.271  -12.041 1.00 75.44  ? 124 THR A C   1 
ATOM   832  O O   . THR A 1 104 ? -1.612  -0.455  -11.684 1.00 66.25  ? 124 THR A O   1 
ATOM   833  C CB  . THR A 1 104 ? -3.335  -0.179  -14.055 1.00 68.05  ? 124 THR A CB  1 
ATOM   834  O OG1 . THR A 1 104 ? -4.444  0.541   -14.582 1.00 67.40  ? 124 THR A OG1 1 
ATOM   835  C CG2 . THR A 1 104 ? -2.965  -1.272  -15.026 1.00 67.28  ? 124 THR A CG2 1 
ATOM   836  N N   . ILE A 1 105 ? -2.498  -2.594  -11.838 1.00 73.48  ? 125 ILE A N   1 
ATOM   837  C CA  . ILE A 1 105 ? -1.315  -3.287  -11.318 1.00 88.37  ? 125 ILE A CA  1 
ATOM   838  C C   . ILE A 1 105 ? -0.966  -4.395  -12.288 1.00 88.92  ? 125 ILE A C   1 
ATOM   839  O O   . ILE A 1 105 ? -1.840  -5.222  -12.644 1.00 79.50  ? 125 ILE A O   1 
ATOM   840  C CB  . ILE A 1 105 ? -1.496  -3.918  -9.918  1.00 94.52  ? 125 ILE A CB  1 
ATOM   841  C CG1 . ILE A 1 105 ? -2.499  -3.139  -9.069  1.00 88.43  ? 125 ILE A CG1 1 
ATOM   842  C CG2 . ILE A 1 105 ? -0.137  -3.997  -9.218  1.00 106.57 ? 125 ILE A CG2 1 
ATOM   843  C CD1 . ILE A 1 105 ? -2.955  -3.859  -7.828  1.00 94.17  ? 125 ILE A CD1 1 
ATOM   844  N N   . ALA A 1 106 ? 0.309   -4.408  -12.711 1.00 83.33  ? 126 ALA A N   1 
ATOM   845  C CA  . ALA A 1 106 ? 0.783   -5.362  -13.739 1.00 81.90  ? 126 ALA A CA  1 
ATOM   846  C C   . ALA A 1 106 ? -0.209  -5.500  -14.915 1.00 79.38  ? 126 ALA A C   1 
ATOM   847  O O   . ALA A 1 106 ? -0.630  -6.603  -15.289 1.00 78.12  ? 126 ALA A O   1 
ATOM   848  C CB  . ALA A 1 106 ? 1.096   -6.726  -13.121 1.00 90.00  ? 126 ALA A CB  1 
ATOM   849  N N   . GLY A 1 107 ? -0.618  -4.352  -15.449 1.00 72.89  ? 127 GLY A N   1 
ATOM   850  C CA  . GLY A 1 107 ? -1.457  -4.309  -16.621 1.00 70.00  ? 127 GLY A CA  1 
ATOM   851  C C   . GLY A 1 107 ? -2.860  -4.829  -16.459 1.00 73.80  ? 127 GLY A C   1 
ATOM   852  O O   . GLY A 1 107 ? -3.599  -5.018  -17.445 1.00 80.05  ? 127 GLY A O   1 
ATOM   853  N N   . VAL A 1 108 ? -3.257  -5.057  -15.219 1.00 81.61  ? 128 VAL A N   1 
ATOM   854  C CA  . VAL A 1 108 ? -4.675  -5.310  -14.981 1.00 78.08  ? 128 VAL A CA  1 
ATOM   855  C C   . VAL A 1 108 ? -5.323  -4.147  -14.219 1.00 74.66  ? 128 VAL A C   1 
ATOM   856  O O   . VAL A 1 108 ? -4.706  -3.509  -13.304 1.00 58.80  ? 128 VAL A O   1 
ATOM   857  C CB  . VAL A 1 108 ? -4.946  -6.735  -14.459 1.00 74.87  ? 128 VAL A CB  1 
ATOM   858  C CG1 . VAL A 1 108 ? -3.925  -7.130  -13.388 1.00 84.40  ? 128 VAL A CG1 1 
ATOM   859  C CG2 . VAL A 1 108 ? -6.389  -6.892  -14.022 1.00 61.34  ? 128 VAL A CG2 1 
ATOM   860  N N   . SER A 1 109 ? -6.526  -3.828  -14.688 1.00 70.52  ? 129 SER A N   1 
ATOM   861  C CA  . SER A 1 109 ? -7.182  -2.604  -14.281 1.00 75.82  ? 129 SER A CA  1 
ATOM   862  C C   . SER A 1 109 ? -8.535  -2.864  -13.697 1.00 76.64  ? 129 SER A C   1 
ATOM   863  O O   . SER A 1 109 ? -9.360  -3.569  -14.290 1.00 74.39  ? 129 SER A O   1 
ATOM   864  C CB  . SER A 1 109 ? -7.293  -1.630  -15.449 1.00 76.11  ? 129 SER A CB  1 
ATOM   865  O OG  . SER A 1 109 ? -6.121  -0.850  -15.549 1.00 69.26  ? 129 SER A OG  1 
ATOM   866  N N   . LYS A 1 110 ? -8.741  -2.294  -12.517 1.00 80.86  ? 130 LYS A N   1 
ATOM   867  C CA  . LYS A 1 110 ? -10.030 -2.323  -11.844 1.00 82.69  ? 130 LYS A CA  1 
ATOM   868  C C   . LYS A 1 110 ? -10.294 -0.927  -11.245 1.00 82.03  ? 130 LYS A C   1 
ATOM   869  O O   . LYS A 1 110 ? -9.355  -0.187  -10.875 1.00 73.95  ? 130 LYS A O   1 
ATOM   870  C CB  . LYS A 1 110 ? -10.050 -3.461  -10.809 1.00 89.87  ? 130 LYS A CB  1 
ATOM   871  C CG  . LYS A 1 110 ? -11.201 -3.468  -9.810  1.00 101.14 ? 130 LYS A CG  1 
ATOM   872  C CD  . LYS A 1 110 ? -12.119 -4.665  -9.971  1.00 108.80 ? 130 LYS A CD  1 
ATOM   873  C CE  . LYS A 1 110 ? -13.225 -4.637  -8.922  1.00 104.26 ? 130 LYS A CE  1 
ATOM   874  N NZ  . LYS A 1 110 ? -14.189 -5.760  -9.128  1.00 120.82 ? 130 LYS A NZ  1 
ATOM   875  N N   . ASP A 1 111 ? -11.574 -0.557  -11.232 1.00 82.12  ? 131 ASP A N   1 
ATOM   876  C CA  . ASP A 1 111 ? -12.060 0.602   -10.496 1.00 74.39  ? 131 ASP A CA  1 
ATOM   877  C C   . ASP A 1 111 ? -12.146 0.314   -9.012  1.00 76.44  ? 131 ASP A C   1 
ATOM   878  O O   . ASP A 1 111 ? -12.687 -0.724  -8.592  1.00 81.91  ? 131 ASP A O   1 
ATOM   879  C CB  . ASP A 1 111 ? -13.432 1.009   -11.000 1.00 75.65  ? 131 ASP A CB  1 
ATOM   880  C CG  . ASP A 1 111 ? -13.374 1.693   -12.330 1.00 86.35  ? 131 ASP A CG  1 
ATOM   881  O OD1 . ASP A 1 111 ? -12.276 2.170   -12.708 1.00 93.73  ? 131 ASP A OD1 1 
ATOM   882  O OD2 . ASP A 1 111 ? -14.431 1.757   -12.993 1.00 81.95  ? 131 ASP A OD2 1 
ATOM   883  N N   . ILE A 1 112 ? -11.613 1.245   -8.222  1.00 69.91  ? 132 ILE A N   1 
ATOM   884  C CA  . ILE A 1 112 ? -11.613 1.153   -6.759  1.00 64.85  ? 132 ILE A CA  1 
ATOM   885  C C   . ILE A 1 112 ? -12.287 2.362   -6.029  1.00 73.34  ? 132 ILE A C   1 
ATOM   886  O O   . ILE A 1 112 ? -12.498 3.426   -6.623  1.00 78.14  ? 132 ILE A O   1 
ATOM   887  C CB  . ILE A 1 112 ? -10.191 0.819   -6.261  1.00 57.42  ? 132 ILE A CB  1 
ATOM   888  C CG1 . ILE A 1 112 ? -9.209  1.948   -6.545  1.00 53.89  ? 132 ILE A CG1 1 
ATOM   889  C CG2 . ILE A 1 112 ? -9.692  -0.427  -6.975  1.00 54.12  ? 132 ILE A CG2 1 
ATOM   890  C CD1 . ILE A 1 112 ? -8.069  2.013   -5.559  1.00 50.51  ? 132 ILE A CD1 1 
ATOM   891  N N   . VAL A 1 113 ? -12.707 2.187   -4.777  1.00 81.26  ? 133 VAL A N   1 
ATOM   892  C CA  . VAL A 1 113 ? -13.172 3.347   -3.990  1.00 72.87  ? 133 VAL A CA  1 
ATOM   893  C C   . VAL A 1 113 ? -12.183 3.608   -2.873  1.00 70.33  ? 133 VAL A C   1 
ATOM   894  O O   . VAL A 1 113 ? -11.739 2.694   -2.177  1.00 70.27  ? 133 VAL A O   1 
ATOM   895  C CB  . VAL A 1 113 ? -14.650 3.287   -3.494  1.00 67.88  ? 133 VAL A CB  1 
ATOM   896  C CG1 . VAL A 1 113 ? -15.611 3.131   -4.664  1.00 63.68  ? 133 VAL A CG1 1 
ATOM   897  C CG2 . VAL A 1 113 ? -14.866 2.172   -2.482  1.00 82.67  ? 133 VAL A CG2 1 
ATOM   898  N N   . LEU A 1 114 ? -11.783 4.858   -2.759  1.00 71.48  ? 134 LEU A N   1 
ATOM   899  C CA  . LEU A 1 114 ? -10.945 5.266   -1.659  1.00 73.40  ? 134 LEU A CA  1 
ATOM   900  C C   . LEU A 1 114 ? -11.694 6.283   -0.821  1.00 73.00  ? 134 LEU A C   1 
ATOM   901  O O   . LEU A 1 114 ? -12.523 7.067   -1.325  1.00 70.39  ? 134 LEU A O   1 
ATOM   902  C CB  . LEU A 1 114 ? -9.612  5.835   -2.146  1.00 76.16  ? 134 LEU A CB  1 
ATOM   903  C CG  . LEU A 1 114 ? -8.696  4.951   -2.983  1.00 72.86  ? 134 LEU A CG  1 
ATOM   904  C CD1 . LEU A 1 114 ? -7.418  5.712   -3.293  1.00 67.35  ? 134 LEU A CD1 1 
ATOM   905  C CD2 . LEU A 1 114 ? -8.386  3.695   -2.206  1.00 77.56  ? 134 LEU A CD2 1 
ATOM   906  N N   . ASP A 1 115 ? -11.393 6.255   0.466   1.00 67.12  ? 135 ASP A N   1 
ATOM   907  C CA  . ASP A 1 115 ? -12.019 7.141   1.381   1.00 66.70  ? 135 ASP A CA  1 
ATOM   908  C C   . ASP A 1 115 ? -11.093 8.300   1.613   1.00 70.49  ? 135 ASP A C   1 
ATOM   909  O O   . ASP A 1 115 ? -10.011 8.156   2.219   1.00 71.68  ? 135 ASP A O   1 
ATOM   910  C CB  . ASP A 1 115 ? -12.420 6.401   2.643   1.00 71.15  ? 135 ASP A CB  1 
ATOM   911  C CG  . ASP A 1 115 ? -13.756 5.709   2.485   1.00 78.31  ? 135 ASP A CG  1 
ATOM   912  O OD1 . ASP A 1 115 ? -14.793 6.420   2.345   1.00 96.35  ? 135 ASP A OD1 1 
ATOM   913  O OD2 . ASP A 1 115 ? -13.779 4.465   2.489   1.00 73.43  ? 135 ASP A OD2 1 
ATOM   914  N N   . ALA A 1 116 ? -11.532 9.431   1.048   1.00 71.61  ? 136 ALA A N   1 
ATOM   915  C CA  . ALA A 1 116 ? -10.866 10.719  1.135   1.00 67.50  ? 136 ALA A CA  1 
ATOM   916  C C   . ALA A 1 116 ? -11.231 11.359  2.432   1.00 72.61  ? 136 ALA A C   1 
ATOM   917  O O   . ALA A 1 116 ? -12.431 11.525  2.749   1.00 76.92  ? 136 ALA A O   1 
ATOM   918  C CB  . ALA A 1 116 ? -11.298 11.621  -0.006  1.00 68.68  ? 136 ALA A CB  1 
ATOM   919  N N   . GLU A 1 117 ? -10.187 11.698  3.179   1.00 71.76  ? 137 GLU A N   1 
ATOM   920  C CA  . GLU A 1 117 ? -10.323 12.445  4.392   1.00 76.72  ? 137 GLU A CA  1 
ATOM   921  C C   . GLU A 1 117 ? -9.418  13.651  4.287   1.00 84.23  ? 137 GLU A C   1 
ATOM   922  O O   . GLU A 1 117 ? -8.190  13.505  4.369   1.00 94.83  ? 137 GLU A O   1 
ATOM   923  C CB  . GLU A 1 117 ? -9.924  11.567  5.556   1.00 88.43  ? 137 GLU A CB  1 
ATOM   924  C CG  . GLU A 1 117 ? -10.398 12.090  6.901   1.00 121.45 ? 137 GLU A CG  1 
ATOM   925  C CD  . GLU A 1 117 ? -10.876 10.985  7.831   1.00 134.02 ? 137 GLU A CD  1 
ATOM   926  O OE1 . GLU A 1 117 ? -10.329 9.856   7.779   1.00 118.81 ? 137 GLU A OE1 1 
ATOM   927  O OE2 . GLU A 1 117 ? -11.805 11.257  8.625   1.00 155.95 ? 137 GLU A OE2 1 
ATOM   928  N N   . ILE A 1 118 ? -10.019 14.830  4.072   1.00 86.73  ? 138 ILE A N   1 
ATOM   929  C CA  . ILE A 1 118 ? -9.281  16.109  4.041   1.00 84.92  ? 138 ILE A CA  1 
ATOM   930  C C   . ILE A 1 118 ? -8.815  16.505  5.429   1.00 99.15  ? 138 ILE A C   1 
ATOM   931  O O   . ILE A 1 118 ? -9.630  16.803  6.306   1.00 107.84 ? 138 ILE A O   1 
ATOM   932  C CB  . ILE A 1 118 ? -10.119 17.271  3.511   1.00 72.32  ? 138 ILE A CB  1 
ATOM   933  C CG1 . ILE A 1 118 ? -10.244 17.195  2.016   1.00 64.49  ? 138 ILE A CG1 1 
ATOM   934  C CG2 . ILE A 1 118 ? -9.442  18.601  3.824   1.00 89.74  ? 138 ILE A CG2 1 
ATOM   935  C CD1 . ILE A 1 118 ? -11.513 16.557  1.520   1.00 69.14  ? 138 ILE A CD1 1 
ATOM   936  N N   . GLY A 1 119 ? -7.499  16.514  5.609   1.00 118.21 ? 139 GLY A N   1 
ATOM   937  C CA  . GLY A 1 119 ? -6.896  16.901  6.874   1.00 127.57 ? 139 GLY A CA  1 
ATOM   938  C C   . GLY A 1 119 ? -6.276  18.291  6.859   1.00 125.93 ? 139 GLY A C   1 
ATOM   939  O O   . GLY A 1 119 ? -5.133  18.443  7.310   1.00 144.74 ? 139 GLY A O   1 
ATOM   940  N N   . GLY A 1 120 ? -6.993  19.291  6.328   1.00 97.89  ? 140 GLY A N   1 
ATOM   941  C CA  . GLY A 1 120 ? -6.604  20.696  6.551   1.00 95.12  ? 140 GLY A CA  1 
ATOM   942  C C   . GLY A 1 120 ? -6.123  21.558  5.396   1.00 89.94  ? 140 GLY A C   1 
ATOM   943  O O   . GLY A 1 120 ? -4.986  21.472  4.973   1.00 89.89  ? 140 GLY A O   1 
ATOM   944  N N   . VAL A 1 121 ? -6.998  22.430  4.927   1.00 93.06  ? 141 VAL A N   1 
ATOM   945  C CA  . VAL A 1 121 ? -6.750  23.248  3.746   1.00 97.86  ? 141 VAL A CA  1 
ATOM   946  C C   . VAL A 1 121 ? -6.307  24.633  4.191   1.00 104.08 ? 141 VAL A C   1 
ATOM   947  O O   . VAL A 1 121 ? -7.130  25.524  4.452   1.00 123.44 ? 141 VAL A O   1 
ATOM   948  C CB  . VAL A 1 121 ? -8.018  23.300  2.845   1.00 102.99 ? 141 VAL A CB  1 
ATOM   949  C CG1 . VAL A 1 121 ? -7.867  24.248  1.647   1.00 90.24  ? 141 VAL A CG1 1 
ATOM   950  C CG2 . VAL A 1 121 ? -8.393  21.891  2.397   1.00 103.83 ? 141 VAL A CG2 1 
ATOM   951  N N   . ALA A 1 122 ? -4.995  24.797  4.269   1.00 114.24 ? 142 ALA A N   1 
ATOM   952  C CA  . ALA A 1 122 ? -4.375  26.044  4.712   1.00 118.34 ? 142 ALA A CA  1 
ATOM   953  C C   . ALA A 1 122 ? -3.815  26.921  3.569   1.00 116.03 ? 142 ALA A C   1 
ATOM   954  O O   . ALA A 1 122 ? -3.608  26.460  2.443   1.00 112.97 ? 142 ALA A O   1 
ATOM   955  C CB  . ALA A 1 122 ? -3.286  25.728  5.739   1.00 124.86 ? 142 ALA A CB  1 
ATOM   956  N N   . LYS A 1 123 ? -3.603  28.198  3.876   1.00 125.58 ? 143 LYS A N   1 
ATOM   957  C CA  . LYS A 1 123 ? -2.757  29.072  3.070   1.00 135.80 ? 143 LYS A CA  1 
ATOM   958  C C   . LYS A 1 123 ? -1.403  29.215  3.803   1.00 142.67 ? 143 LYS A C   1 
ATOM   959  O O   . LYS A 1 123 ? -1.308  29.891  4.827   1.00 139.48 ? 143 LYS A O   1 
ATOM   960  C CB  . LYS A 1 123 ? -3.457  30.417  2.835   1.00 128.59 ? 143 LYS A CB  1 
ATOM   961  C CG  . LYS A 1 123 ? -2.988  31.111  1.571   1.00 140.55 ? 143 LYS A CG  1 
ATOM   962  C CD  . LYS A 1 123 ? -4.116  31.823  0.842   1.00 139.13 ? 143 LYS A CD  1 
ATOM   963  C CE  . LYS A 1 123 ? -3.742  31.959  -0.630  1.00 141.57 ? 143 LYS A CE  1 
ATOM   964  N NZ  . LYS A 1 123 ? -4.531  32.997  -1.341  1.00 140.36 ? 143 LYS A NZ  1 
ATOM   965  N N   . GLY A 1 124 ? -0.371  28.547  3.284   1.00 161.80 ? 144 GLY A N   1 
ATOM   966  C CA  . GLY A 1 124 ? 0.916   28.373  3.987   1.00 172.44 ? 144 GLY A CA  1 
ATOM   967  C C   . GLY A 1 124 ? 1.729   29.627  4.284   1.00 187.74 ? 144 GLY A C   1 
ATOM   968  O O   . GLY A 1 124 ? 1.339   30.737  3.890   1.00 185.87 ? 144 GLY A O   1 
ATOM   969  N N   . LYS A 1 125 ? 2.868   29.424  4.967   1.00 189.11 ? 145 LYS A N   1 
ATOM   970  C CA  . LYS A 1 125 ? 3.787   30.491  5.458   1.00 167.65 ? 145 LYS A CA  1 
ATOM   971  C C   . LYS A 1 125 ? 4.032   31.672  4.485   1.00 162.63 ? 145 LYS A C   1 
ATOM   972  O O   . LYS A 1 125 ? 3.921   32.845  4.864   1.00 134.56 ? 145 LYS A O   1 
ATOM   973  C CB  . LYS A 1 125 ? 5.120   29.874  5.955   1.00 151.98 ? 145 LYS A CB  1 
ATOM   974  C CG  . LYS A 1 125 ? 5.879   29.001  4.945   1.00 147.38 ? 145 LYS A CG  1 
ATOM   975  C CD  . LYS A 1 125 ? 6.703   27.909  5.626   1.00 145.97 ? 145 LYS A CD  1 
ATOM   976  C CE  . LYS A 1 125 ? 6.009   26.544  5.633   1.00 143.10 ? 145 LYS A CE  1 
ATOM   977  N NZ  . LYS A 1 125 ? 4.744   26.493  6.431   1.00 141.76 ? 145 LYS A NZ  1 
ATOM   978  N N   . ASP A 1 126 ? 4.298   31.327  3.227   1.00 167.04 ? 146 ASP A N   1 
ATOM   979  C CA  . ASP A 1 126 ? 4.675   32.255  2.155   1.00 161.90 ? 146 ASP A CA  1 
ATOM   980  C C   . ASP A 1 126 ? 3.512   32.972  1.405   1.00 149.26 ? 146 ASP A C   1 
ATOM   981  O O   . ASP A 1 126 ? 3.752   33.696  0.426   1.00 145.04 ? 146 ASP A O   1 
ATOM   982  C CB  . ASP A 1 126 ? 5.600   31.507  1.165   1.00 165.70 ? 146 ASP A CB  1 
ATOM   983  C CG  . ASP A 1 126 ? 5.096   30.074  0.840   1.00 172.38 ? 146 ASP A CG  1 
ATOM   984  O OD1 . ASP A 1 126 ? 5.087   29.190  1.765   1.00 159.72 ? 146 ASP A OD1 1 
ATOM   985  O OD2 . ASP A 1 126 ? 4.718   29.835  -0.357  1.00 166.79 ? 146 ASP A OD2 1 
ATOM   986  N N   . GLY A 1 127 ? 2.269   32.791  1.862   1.00 137.21 ? 147 GLY A N   1 
ATOM   987  C CA  . GLY A 1 127 ? 1.097   33.310  1.139   1.00 135.02 ? 147 GLY A CA  1 
ATOM   988  C C   . GLY A 1 127 ? 0.540   32.392  0.049   1.00 139.54 ? 147 GLY A C   1 
ATOM   989  O O   . GLY A 1 127 ? -0.535  32.659  -0.502  1.00 132.78 ? 147 GLY A O   1 
ATOM   990  N N   . LYS A 1 128 ? 1.271   31.317  -0.264  1.00 144.96 ? 148 LYS A N   1 
ATOM   991  C CA  . LYS A 1 128 ? 0.813   30.282  -1.205  1.00 136.32 ? 148 LYS A CA  1 
ATOM   992  C C   . LYS A 1 128 ? 0.219   29.059  -0.497  1.00 133.52 ? 148 LYS A C   1 
ATOM   993  O O   . LYS A 1 128 ? 0.706   28.633  0.560   1.00 126.74 ? 148 LYS A O   1 
ATOM   994  C CB  . LYS A 1 128 ? 1.932   29.874  -2.183  1.00 135.07 ? 148 LYS A CB  1 
ATOM   995  C CG  . LYS A 1 128 ? 1.900   30.673  -3.485  1.00 146.81 ? 148 LYS A CG  1 
ATOM   996  C CD  . LYS A 1 128 ? 2.939   30.232  -4.526  1.00 143.87 ? 148 LYS A CD  1 
ATOM   997  C CE  . LYS A 1 128 ? 2.621   30.839  -5.880  1.00 140.29 ? 148 LYS A CE  1 
ATOM   998  N NZ  . LYS A 1 128 ? 3.858   30.839  -6.793  1.00 146.40 ? 148 LYS A NZ  1 
ATOM   999  N N   . GLU A 1 129 ? -0.832  28.515  -1.116  1.00 124.60 ? 149 GLU A N   1 
ATOM   1000 C CA  . GLU A 1 129 ? -1.645  27.384  -0.619  1.00 120.98 ? 149 GLU A CA  1 
ATOM   1001 C C   . GLU A 1 129 ? -0.948  26.042  -0.286  1.00 112.04 ? 149 GLU A C   1 
ATOM   1002 O O   . GLU A 1 129 ? -0.008  25.604  -0.964  1.00 105.50 ? 149 GLU A O   1 
ATOM   1003 C CB  . GLU A 1 129 ? -2.738  27.079  -1.651  1.00 128.61 ? 149 GLU A CB  1 
ATOM   1004 C CG  . GLU A 1 129 ? -3.894  28.067  -1.707  1.00 125.42 ? 149 GLU A CG  1 
ATOM   1005 C CD  . GLU A 1 129 ? -5.186  27.535  -1.099  1.00 125.41 ? 149 GLU A CD  1 
ATOM   1006 O OE1 . GLU A 1 129 ? -6.129  28.341  -1.008  1.00 116.36 ? 149 GLU A OE1 1 
ATOM   1007 O OE2 . GLU A 1 129 ? -5.278  26.337  -0.716  1.00 123.95 ? 149 GLU A OE2 1 
ATOM   1008 N N   . LYS A 1 130 ? -1.458  25.384  0.750   1.00 99.51  ? 150 LYS A N   1 
ATOM   1009 C CA  . LYS A 1 130 ? -1.135  23.989  1.034   1.00 99.77  ? 150 LYS A CA  1 
ATOM   1010 C C   . LYS A 1 130 ? -2.425  23.166  1.265   1.00 94.98  ? 150 LYS A C   1 
ATOM   1011 O O   . LYS A 1 130 ? -3.496  23.758  1.402   1.00 90.11  ? 150 LYS A O   1 
ATOM   1012 C CB  . LYS A 1 130 ? -0.115  23.874  2.181   1.00 102.13 ? 150 LYS A CB  1 
ATOM   1013 C CG  . LYS A 1 130 ? -0.398  24.687  3.437   1.00 113.25 ? 150 LYS A CG  1 
ATOM   1014 C CD  . LYS A 1 130 ? 0.787   24.615  4.396   1.00 123.99 ? 150 LYS A CD  1 
ATOM   1015 C CE  . LYS A 1 130 ? 0.392   24.946  5.834   1.00 131.97 ? 150 LYS A CE  1 
ATOM   1016 N NZ  . LYS A 1 130 ? 1.123   24.108  6.837   1.00 125.13 ? 150 LYS A NZ  1 
ATOM   1017 N N   . ILE A 1 131 ? -2.334  21.828  1.193   1.00 89.32  ? 151 ILE A N   1 
ATOM   1018 C CA  . ILE A 1 131 ? -3.400  20.896  1.657   1.00 92.36  ? 151 ILE A CA  1 
ATOM   1019 C C   . ILE A 1 131 ? -2.822  19.617  2.212   1.00 91.89  ? 151 ILE A C   1 
ATOM   1020 O O   . ILE A 1 131 ? -1.844  19.101  1.684   1.00 104.24 ? 151 ILE A O   1 
ATOM   1021 C CB  . ILE A 1 131 ? -4.469  20.461  0.597   1.00 87.84  ? 151 ILE A CB  1 
ATOM   1022 C CG1 . ILE A 1 131 ? -3.851  19.814  -0.640  1.00 86.97  ? 151 ILE A CG1 1 
ATOM   1023 C CG2 . ILE A 1 131 ? -5.401  21.600  0.213   1.00 94.96  ? 151 ILE A CG2 1 
ATOM   1024 C CD1 . ILE A 1 131 ? -4.896  19.268  -1.596  1.00 95.67  ? 151 ILE A CD1 1 
ATOM   1025 N N   . GLY A 1 132 ? -3.435  19.115  3.277   1.00 94.14  ? 152 GLY A N   1 
ATOM   1026 C CA  . GLY A 1 132 ? -3.200  17.747  3.749   1.00 94.12  ? 152 GLY A CA  1 
ATOM   1027 C C   . GLY A 1 132 ? -4.420  16.940  3.354   1.00 96.82  ? 152 GLY A C   1 
ATOM   1028 O O   . GLY A 1 132 ? -5.505  17.520  3.185   1.00 114.08 ? 152 GLY A O   1 
ATOM   1029 N N   . PHE A 1 133 ? -4.251  15.632  3.153   1.00 83.21  ? 153 PHE A N   1 
ATOM   1030 C CA  . PHE A 1 133 ? -5.387  14.702  3.018   1.00 81.46  ? 153 PHE A CA  1 
ATOM   1031 C C   . PHE A 1 133 ? -4.935  13.281  2.957   1.00 79.31  ? 153 PHE A C   1 
ATOM   1032 O O   . PHE A 1 133 ? -3.815  13.009  2.524   1.00 86.66  ? 153 PHE A O   1 
ATOM   1033 C CB  . PHE A 1 133 ? -6.287  14.986  1.801   1.00 84.80  ? 153 PHE A CB  1 
ATOM   1034 C CG  . PHE A 1 133 ? -5.641  14.733  0.466   1.00 87.77  ? 153 PHE A CG  1 
ATOM   1035 C CD1 . PHE A 1 133 ? -5.713  13.480  -0.143  1.00 91.85  ? 153 PHE A CD1 1 
ATOM   1036 C CD2 . PHE A 1 133 ? -4.998  15.762  -0.212  1.00 89.20  ? 153 PHE A CD2 1 
ATOM   1037 C CE1 . PHE A 1 133 ? -5.123  13.253  -1.379  1.00 87.22  ? 153 PHE A CE1 1 
ATOM   1038 C CE2 . PHE A 1 133 ? -4.415  15.545  -1.451  1.00 82.84  ? 153 PHE A CE2 1 
ATOM   1039 C CZ  . PHE A 1 133 ? -4.472  14.290  -2.033  1.00 85.76  ? 153 PHE A CZ  1 
ATOM   1040 N N   . SER A 1 134 ? -5.816  12.376  3.363   1.00 78.95  ? 154 SER A N   1 
ATOM   1041 C CA  . SER A 1 134 ? -5.529  10.959  3.235   1.00 83.26  ? 154 SER A CA  1 
ATOM   1042 C C   . SER A 1 134 ? -6.512  10.240  2.296   1.00 77.10  ? 154 SER A C   1 
ATOM   1043 O O   . SER A 1 134 ? -7.668  10.648  2.160   1.00 75.07  ? 154 SER A O   1 
ATOM   1044 C CB  . SER A 1 134 ? -5.463  10.301  4.614   1.00 84.96  ? 154 SER A CB  1 
ATOM   1045 O OG  . SER A 1 134 ? -6.763  10.079  5.109   1.00 98.11  ? 154 SER A OG  1 
ATOM   1046 N N   . LEU A 1 135 ? -6.018  9.199   1.630   1.00 71.57  ? 155 LEU A N   1 
ATOM   1047 C CA  . LEU A 1 135 ? -6.860  8.273   0.885   1.00 77.37  ? 155 LEU A CA  1 
ATOM   1048 C C   . LEU A 1 135 ? -6.691  6.881   1.467   1.00 77.36  ? 155 LEU A C   1 
ATOM   1049 O O   . LEU A 1 135 ? -5.553  6.435   1.662   1.00 77.42  ? 155 LEU A O   1 
ATOM   1050 C CB  . LEU A 1 135 ? -6.516  8.301   -0.600  1.00 78.09  ? 155 LEU A CB  1 
ATOM   1051 C CG  . LEU A 1 135 ? -6.699  9.669   -1.281  1.00 83.42  ? 155 LEU A CG  1 
ATOM   1052 C CD1 . LEU A 1 135 ? -6.223  9.640   -2.716  1.00 79.31  ? 155 LEU A CD1 1 
ATOM   1053 C CD2 . LEU A 1 135 ? -8.144  10.113  -1.276  1.00 84.22  ? 155 LEU A CD2 1 
ATOM   1054 N N   . ASN A 1 136 ? -7.807  6.218   1.785   1.00 72.81  ? 156 ASN A N   1 
ATOM   1055 C CA  . ASN A 1 136 ? -7.753  4.915   2.469   1.00 70.04  ? 156 ASN A CA  1 
ATOM   1056 C C   . ASN A 1 136 ? -8.721  3.981   1.857   1.00 68.99  ? 156 ASN A C   1 
ATOM   1057 O O   . ASN A 1 136 ? -9.820  4.392   1.528   1.00 74.04  ? 156 ASN A O   1 
ATOM   1058 C CB  . ASN A 1 136 ? -8.053  5.047   3.954   1.00 76.19  ? 156 ASN A CB  1 
ATOM   1059 C CG  . ASN A 1 136 ? -6.831  5.466   4.753   1.00 93.33  ? 156 ASN A CG  1 
ATOM   1060 O OD1 . ASN A 1 136 ? -6.067  4.622   5.210   1.00 105.83 ? 156 ASN A OD1 1 
ATOM   1061 N ND2 . ASN A 1 136 ? -6.620  6.778   4.900   1.00 100.07 ? 156 ASN A ND2 1 
ATOM   1062 N N   . GLY A 1 137 ? -8.316  2.729   1.685   1.00 67.26  ? 157 GLY A N   1 
ATOM   1063 C CA  . GLY A 1 137 ? -9.185  1.742   1.026   1.00 69.77  ? 157 GLY A CA  1 
ATOM   1064 C C   . GLY A 1 137 ? -8.595  0.351   1.019   1.00 71.88  ? 157 GLY A C   1 
ATOM   1065 O O   . GLY A 1 137 ? -7.413  0.164   1.310   1.00 79.45  ? 157 GLY A O   1 
ATOM   1066 N N   . LYS A 1 138 ? -9.428  -0.630  0.710   1.00 70.75  ? 158 LYS A N   1 
ATOM   1067 C CA  . LYS A 1 138 ? -8.992  -2.022  0.653   1.00 72.91  ? 158 LYS A CA  1 
ATOM   1068 C C   . LYS A 1 138 ? -9.226  -2.547  -0.768  1.00 73.41  ? 158 LYS A C   1 
ATOM   1069 O O   . LYS A 1 138 ? -10.266 -2.285  -1.369  1.00 79.28  ? 158 LYS A O   1 
ATOM   1070 C CB  . LYS A 1 138 ? -9.693  -2.897  1.734   1.00 66.47  ? 158 LYS A CB  1 
ATOM   1071 N N   . ILE A 1 139 ? -8.238  -3.256  -1.309  1.00 78.60  ? 159 ILE A N   1 
ATOM   1072 C CA  . ILE A 1 139 ? -8.331  -3.895  -2.632  1.00 74.73  ? 159 ILE A CA  1 
ATOM   1073 C C   . ILE A 1 139 ? -8.045  -5.377  -2.491  1.00 74.54  ? 159 ILE A C   1 
ATOM   1074 O O   . ILE A 1 139 ? -7.263  -5.789  -1.604  1.00 75.17  ? 159 ILE A O   1 
ATOM   1075 C CB  . ILE A 1 139 ? -7.372  -3.247  -3.665  1.00 76.90  ? 159 ILE A CB  1 
ATOM   1076 C CG1 . ILE A 1 139 ? -5.920  -3.235  -3.183  1.00 70.61  ? 159 ILE A CG1 1 
ATOM   1077 C CG2 . ILE A 1 139 ? -7.789  -1.807  -3.965  1.00 81.84  ? 159 ILE A CG2 1 
ATOM   1078 C CD1 . ILE A 1 139 ? -4.932  -2.859  -4.264  1.00 68.93  ? 159 ILE A CD1 1 
ATOM   1079 N N   . LYS A 1 140 ? -8.682  -6.172  -3.344  1.00 72.45  ? 160 LYS A N   1 
ATOM   1080 C CA  . LYS A 1 140 ? -8.470  -7.623  -3.308  1.00 76.16  ? 160 LYS A CA  1 
ATOM   1081 C C   . LYS A 1 140 ? -7.474  -8.115  -4.375  1.00 74.04  ? 160 LYS A C   1 
ATOM   1082 O O   . LYS A 1 140 ? -7.771  -8.040  -5.558  1.00 80.63  ? 160 LYS A O   1 
ATOM   1083 C CB  . LYS A 1 140 ? -9.798  -8.379  -3.441  1.00 75.60  ? 160 LYS A CB  1 
ATOM   1084 C CG  . LYS A 1 140 ? -10.852 -8.050  -2.393  1.00 83.81  ? 160 LYS A CG  1 
ATOM   1085 C CD  . LYS A 1 140 ? -11.642 -9.281  -1.953  1.00 91.71  ? 160 LYS A CD  1 
ATOM   1086 C CE  . LYS A 1 140 ? -12.767 -9.658  -2.914  1.00 104.15 ? 160 LYS A CE  1 
ATOM   1087 N NZ  . LYS A 1 140 ? -14.093 -9.111  -2.500  1.00 116.70 ? 160 LYS A NZ  1 
ATOM   1088 N N   . ARG A 1 141 ? -6.302  -8.614  -3.959  1.00 75.07  ? 161 ARG A N   1 
ATOM   1089 C CA  . ARG A 1 141 ? -5.345  -9.331  -4.850  1.00 72.15  ? 161 ARG A CA  1 
ATOM   1090 C C   . ARG A 1 141 ? -6.045  -10.107 -5.981  1.00 69.29  ? 161 ARG A C   1 
ATOM   1091 O O   . ARG A 1 141 ? -5.636  -10.034 -7.126  1.00 75.98  ? 161 ARG A O   1 
ATOM   1092 C CB  . ARG A 1 141 ? -4.459  -10.319 -4.062  1.00 69.31  ? 161 ARG A CB  1 
ATOM   1093 C CG  . ARG A 1 141 ? -3.168  -9.781  -3.424  1.00 73.82  ? 161 ARG A CG  1 
ATOM   1094 C CD  . ARG A 1 141 ? -2.420  -10.887 -2.661  1.00 71.25  ? 161 ARG A CD  1 
ATOM   1095 N NE  . ARG A 1 141 ? -2.727  -12.175 -3.291  1.00 93.61  ? 161 ARG A NE  1 
ATOM   1096 C CZ  . ARG A 1 141 ? -2.758  -13.378 -2.712  1.00 103.72 ? 161 ARG A CZ  1 
ATOM   1097 N NH1 . ARG A 1 141 ? -2.475  -13.560 -1.425  1.00 117.19 ? 161 ARG A NH1 1 
ATOM   1098 N NH2 . ARG A 1 141 ? -3.078  -14.426 -3.453  1.00 102.24 ? 161 ARG A NH2 1 
ATOM   1099 N N   . SER A 1 142 ? -7.112  -10.823 -5.657  1.00 67.78  ? 162 SER A N   1 
ATOM   1100 C CA  . SER A 1 142 ? -7.824  -11.621 -6.640  1.00 70.86  ? 162 SER A CA  1 
ATOM   1101 C C   . SER A 1 142 ? -8.511  -10.797 -7.744  1.00 72.07  ? 162 SER A C   1 
ATOM   1102 O O   . SER A 1 142 ? -8.765  -11.290 -8.835  1.00 81.63  ? 162 SER A O   1 
ATOM   1103 C CB  . SER A 1 142 ? -8.828  -12.537 -5.932  1.00 73.38  ? 162 SER A CB  1 
ATOM   1104 O OG  . SER A 1 142 ? -9.929  -11.805 -5.420  1.00 73.29  ? 162 SER A OG  1 
ATOM   1105 N N   . ASP A 1 143 ? -8.808  -9.541  -7.464  1.00 79.24  ? 163 ASP A N   1 
ATOM   1106 C CA  . ASP A 1 143 ? -9.461  -8.680  -8.441  1.00 84.14  ? 163 ASP A CA  1 
ATOM   1107 C C   . ASP A 1 143 ? -8.490  -8.269  -9.542  1.00 80.34  ? 163 ASP A C   1 
ATOM   1108 O O   . ASP A 1 143 ? -8.917  -7.878  -10.616 1.00 88.15  ? 163 ASP A O   1 
ATOM   1109 C CB  . ASP A 1 143 ? -10.016 -7.416  -7.760  1.00 95.56  ? 163 ASP A CB  1 
ATOM   1110 C CG  . ASP A 1 143 ? -11.316 -7.656  -6.985  1.00 87.73  ? 163 ASP A CG  1 
ATOM   1111 O OD1 . ASP A 1 143 ? -12.145 -8.518  -7.370  1.00 78.79  ? 163 ASP A OD1 1 
ATOM   1112 O OD2 . ASP A 1 143 ? -11.502 -6.930  -5.993  1.00 82.30  ? 163 ASP A OD2 1 
ATOM   1113 N N   . PHE A 1 144 ? -7.199  -8.372  -9.254  1.00 76.09  ? 164 PHE A N   1 
ATOM   1114 C CA  . PHE A 1 144 ? -6.122  -7.893  -10.108 1.00 74.84  ? 164 PHE A CA  1 
ATOM   1115 C C   . PHE A 1 144 ? -5.218  -9.048  -10.537 1.00 74.86  ? 164 PHE A C   1 
ATOM   1116 O O   . PHE A 1 144 ? -4.044  -8.849  -10.938 1.00 78.58  ? 164 PHE A O   1 
ATOM   1117 C CB  . PHE A 1 144 ? -5.271  -6.910  -9.300  1.00 78.23  ? 164 PHE A CB  1 
ATOM   1118 C CG  . PHE A 1 144 ? -5.917  -5.580  -9.067  1.00 85.86  ? 164 PHE A CG  1 
ATOM   1119 C CD1 . PHE A 1 144 ? -6.806  -5.390  -8.021  1.00 84.57  ? 164 PHE A CD1 1 
ATOM   1120 C CD2 . PHE A 1 144 ? -5.613  -4.495  -9.892  1.00 96.83  ? 164 PHE A CD2 1 
ATOM   1121 C CE1 . PHE A 1 144 ? -7.379  -4.147  -7.812  1.00 93.54  ? 164 PHE A CE1 1 
ATOM   1122 C CE2 . PHE A 1 144 ? -6.184  -3.243  -9.686  1.00 91.45  ? 164 PHE A CE2 1 
ATOM   1123 C CZ  . PHE A 1 144 ? -7.071  -3.071  -8.648  1.00 92.98  ? 164 PHE A CZ  1 
ATOM   1124 N N   . LYS A 1 145 ? -5.763  -10.257 -10.405 1.00 73.02  ? 165 LYS A N   1 
ATOM   1125 C CA  . LYS A 1 145 ? -5.003  -11.503 -10.492 1.00 76.31  ? 165 LYS A CA  1 
ATOM   1126 C C   . LYS A 1 145 ? -3.519  -11.390 -10.040 1.00 79.11  ? 165 LYS A C   1 
ATOM   1127 O O   . LYS A 1 145 ? -2.596  -11.872 -10.719 1.00 86.37  ? 165 LYS A O   1 
ATOM   1128 C CB  . LYS A 1 145 ? -5.135  -12.062 -11.885 1.00 75.85  ? 165 LYS A CB  1 
ATOM   1129 C CG  . LYS A 1 145 ? -6.554  -12.426 -12.262 1.00 78.91  ? 165 LYS A CG  1 
ATOM   1130 C CD  . LYS A 1 145 ? -6.496  -13.823 -12.864 1.00 99.92  ? 165 LYS A CD  1 
ATOM   1131 C CE  . LYS A 1 145 ? -7.771  -14.616 -12.659 1.00 105.69 ? 165 LYS A CE  1 
ATOM   1132 N NZ  . LYS A 1 145 ? -8.805  -14.119 -13.603 1.00 110.07 ? 165 LYS A NZ  1 
ATOM   1133 N N   . PHE A 1 146 ? -3.327  -10.740 -8.887  1.00 76.89  ? 166 PHE A N   1 
ATOM   1134 C CA  . PHE A 1 146 ? -2.024  -10.508 -8.290  1.00 78.89  ? 166 PHE A CA  1 
ATOM   1135 C C   . PHE A 1 146 ? -1.550  -11.691 -7.455  1.00 85.48  ? 166 PHE A C   1 
ATOM   1136 O O   . PHE A 1 146 ? -2.348  -12.390 -6.797  1.00 86.78  ? 166 PHE A O   1 
ATOM   1137 C CB  . PHE A 1 146 ? -2.076  -9.272  -7.416  1.00 71.69  ? 166 PHE A CB  1 
ATOM   1138 C CG  . PHE A 1 146 ? -0.744  -8.714  -7.112  1.00 66.06  ? 166 PHE A CG  1 
ATOM   1139 C CD1 . PHE A 1 146 ? -0.093  -7.948  -8.061  1.00 75.60  ? 166 PHE A CD1 1 
ATOM   1140 C CD2 . PHE A 1 146 ? -0.125  -8.954  -5.892  1.00 66.64  ? 166 PHE A CD2 1 
ATOM   1141 C CE1 . PHE A 1 146 ? 1.160   -7.396  -7.808  1.00 79.18  ? 166 PHE A CE1 1 
ATOM   1142 C CE2 . PHE A 1 146 ? 1.128   -8.406  -5.617  1.00 73.16  ? 166 PHE A CE2 1 
ATOM   1143 C CZ  . PHE A 1 146 ? 1.774   -7.626  -6.582  1.00 79.76  ? 166 PHE A CZ  1 
ATOM   1144 N N   . ALA A 1 147 ? -0.236  -11.894 -7.498  1.00 83.77  ? 167 ALA A N   1 
ATOM   1145 C CA  . ALA A 1 147 ? 0.433   -13.042 -6.873  1.00 93.13  ? 167 ALA A CA  1 
ATOM   1146 C C   . ALA A 1 147 ? -0.284  -14.429 -6.982  1.00 85.36  ? 167 ALA A C   1 
ATOM   1147 O O   . ALA A 1 147 ? -0.098  -15.275 -6.112  1.00 85.67  ? 167 ALA A O   1 
ATOM   1148 C CB  . ALA A 1 147 ? 0.841   -12.696 -5.434  1.00 75.32  ? 167 ALA A CB  1 
ATOM   1149 N N   . THR A 1 148 ? -1.031  -14.656 -8.084  1.00 79.72  ? 168 THR A N   1 
ATOM   1150 C CA  . THR A 1 148 ? -1.972  -15.813 -8.247  1.00 89.97  ? 168 THR A CA  1 
ATOM   1151 C C   . THR A 1 148 ? -1.484  -17.198 -7.808  1.00 86.44  ? 168 THR A C   1 
ATOM   1152 O O   . THR A 1 148 ? -2.305  -18.038 -7.467  1.00 76.70  ? 168 THR A O   1 
ATOM   1153 C CB  . THR A 1 148 ? -2.591  -15.962 -9.676  1.00 94.43  ? 168 THR A CB  1 
ATOM   1154 O OG1 . THR A 1 148 ? -1.848  -15.172 -10.623 1.00 127.68 ? 168 THR A OG1 1 
ATOM   1155 C CG2 . THR A 1 148 ? -4.105  -15.567 -9.694  1.00 99.28  ? 168 THR A CG2 1 
ATOM   1156 N N   . SER A 1 149 ? -0.162  -17.408 -7.838  1.00 96.86  ? 169 SER A N   1 
ATOM   1157 C CA  . SER A 1 149 ? 0.526   -18.621 -7.368  1.00 97.91  ? 169 SER A CA  1 
ATOM   1158 C C   . SER A 1 149 ? 0.507   -18.776 -5.824  1.00 107.58 ? 169 SER A C   1 
ATOM   1159 O O   . SER A 1 149 ? 0.296   -19.888 -5.308  1.00 106.52 ? 169 SER A O   1 
ATOM   1160 C CB  . SER A 1 149 ? 1.972   -18.600 -7.868  1.00 98.63  ? 169 SER A CB  1 
ATOM   1161 O OG  . SER A 1 149 ? 2.634   -17.411 -7.435  1.00 107.75 ? 169 SER A OG  1 
ATOM   1162 N N   . THR A 1 150 ? 0.740   -17.664 -5.109  1.00 109.60 ? 170 THR A N   1 
ATOM   1163 C CA  . THR A 1 150 ? 0.610   -17.571 -3.635  1.00 99.00  ? 170 THR A CA  1 
ATOM   1164 C C   . THR A 1 150 ? -0.855  -17.649 -3.193  1.00 105.25 ? 170 THR A C   1 
ATOM   1165 O O   . THR A 1 150 ? -1.657  -16.794 -3.598  1.00 107.87 ? 170 THR A O   1 
ATOM   1166 C CB  . THR A 1 150 ? 1.164   -16.236 -3.121  1.00 86.13  ? 170 THR A CB  1 
ATOM   1167 O OG1 . THR A 1 150 ? 2.420   -15.963 -3.744  1.00 90.07  ? 170 THR A OG1 1 
ATOM   1168 C CG2 . THR A 1 150 ? 1.352   -16.269 -1.636  1.00 93.20  ? 170 THR A CG2 1 
ATOM   1169 N N   . SER A 1 151 ? -1.184  -18.647 -2.355  1.00 110.28 ? 171 SER A N   1 
ATOM   1170 C CA  . SER A 1 151 ? -2.556  -18.857 -1.840  1.00 105.33 ? 171 SER A CA  1 
ATOM   1171 C C   . SER A 1 151 ? -3.058  -17.704 -0.993  1.00 108.33 ? 171 SER A C   1 
ATOM   1172 O O   . SER A 1 151 ? -2.263  -16.941 -0.396  1.00 106.45 ? 171 SER A O   1 
ATOM   1173 C CB  . SER A 1 151 ? -2.658  -20.120 -0.994  1.00 102.21 ? 171 SER A CB  1 
ATOM   1174 O OG  . SER A 1 151 ? -4.016  -20.413 -0.742  1.00 103.76 ? 171 SER A OG  1 
ATOM   1175 N N   . THR A 1 152 ? -4.384  -17.589 -0.924  1.00 96.19  ? 172 THR A N   1 
ATOM   1176 C CA  . THR A 1 152 ? -4.986  -16.575 -0.064  1.00 91.06  ? 172 THR A CA  1 
ATOM   1177 C C   . THR A 1 152 ? -4.821  -16.965 1.416   1.00 99.99  ? 172 THR A C   1 
ATOM   1178 O O   . THR A 1 152 ? -5.034  -16.134 2.304   1.00 121.12 ? 172 THR A O   1 
ATOM   1179 C CB  . THR A 1 152 ? -6.447  -16.275 -0.422  1.00 77.87  ? 172 THR A CB  1 
ATOM   1180 O OG1 . THR A 1 152 ? -7.171  -17.493 -0.491  1.00 83.23  ? 172 THR A OG1 1 
ATOM   1181 C CG2 . THR A 1 152 ? -6.539  -15.602 -1.758  1.00 83.92  ? 172 THR A CG2 1 
ATOM   1182 N N   . ILE A 1 153 ? -4.404  -18.210 1.666   1.00 90.52  ? 173 ILE A N   1 
ATOM   1183 C CA  . ILE A 1 153 ? -3.974  -18.635 2.993   1.00 82.12  ? 173 ILE A CA  1 
ATOM   1184 C C   . ILE A 1 153 ? -2.648  -17.994 3.423   1.00 79.70  ? 173 ILE A C   1 
ATOM   1185 O O   . ILE A 1 153 ? -2.629  -17.260 4.400   1.00 88.72  ? 173 ILE A O   1 
ATOM   1186 C CB  . ILE A 1 153 ? -3.914  -20.164 3.135   1.00 83.58  ? 173 ILE A CB  1 
ATOM   1187 C CG1 . ILE A 1 153 ? -5.265  -20.790 2.746   1.00 85.07  ? 173 ILE A CG1 1 
ATOM   1188 C CG2 . ILE A 1 153 ? -3.524  -20.533 4.564   1.00 82.51  ? 173 ILE A CG2 1 
ATOM   1189 C CD1 . ILE A 1 153 ? -5.263  -22.309 2.650   1.00 82.70  ? 173 ILE A CD1 1 
ATOM   1190 N N   . THR A 1 154 ? -1.556  -18.262 2.714   1.00 81.94  ? 174 THR A N   1 
ATOM   1191 C CA  . THR A 1 154 ? -0.231  -17.776 3.136   1.00 90.56  ? 174 THR A CA  1 
ATOM   1192 C C   . THR A 1 154 ? -0.211  -16.253 3.258   1.00 88.92  ? 174 THR A C   1 
ATOM   1193 O O   . THR A 1 154 ? 0.276   -15.705 4.246   1.00 81.26  ? 174 THR A O   1 
ATOM   1194 C CB  . THR A 1 154 ? 0.889   -18.281 2.191   1.00 98.80  ? 174 THR A CB  1 
ATOM   1195 O OG1 . THR A 1 154 ? 0.863   -19.717 2.177   1.00 119.05 ? 174 THR A OG1 1 
ATOM   1196 C CG2 . THR A 1 154 ? 2.339   -17.742 2.595   1.00 87.34  ? 174 THR A CG2 1 
ATOM   1197 N N   . LEU A 1 155 ? -0.768  -15.603 2.241   1.00 92.58  ? 175 LEU A N   1 
ATOM   1198 C CA  . LEU A 1 155 ? -0.801  -14.157 2.124   1.00 81.84  ? 175 LEU A CA  1 
ATOM   1199 C C   . LEU A 1 155 ? -2.244  -13.819 1.889   1.00 85.85  ? 175 LEU A C   1 
ATOM   1200 O O   . LEU A 1 155 ? -2.928  -14.518 1.118   1.00 77.62  ? 175 LEU A O   1 
ATOM   1201 C CB  . LEU A 1 155 ? 0.029   -13.706 0.940   1.00 79.18  ? 175 LEU A CB  1 
ATOM   1202 C CG  . LEU A 1 155 ? 0.270   -12.222 0.720   1.00 85.64  ? 175 LEU A CG  1 
ATOM   1203 C CD1 . LEU A 1 155 ? 1.492   -11.740 1.472   1.00 84.51  ? 175 LEU A CD1 1 
ATOM   1204 C CD2 . LEU A 1 155 ? 0.476   -11.981 -0.766  1.00 91.02  ? 175 LEU A CD2 1 
ATOM   1205 N N   . SER A 1 156 ? -2.680  -12.755 2.576   1.00 85.10  ? 176 SER A N   1 
ATOM   1206 C CA  . SER A 1 156 ? -4.072  -12.294 2.644   1.00 83.67  ? 176 SER A CA  1 
ATOM   1207 C C   . SER A 1 156 ? -4.531  -11.863 1.255   1.00 82.24  ? 176 SER A C   1 
ATOM   1208 O O   . SER A 1 156 ? -3.744  -11.243 0.521   1.00 83.81  ? 176 SER A O   1 
ATOM   1209 C CB  . SER A 1 156 ? -4.143  -11.121 3.649   1.00 90.44  ? 176 SER A CB  1 
ATOM   1210 O OG  . SER A 1 156 ? -5.258  -10.257 3.464   1.00 102.63 ? 176 SER A OG  1 
ATOM   1211 N N   . ASP A 1 157 ? -5.773  -12.170 0.877   1.00 66.76  ? 177 ASP A N   1 
ATOM   1212 C CA  . ASP A 1 157 ? -6.303  -11.575 -0.354  1.00 68.39  ? 177 ASP A CA  1 
ATOM   1213 C C   . ASP A 1 157 ? -6.476  -10.047 -0.261  1.00 81.52  ? 177 ASP A C   1 
ATOM   1214 O O   . ASP A 1 157 ? -6.557  -9.369  -1.281  1.00 93.46  ? 177 ASP A O   1 
ATOM   1215 C CB  . ASP A 1 157 ? -7.629  -12.197 -0.747  1.00 68.72  ? 177 ASP A CB  1 
ATOM   1216 C CG  . ASP A 1 157 ? -8.011  -11.926 -2.208  1.00 70.87  ? 177 ASP A CG  1 
ATOM   1217 O OD1 . ASP A 1 157 ? -7.163  -11.923 -3.126  1.00 75.90  ? 177 ASP A OD1 1 
ATOM   1218 O OD2 . ASP A 1 157 ? -9.198  -11.747 -2.450  1.00 76.43  ? 177 ASP A OD2 1 
ATOM   1219 N N   . ASP A 1 158 ? -6.526  -9.516  0.962   1.00 86.59  ? 178 ASP A N   1 
ATOM   1220 C CA  . ASP A 1 158 ? -6.854  -8.116  1.196   1.00 75.11  ? 178 ASP A CA  1 
ATOM   1221 C C   . ASP A 1 158 ? -5.623  -7.293  1.349   1.00 76.43  ? 178 ASP A C   1 
ATOM   1222 O O   . ASP A 1 158 ? -4.727  -7.667  2.132   1.00 81.49  ? 178 ASP A O   1 
ATOM   1223 C CB  . ASP A 1 158 ? -7.743  -7.994  2.426   1.00 74.76  ? 178 ASP A CB  1 
ATOM   1224 C CG  . ASP A 1 158 ? -9.167  -8.460  2.146   1.00 87.68  ? 178 ASP A CG  1 
ATOM   1225 O OD1 . ASP A 1 158 ? -9.897  -7.787  1.383   1.00 97.63  ? 178 ASP A OD1 1 
ATOM   1226 O OD2 . ASP A 1 158 ? -9.557  -9.522  2.657   1.00 90.70  ? 178 ASP A OD2 1 
ATOM   1227 N N   . ILE A 1 159 ? -5.572  -6.186  0.594   1.00 72.39  ? 179 ILE A N   1 
ATOM   1228 C CA  . ILE A 1 159 ? -4.480  -5.201  0.730   1.00 76.96  ? 179 ILE A CA  1 
ATOM   1229 C C   . ILE A 1 159 ? -5.045  -3.871  1.198   1.00 74.34  ? 179 ILE A C   1 
ATOM   1230 O O   . ILE A 1 159 ? -5.986  -3.372  0.600   1.00 75.37  ? 179 ILE A O   1 
ATOM   1231 C CB  . ILE A 1 159 ? -3.706  -4.963  -0.589  1.00 79.32  ? 179 ILE A CB  1 
ATOM   1232 C CG1 . ILE A 1 159 ? -3.275  -6.280  -1.237  1.00 84.59  ? 179 ILE A CG1 1 
ATOM   1233 C CG2 . ILE A 1 159 ? -2.489  -4.082  -0.335  1.00 80.95  ? 179 ILE A CG2 1 
ATOM   1234 C CD1 . ILE A 1 159 ? -2.467  -6.112  -2.503  1.00 86.28  ? 179 ILE A CD1 1 
ATOM   1235 N N   . ASN A 1 160 ? -4.468  -3.295  2.249   1.00 76.01  ? 180 ASN A N   1 
ATOM   1236 C CA  . ASN A 1 160 ? -4.962  -2.015  2.766   1.00 79.07  ? 180 ASN A CA  1 
ATOM   1237 C C   . ASN A 1 160 ? -4.074  -0.914  2.311   1.00 76.97  ? 180 ASN A C   1 
ATOM   1238 O O   . ASN A 1 160 ? -2.873  -0.927  2.548   1.00 87.02  ? 180 ASN A O   1 
ATOM   1239 C CB  . ASN A 1 160 ? -5.066  -1.983  4.300   1.00 90.97  ? 180 ASN A CB  1 
ATOM   1240 C CG  . ASN A 1 160 ? -6.262  -2.765  4.836   1.00 96.29  ? 180 ASN A CG  1 
ATOM   1241 O OD1 . ASN A 1 160 ? -7.417  -2.617  4.387   1.00 99.70  ? 180 ASN A OD1 1 
ATOM   1242 N ND2 . ASN A 1 160 ? -5.985  -3.613  5.811   1.00 111.52 ? 180 ASN A ND2 1 
ATOM   1243 N N   . LEU A 1 161 ? -4.681  0.048   1.650   1.00 79.29  ? 181 LEU A N   1 
ATOM   1244 C CA  . LEU A 1 161 ? -3.954  1.177   1.115   1.00 77.79  ? 181 LEU A CA  1 
ATOM   1245 C C   . LEU A 1 161 ? -4.203  2.363   2.010   1.00 81.55  ? 181 LEU A C   1 
ATOM   1246 O O   . LEU A 1 161 ? -5.366  2.777   2.240   1.00 77.65  ? 181 LEU A O   1 
ATOM   1247 C CB  . LEU A 1 161 ? -4.408  1.489   -0.315  1.00 81.75  ? 181 LEU A CB  1 
ATOM   1248 C CG  . LEU A 1 161 ? -4.781  0.334   -1.250  1.00 82.64  ? 181 LEU A CG  1 
ATOM   1249 C CD1 . LEU A 1 161 ? -5.423  0.844   -2.532  1.00 77.07  ? 181 LEU A CD1 1 
ATOM   1250 C CD2 . LEU A 1 161 ? -3.559  -0.516  -1.538  1.00 85.06  ? 181 LEU A CD2 1 
ATOM   1251 N N   . ASN A 1 162 ? -3.102  2.878   2.538   1.00 77.13  ? 182 ASN A N   1 
ATOM   1252 C CA  . ASN A 1 162 ? -3.089  4.172   3.169   1.00 81.19  ? 182 ASN A CA  1 
ATOM   1253 C C   . ASN A 1 162 ? -2.178  5.147   2.364   1.00 85.12  ? 182 ASN A C   1 
ATOM   1254 O O   . ASN A 1 162 ? -0.977  4.894   2.210   1.00 91.73  ? 182 ASN A O   1 
ATOM   1255 C CB  . ASN A 1 162 ? -2.643  4.020   4.624   1.00 88.08  ? 182 ASN A CB  1 
ATOM   1256 C CG  . ASN A 1 162 ? -2.260  5.349   5.257   1.00 108.69 ? 182 ASN A CG  1 
ATOM   1257 O OD1 . ASN A 1 162 ? -1.096  5.769   5.192   1.00 121.34 ? 182 ASN A OD1 1 
ATOM   1258 N ND2 . ASN A 1 162 ? -3.245  6.044   5.836   1.00 106.76 ? 182 ASN A ND2 1 
ATOM   1259 N N   . ILE A 1 163 ? -2.748  6.242   1.846   1.00 75.05  ? 183 ILE A N   1 
ATOM   1260 C CA  . ILE A 1 163 ? -1.956  7.306   1.204   1.00 72.27  ? 183 ILE A CA  1 
ATOM   1261 C C   . ILE A 1 163 ? -2.064  8.597   1.994   1.00 77.69  ? 183 ILE A C   1 
ATOM   1262 O O   . ILE A 1 163 ? -3.144  9.180   2.092   1.00 78.44  ? 183 ILE A O   1 
ATOM   1263 C CB  . ILE A 1 163 ? -2.419  7.648   -0.223  1.00 68.31  ? 183 ILE A CB  1 
ATOM   1264 C CG1 . ILE A 1 163 ? -3.026  6.445   -0.945  1.00 70.93  ? 183 ILE A CG1 1 
ATOM   1265 C CG2 . ILE A 1 163 ? -1.292  8.302   -0.998  1.00 62.63  ? 183 ILE A CG2 1 
ATOM   1266 C CD1 . ILE A 1 163 ? -2.070  5.328   -1.282  1.00 76.90  ? 183 ILE A CD1 1 
ATOM   1267 N N   . GLU A 1 164 ? -0.947  9.053   2.541   1.00 83.08  ? 184 GLU A N   1 
ATOM   1268 C CA  . GLU A 1 164 ? -0.935  10.286  3.308   1.00 90.29  ? 184 GLU A CA  1 
ATOM   1269 C C   . GLU A 1 164 ? -0.289  11.370  2.452   1.00 87.50  ? 184 GLU A C   1 
ATOM   1270 O O   . GLU A 1 164 ? 0.787   11.144  1.930   1.00 94.37  ? 184 GLU A O   1 
ATOM   1271 C CB  . GLU A 1 164 ? -0.179  10.064  4.622   1.00 106.01 ? 184 GLU A CB  1 
ATOM   1272 C CG  . GLU A 1 164 ? -0.541  11.022  5.760   1.00 125.35 ? 184 GLU A CG  1 
ATOM   1273 C CD  . GLU A 1 164 ? -2.011  10.982  6.162   1.00 134.44 ? 184 GLU A CD  1 
ATOM   1274 O OE1 . GLU A 1 164 ? -2.548  9.883   6.450   1.00 131.88 ? 184 GLU A OE1 1 
ATOM   1275 O OE2 . GLU A 1 164 ? -2.628  12.070  6.193   1.00 149.15 ? 184 GLU A OE2 1 
ATOM   1276 N N   . VAL A 1 165 ? -0.942  12.526  2.296   1.00 83.74  ? 185 VAL A N   1 
ATOM   1277 C CA  . VAL A 1 165 ? -0.501  13.566  1.337   1.00 85.50  ? 185 VAL A CA  1 
ATOM   1278 C C   . VAL A 1 165 ? -0.445  14.962  1.955   1.00 91.96  ? 185 VAL A C   1 
ATOM   1279 O O   . VAL A 1 165 ? -1.470  15.441  2.457   1.00 101.54 ? 185 VAL A O   1 
ATOM   1280 C CB  . VAL A 1 165 ? -1.433  13.645  0.084   1.00 79.45  ? 185 VAL A CB  1 
ATOM   1281 C CG1 . VAL A 1 165 ? -1.024  14.775  -0.852  1.00 74.67  ? 185 VAL A CG1 1 
ATOM   1282 C CG2 . VAL A 1 165 ? -1.438  12.341  -0.684  1.00 70.99  ? 185 VAL A CG2 1 
ATOM   1283 N N   . GLU A 1 166 ? 0.750   15.581  1.940   1.00 97.51  ? 186 GLU A N   1 
ATOM   1284 C CA  . GLU A 1 166 ? 0.921   17.065  1.990   1.00 94.89  ? 186 GLU A CA  1 
ATOM   1285 C C   . GLU A 1 166 ? 1.199   17.519  0.555   1.00 91.44  ? 186 GLU A C   1 
ATOM   1286 O O   . GLU A 1 166 ? 1.752   16.758  -0.241  1.00 99.37  ? 186 GLU A O   1 
ATOM   1287 C CB  . GLU A 1 166 ? 2.034   17.533  2.952   1.00 77.98  ? 186 GLU A CB  1 
ATOM   1288 N N   . ALA A 1 167 ? 0.788   18.738  0.215   1.00 92.15  ? 187 ALA A N   1 
ATOM   1289 C CA  . ALA A 1 167 ? 0.787   19.204  -1.182  1.00 96.05  ? 187 ALA A CA  1 
ATOM   1290 C C   . ALA A 1 167 ? 0.613   20.726  -1.306  1.00 104.05 ? 187 ALA A C   1 
ATOM   1291 O O   . ALA A 1 167 ? -0.295  21.309  -0.701  1.00 115.26 ? 187 ALA A O   1 
ATOM   1292 C CB  . ALA A 1 167 ? -0.282  18.476  -2.000  1.00 89.66  ? 187 ALA A CB  1 
ATOM   1293 N N   . ASN A 1 168 ? 1.481   21.344  -2.112  1.00 102.57 ? 188 ASN A N   1 
ATOM   1294 C CA  . ASN A 1 168 ? 1.545   22.793  -2.280  1.00 89.46  ? 188 ASN A CA  1 
ATOM   1295 C C   . ASN A 1 168 ? 1.036   23.198  -3.656  1.00 91.18  ? 188 ASN A C   1 
ATOM   1296 O O   . ASN A 1 168 ? 1.076   22.411  -4.604  1.00 81.50  ? 188 ASN A O   1 
ATOM   1297 C CB  . ASN A 1 168 ? 2.965   23.289  -2.001  1.00 84.98  ? 188 ASN A CB  1 
ATOM   1298 C CG  . ASN A 1 168 ? 3.421   22.946  -0.588  1.00 96.83  ? 188 ASN A CG  1 
ATOM   1299 O OD1 . ASN A 1 168 ? 3.051   23.620  0.380   1.00 102.67 ? 188 ASN A OD1 1 
ATOM   1300 N ND2 . ASN A 1 168 ? 4.194   21.864  -0.456  1.00 98.53  ? 188 ASN A ND2 1 
ATOM   1301 N N   . GLU A 1 169 ? 0.521   24.424  -3.734  1.00 99.08  ? 189 GLU A N   1 
ATOM   1302 C CA  . GLU A 1 169 ? -0.033  24.994  -4.964  1.00 110.95 ? 189 GLU A CA  1 
ATOM   1303 C C   . GLU A 1 169 ? 1.074   25.113  -6.046  1.00 131.20 ? 189 GLU A C   1 
ATOM   1304 O O   . GLU A 1 169 ? 2.277   25.122  -5.719  1.00 142.13 ? 189 GLU A O   1 
ATOM   1305 C CB  . GLU A 1 169 ? -0.640  26.356  -4.624  1.00 104.98 ? 189 GLU A CB  1 
ATOM   1306 C CG  . GLU A 1 169 ? -1.805  26.819  -5.491  1.00 110.18 ? 189 GLU A CG  1 
ATOM   1307 C CD  . GLU A 1 169 ? -2.164  28.302  -5.279  1.00 119.90 ? 189 GLU A CD  1 
ATOM   1308 O OE1 . GLU A 1 169 ? -3.011  28.817  -6.053  1.00 113.78 ? 189 GLU A OE1 1 
ATOM   1309 O OE2 . GLU A 1 169 ? -1.613  28.965  -4.354  1.00 117.25 ? 189 GLU A OE2 1 
ATOM   1310 N N   . LYS A 1 170 ? 0.684   25.207  -7.321  1.00 130.10 ? 190 LYS A N   1 
ATOM   1311 C CA  . LYS A 1 170 ? 1.650   25.142  -8.425  1.00 131.78 ? 190 LYS A CA  1 
ATOM   1312 C C   . LYS A 1 170 ? 2.330   26.473  -8.821  1.00 153.03 ? 190 LYS A C   1 
ATOM   1313 O O   . LYS A 1 170 ? 1.767   27.559  -8.597  1.00 161.94 ? 190 LYS A O   1 
ATOM   1314 C CB  . LYS A 1 170 ? 1.042   24.438  -9.645  1.00 121.89 ? 190 LYS A CB  1 
ATOM   1315 C CG  . LYS A 1 170 ? 1.899   23.273  -10.135 1.00 113.82 ? 190 LYS A CG  1 
ATOM   1316 C CD  . LYS A 1 170 ? 1.612   22.909  -11.581 1.00 109.67 ? 190 LYS A CD  1 
ATOM   1317 C CE  . LYS A 1 170 ? 2.865   22.245  -12.183 1.00 126.54 ? 190 LYS A CE  1 
ATOM   1318 N NZ  . LYS A 1 170 ? 2.685   21.864  -13.624 1.00 135.20 ? 190 LYS A NZ  1 
ATOM   1319 N N   . GLU A 1 171 ? 3.537   26.356  -9.408  1.00 163.32 ? 191 GLU A N   1 
ATOM   1320 C CA  . GLU A 1 171 ? 4.353   27.470  -9.961  1.00 145.61 ? 191 GLU A CA  1 
ATOM   1321 C C   . GLU A 1 171 ? 4.712   28.540  -8.921  1.00 144.44 ? 191 GLU A C   1 
ATOM   1322 O O   . GLU A 1 171 ? 5.272   28.229  -7.865  1.00 130.33 ? 191 GLU A O   1 
ATOM   1323 C CB  . GLU A 1 171 ? 3.715   28.094  -11.226 1.00 123.63 ? 191 GLU A CB  1 
HETATM 1324 C C1  . UNL B 2 .   ? -2.527  3.566   -4.894  1.00 69.60  ? 301 UNL A C1  1 
HETATM 1325 C C2  . UNL B 2 .   ? -1.539  2.728   -4.051  1.00 81.64  ? 301 UNL A C2  1 
HETATM 1326 C C3  . UNL B 2 .   ? -1.456  1.233   -4.434  1.00 84.83  ? 301 UNL A C3  1 
HETATM 1327 C C4  . UNL B 2 .   ? -0.584  0.323   -3.546  1.00 79.54  ? 301 UNL A C4  1 
HETATM 1328 C C5  . UNL B 2 .   ? -0.725  -1.176  -3.922  1.00 78.93  ? 301 UNL A C5  1 
HETATM 1329 C C6  . UNL B 2 .   ? 0.301   -2.080  -3.224  1.00 77.66  ? 301 UNL A C6  1 
HETATM 1330 C C7  . UNL B 2 .   ? 0.172   -3.591  -3.477  1.00 78.78  ? 301 UNL A C7  1 
HETATM 1331 C C8  . UNL B 2 .   ? 1.380   -4.246  -2.773  1.00 87.54  ? 301 UNL A C8  1 
HETATM 1332 C C9  . UNL B 2 .   ? 1.255   -5.723  -2.336  1.00 88.12  ? 301 UNL A C9  1 
HETATM 1333 C C10 . UNL B 2 .   ? 2.540   -6.274  -1.654  1.00 89.34  ? 301 UNL A C10 1 
HETATM 1334 C C11 . UNL B 2 .   ? 2.628   -7.822  -1.474  1.00 87.38  ? 301 UNL A C11 1 
HETATM 1335 C C12 . UNL B 2 .   ? 3.662   -8.226  -0.405  1.00 89.73  ? 301 UNL A C12 1 
HETATM 1336 C C13 . UNL B 2 .   ? 3.926   -9.737  -0.300  1.00 88.78  ? 301 UNL A C13 1 
HETATM 1337 C C14 . UNL B 2 .   ? 5.016   -10.066 0.733   1.00 93.34  ? 301 UNL A C14 1 
HETATM 1338 C C15 . UNL B 2 .   ? 5.821   -11.326 0.374   1.00 105.81 ? 301 UNL A C15 1 
HETATM 1339 C C16 . UNL B 2 .   ? 5.628   -12.513 1.326   1.00 117.99 ? 301 UNL A C16 1 
HETATM 1340 C C17 . UNL B 2 .   ? 5.102   -13.781 0.637   1.00 102.92 ? 301 UNL A C17 1 
HETATM 1341 S S   . SO4 C 3 .   ? -13.826 -2.662  -13.057 0.90 130.87 ? 302 SO4 A S   1 
HETATM 1342 O O1  . SO4 C 3 .   ? -12.881 -3.798  -12.932 0.90 157.48 ? 302 SO4 A O1  1 
HETATM 1343 O O2  . SO4 C 3 .   ? -13.126 -1.542  -13.737 0.90 129.43 ? 302 SO4 A O2  1 
HETATM 1344 O O3  . SO4 C 3 .   ? -15.018 -3.136  -13.813 0.90 107.88 ? 302 SO4 A O3  1 
HETATM 1345 O O4  . SO4 C 3 .   ? -14.217 -2.197  -11.712 0.90 125.89 ? 302 SO4 A O4  1 
HETATM 1346 S S   . SO4 D 3 .   ? 2.241   -20.569 -0.794  0.45 73.56  ? 303 SO4 A S   1 
HETATM 1347 O O1  . SO4 D 3 .   ? 2.730   -21.127 -2.068  0.45 73.26  ? 303 SO4 A O1  1 
HETATM 1348 O O2  . SO4 D 3 .   ? 3.295   -19.667 -0.227  0.45 70.28  ? 303 SO4 A O2  1 
HETATM 1349 O O3  . SO4 D 3 .   ? 0.986   -19.815 -1.032  0.45 70.35  ? 303 SO4 A O3  1 
HETATM 1350 O O4  . SO4 D 3 .   ? 1.914   -21.707 0.107   0.45 73.22  ? 303 SO4 A O4  1 
HETATM 1351 O O   . HOH E 4 .   ? 18.250  -35.726 39.103  1.00 106.72 ? 401 HOH A O   1 
HETATM 1352 O O   . HOH E 4 .   ? -4.523  2.979   -13.622 1.00 77.40  ? 402 HOH A O   1 
HETATM 1353 O O   . HOH E 4 .   ? -16.780 8.159   -5.878  1.00 58.01  ? 403 HOH A O   1 
HETATM 1354 O O   . HOH E 4 .   ? -16.816 5.384   0.958   1.00 71.32  ? 404 HOH A O   1 
HETATM 1355 O O   . HOH E 4 .   ? -21.993 6.344   -5.351  1.00 87.74  ? 405 HOH A O   1 
HETATM 1356 O O   . HOH E 4 .   ? 0.810   -14.659 -13.388 1.00 74.34  ? 406 HOH A O   1 
HETATM 1357 O O   . HOH E 4 .   ? 17.328  -6.406  4.499   1.00 83.74  ? 407 HOH A O   1 
HETATM 1358 O O   . HOH E 4 .   ? 1.759   11.946  -13.101 1.00 70.51  ? 408 HOH A O   1 
HETATM 1359 O O   . HOH E 4 .   ? 11.537  -13.235 -12.464 1.00 76.03  ? 409 HOH A O   1 
HETATM 1360 O O   . HOH E 4 .   ? 0.624   -12.189 -10.501 1.00 85.17  ? 410 HOH A O   1 
HETATM 1361 O O   . HOH E 4 .   ? -6.521  -19.460 -2.983  1.00 72.91  ? 411 HOH A O   1 
HETATM 1362 O O   . HOH E 4 .   ? -3.862  -14.629 6.175   1.00 70.95  ? 412 HOH A O   1 
HETATM 1363 O O   . HOH E 4 .   ? 19.110  -10.120 -2.186  1.00 85.55  ? 413 HOH A O   1 
HETATM 1364 O O   . HOH E 4 .   ? 4.908   15.435  -9.302  1.00 88.06  ? 414 HOH A O   1 
HETATM 1365 O O   . HOH E 4 .   ? 9.917   -9.099  8.385   1.00 74.49  ? 415 HOH A O   1 
HETATM 1366 O O   . HOH E 4 .   ? 0.558   -14.691 -16.668 1.00 79.14  ? 416 HOH A O   1 
HETATM 1367 O O   . HOH E 4 .   ? 10.013  6.108   5.417   1.00 90.51  ? 417 HOH A O   1 
HETATM 1368 O O   . HOH E 4 .   ? 12.258  -29.142 10.869  1.00 81.12  ? 418 HOH A O   1 
# 
loop_
_pdbx_poly_seq_scheme.asym_id 
_pdbx_poly_seq_scheme.entity_id 
_pdbx_poly_seq_scheme.seq_id 
_pdbx_poly_seq_scheme.mon_id 
_pdbx_poly_seq_scheme.ndb_seq_num 
_pdbx_poly_seq_scheme.pdb_seq_num 
_pdbx_poly_seq_scheme.auth_seq_num 
_pdbx_poly_seq_scheme.pdb_mon_id 
_pdbx_poly_seq_scheme.auth_mon_id 
_pdbx_poly_seq_scheme.pdb_strand_id 
_pdbx_poly_seq_scheme.pdb_ins_code 
_pdbx_poly_seq_scheme.hetero 
A 1 1   MET 1   21  21  MET MET A . n 
A 1 2   LYS 2   22  22  LYS LYS A . n 
A 1 3   GLU 3   23  23  GLU GLU A . n 
A 1 4   TYR 4   24  24  TYR TYR A . n 
A 1 5   THR 5   25  25  THR THR A . n 
A 1 6   LEU 6   26  26  LEU LEU A . n 
A 1 7   ASP 7   27  27  ASP ASP A . n 
A 1 8   LYS 8   28  28  LYS LYS A . n 
A 1 9   ALA 9   29  29  ALA ALA A . n 
A 1 10  HIS 10  30  30  HIS HIS A . n 
A 1 11  THR 11  31  31  THR THR A . n 
A 1 12  ASP 12  32  32  ASP ASP A . n 
A 1 13  VAL 13  33  33  VAL VAL A . n 
A 1 14  CYS 14  34  34  CYS CYS A . n 
A 1 15  PHE 15  35  35  PHE PHE A . n 
A 1 16  LYS 16  36  36  LYS LYS A . n 
A 1 17  ILE 17  37  37  ILE ILE A . n 
A 1 18  LYS 18  38  38  LYS LYS A . n 
A 1 19  HIS 19  39  39  HIS HIS A . n 
A 1 20  LEU 20  40  40  LEU LEU A . n 
A 1 21  GLN 21  41  41  GLN GLN A . n 
A 1 22  ILE 22  42  42  ILE ILE A . n 
A 1 23  SER 23  43  43  SER SER A . n 
A 1 24  ASN 24  44  44  ASN ASN A . n 
A 1 25  VAL 25  45  45  VAL VAL A . n 
A 1 26  LYS 26  46  46  LYS LYS A . n 
A 1 27  GLY 27  47  47  GLY GLY A . n 
A 1 28  ASN 28  48  48  ASN ASN A . n 
A 1 29  PHE 29  49  49  PHE PHE A . n 
A 1 30  LYS 30  50  50  LYS LYS A . n 
A 1 31  ASP 31  51  51  ASP ASP A . n 
A 1 32  TYR 32  52  52  TYR TYR A . n 
A 1 33  SER 33  53  53  SER SER A . n 
A 1 34  ALA 34  54  54  ALA ALA A . n 
A 1 35  VAL 35  55  55  VAL VAL A . n 
A 1 36  ILE 36  56  56  ILE ILE A . n 
A 1 37  ASP 37  57  57  ASP ASP A . n 
A 1 38  PHE 38  58  58  PHE PHE A . n 
A 1 39  ASP 39  59  59  ASP ASP A . n 
A 1 40  PRO 40  60  60  PRO PRO A . n 
A 1 41  ALA 41  61  61  ALA ALA A . n 
A 1 42  SER 42  62  62  SER SER A . n 
A 1 43  ALA 43  63  63  ALA ALA A . n 
A 1 44  GLU 44  64  64  GLU GLU A . n 
A 1 45  PHE 45  65  65  PHE PHE A . n 
A 1 46  LYS 46  66  66  LYS LYS A . n 
A 1 47  LYS 47  67  67  LYS LYS A . n 
A 1 48  LEU 48  68  68  LEU LEU A . n 
A 1 49  ASP 49  69  69  ASP ASP A . n 
A 1 50  VAL 50  70  70  VAL VAL A . n 
A 1 51  THR 51  71  71  THR THR A . n 
A 1 52  ILE 52  72  72  ILE ILE A . n 
A 1 53  LYS 53  73  73  LYS LYS A . n 
A 1 54  ILE 54  74  74  ILE ILE A . n 
A 1 55  ALA 55  75  75  ALA ALA A . n 
A 1 56  SER 56  76  76  SER SER A . n 
A 1 57  VAL 57  77  77  VAL VAL A . n 
A 1 58  ASN 58  78  78  ASN ASN A . n 
A 1 59  THR 59  79  79  THR THR A . n 
A 1 60  GLU 60  80  80  GLU GLU A . n 
A 1 61  ASN 61  81  81  ASN ASN A . n 
A 1 62  GLN 62  82  82  GLN GLN A . n 
A 1 63  THR 63  83  83  THR THR A . n 
A 1 64  ARG 64  84  84  ARG ARG A . n 
A 1 65  ASP 65  85  85  ASP ASP A . n 
A 1 66  ASN 66  86  86  ASN ASN A . n 
A 1 67  HIS 67  87  87  HIS HIS A . n 
A 1 68  LEU 68  88  88  LEU LEU A . n 
A 1 69  GLN 69  89  89  GLN GLN A . n 
A 1 70  GLN 70  90  90  GLN GLN A . n 
A 1 71  ASP 71  91  91  ASP ASP A . n 
A 1 72  ASP 72  92  92  ASP ASP A . n 
A 1 73  PHE 73  93  93  PHE PHE A . n 
A 1 74  PHE 74  94  94  PHE PHE A . n 
A 1 75  LYS 75  95  95  LYS LYS A . n 
A 1 76  ALA 76  96  96  ALA ALA A . n 
A 1 77  LYS 77  97  97  LYS LYS A . n 
A 1 78  LYS 78  98  98  LYS LYS A . n 
A 1 79  TYR 79  99  99  TYR TYR A . n 
A 1 80  PRO 80  100 100 PRO PRO A . n 
A 1 81  ASP 81  101 101 ASP ASP A . n 
A 1 82  MET 82  102 102 MET MET A . n 
A 1 83  THR 83  103 103 THR THR A . n 
A 1 84  PHE 84  104 104 PHE PHE A . n 
A 1 85  THR 85  105 105 THR THR A . n 
A 1 86  MET 86  106 106 MET MET A . n 
A 1 87  LYS 87  107 107 LYS LYS A . n 
A 1 88  LYS 88  108 108 LYS LYS A . n 
A 1 89  TYR 89  109 109 TYR TYR A . n 
A 1 90  GLU 90  110 110 GLU GLU A . n 
A 1 91  LYS 91  111 111 LYS LYS A . n 
A 1 92  ILE 92  112 112 ILE ILE A . n 
A 1 93  ASP 93  113 113 ASP ASP A . n 
A 1 94  ASN 94  114 114 ASN ASN A . n 
A 1 95  GLU 95  115 115 GLU GLU A . n 
A 1 96  LYS 96  116 116 LYS LYS A . n 
A 1 97  GLY 97  117 117 GLY GLY A . n 
A 1 98  LYS 98  118 118 LYS LYS A . n 
A 1 99  MET 99  119 119 MET MET A . n 
A 1 100 THR 100 120 120 THR THR A . n 
A 1 101 GLY 101 121 121 GLY GLY A . n 
A 1 102 THR 102 122 122 THR THR A . n 
A 1 103 LEU 103 123 123 LEU LEU A . n 
A 1 104 THR 104 124 124 THR THR A . n 
A 1 105 ILE 105 125 125 ILE ILE A . n 
A 1 106 ALA 106 126 126 ALA ALA A . n 
A 1 107 GLY 107 127 127 GLY GLY A . n 
A 1 108 VAL 108 128 128 VAL VAL A . n 
A 1 109 SER 109 129 129 SER SER A . n 
A 1 110 LYS 110 130 130 LYS LYS A . n 
A 1 111 ASP 111 131 131 ASP ASP A . n 
A 1 112 ILE 112 132 132 ILE ILE A . n 
A 1 113 VAL 113 133 133 VAL VAL A . n 
A 1 114 LEU 114 134 134 LEU LEU A . n 
A 1 115 ASP 115 135 135 ASP ASP A . n 
A 1 116 ALA 116 136 136 ALA ALA A . n 
A 1 117 GLU 117 137 137 GLU GLU A . n 
A 1 118 ILE 118 138 138 ILE ILE A . n 
A 1 119 GLY 119 139 139 GLY GLY A . n 
A 1 120 GLY 120 140 140 GLY GLY A . n 
A 1 121 VAL 121 141 141 VAL VAL A . n 
A 1 122 ALA 122 142 142 ALA ALA A . n 
A 1 123 LYS 123 143 143 LYS LYS A . n 
A 1 124 GLY 124 144 144 GLY GLY A . n 
A 1 125 LYS 125 145 145 LYS LYS A . n 
A 1 126 ASP 126 146 146 ASP ASP A . n 
A 1 127 GLY 127 147 147 GLY GLY A . n 
A 1 128 LYS 128 148 148 LYS LYS A . n 
A 1 129 GLU 129 149 149 GLU GLU A . n 
A 1 130 LYS 130 150 150 LYS LYS A . n 
A 1 131 ILE 131 151 151 ILE ILE A . n 
A 1 132 GLY 132 152 152 GLY GLY A . n 
A 1 133 PHE 133 153 153 PHE PHE A . n 
A 1 134 SER 134 154 154 SER SER A . n 
A 1 135 LEU 135 155 155 LEU LEU A . n 
A 1 136 ASN 136 156 156 ASN ASN A . n 
A 1 137 GLY 137 157 157 GLY GLY A . n 
A 1 138 LYS 138 158 158 LYS LYS A . n 
A 1 139 ILE 139 159 159 ILE ILE A . n 
A 1 140 LYS 140 160 160 LYS LYS A . n 
A 1 141 ARG 141 161 161 ARG ARG A . n 
A 1 142 SER 142 162 162 SER SER A . n 
A 1 143 ASP 143 163 163 ASP ASP A . n 
A 1 144 PHE 144 164 164 PHE PHE A . n 
A 1 145 LYS 145 165 165 LYS LYS A . n 
A 1 146 PHE 146 166 166 PHE PHE A . n 
A 1 147 ALA 147 167 167 ALA ALA A . n 
A 1 148 THR 148 168 168 THR THR A . n 
A 1 149 SER 149 169 169 SER SER A . n 
A 1 150 THR 150 170 170 THR THR A . n 
A 1 151 SER 151 171 171 SER SER A . n 
A 1 152 THR 152 172 172 THR THR A . n 
A 1 153 ILE 153 173 173 ILE ILE A . n 
A 1 154 THR 154 174 174 THR THR A . n 
A 1 155 LEU 155 175 175 LEU LEU A . n 
A 1 156 SER 156 176 176 SER SER A . n 
A 1 157 ASP 157 177 177 ASP ASP A . n 
A 1 158 ASP 158 178 178 ASP ASP A . n 
A 1 159 ILE 159 179 179 ILE ILE A . n 
A 1 160 ASN 160 180 180 ASN ASN A . n 
A 1 161 LEU 161 181 181 LEU LEU A . n 
A 1 162 ASN 162 182 182 ASN ASN A . n 
A 1 163 ILE 163 183 183 ILE ILE A . n 
A 1 164 GLU 164 184 184 GLU GLU A . n 
A 1 165 VAL 165 185 185 VAL VAL A . n 
A 1 166 GLU 166 186 186 GLU GLU A . n 
A 1 167 ALA 167 187 187 ALA ALA A . n 
A 1 168 ASN 168 188 188 ASN ASN A . n 
A 1 169 GLU 169 189 189 GLU GLU A . n 
A 1 170 LYS 170 190 190 LYS LYS A . n 
A 1 171 GLU 171 191 191 GLU GLU A . n 
A 1 172 GLY 172 192 ?   ?   ?   A . n 
A 1 173 GLY 173 193 ?   ?   ?   A . n 
A 1 174 SER 174 194 ?   ?   ?   A . n 
A 1 175 HIS 175 195 ?   ?   ?   A . n 
A 1 176 HIS 176 196 ?   ?   ?   A . n 
A 1 177 HIS 177 197 ?   ?   ?   A . n 
A 1 178 HIS 178 198 ?   ?   ?   A . n 
A 1 179 HIS 179 199 ?   ?   ?   A . n 
A 1 180 HIS 180 200 ?   ?   ?   A . n 
# 
loop_
_pdbx_nonpoly_scheme.asym_id 
_pdbx_nonpoly_scheme.entity_id 
_pdbx_nonpoly_scheme.mon_id 
_pdbx_nonpoly_scheme.ndb_seq_num 
_pdbx_nonpoly_scheme.pdb_seq_num 
_pdbx_nonpoly_scheme.auth_seq_num 
_pdbx_nonpoly_scheme.pdb_mon_id 
_pdbx_nonpoly_scheme.auth_mon_id 
_pdbx_nonpoly_scheme.pdb_strand_id 
_pdbx_nonpoly_scheme.pdb_ins_code 
B 2 UNL 1  301 1  UNL LFA A . 
C 3 SO4 1  302 1  SO4 SO4 A . 
D 3 SO4 1  303 2  SO4 SO4 A . 
E 4 HOH 1  401 9  HOH HOH A . 
E 4 HOH 2  402 17 HOH HOH A . 
E 4 HOH 3  403 1  HOH HOH A . 
E 4 HOH 4  404 7  HOH HOH A . 
E 4 HOH 5  405 6  HOH HOH A . 
E 4 HOH 6  406 14 HOH HOH A . 
E 4 HOH 7  407 4  HOH HOH A . 
E 4 HOH 8  408 10 HOH HOH A . 
E 4 HOH 9  409 22 HOH HOH A . 
E 4 HOH 10 410 12 HOH HOH A . 
E 4 HOH 11 411 5  HOH HOH A . 
E 4 HOH 12 412 3  HOH HOH A . 
E 4 HOH 13 413 11 HOH HOH A . 
E 4 HOH 14 414 8  HOH HOH A . 
E 4 HOH 15 415 2  HOH HOH A . 
E 4 HOH 16 416 23 HOH HOH A . 
E 4 HOH 17 417 21 HOH HOH A . 
E 4 HOH 18 418 20 HOH HOH A . 
# 
_pdbx_struct_assembly.id                   1 
_pdbx_struct_assembly.details              author_and_software_defined_assembly 
_pdbx_struct_assembly.method_details       PISA 
_pdbx_struct_assembly.oligomeric_details   tetrameric 
_pdbx_struct_assembly.oligomeric_count     4 
# 
_pdbx_struct_assembly_gen.assembly_id       1 
_pdbx_struct_assembly_gen.oper_expression   1,2,3,4 
_pdbx_struct_assembly_gen.asym_id_list      A,B,C,D,E 
# 
loop_
_pdbx_struct_assembly_prop.biol_id 
_pdbx_struct_assembly_prop.type 
_pdbx_struct_assembly_prop.value 
_pdbx_struct_assembly_prop.details 
1 'ABSA (A^2)' 21570 ? 
1 MORE         -212  ? 
1 'SSA (A^2)'  32630 ? 
# 
loop_
_pdbx_struct_oper_list.id 
_pdbx_struct_oper_list.type 
_pdbx_struct_oper_list.name 
_pdbx_struct_oper_list.symmetry_operation 
_pdbx_struct_oper_list.matrix[1][1] 
_pdbx_struct_oper_list.matrix[1][2] 
_pdbx_struct_oper_list.matrix[1][3] 
_pdbx_struct_oper_list.vector[1] 
_pdbx_struct_oper_list.matrix[2][1] 
_pdbx_struct_oper_list.matrix[2][2] 
_pdbx_struct_oper_list.matrix[2][3] 
_pdbx_struct_oper_list.vector[2] 
_pdbx_struct_oper_list.matrix[3][1] 
_pdbx_struct_oper_list.matrix[3][2] 
_pdbx_struct_oper_list.matrix[3][3] 
_pdbx_struct_oper_list.vector[3] 
1 'identity operation'         1_555  x,y,z        1.0000000000  0.0000000000  0.0000000000  0.0000000000   0.0000000000  1.0000000000  0.0000000000  0.0000000000   0.0000000000  0.0000000000  1.0000000000  0.0000000000  
2 'crystal symmetry operation' 4_545  -x,-y-1,z    -0.6668702481 0.0099192591  -0.7451078314 1.6171107809   0.0099192591  -0.9997046445 -0.0221863030 -42.3800594553 -0.7451078314 -0.0221863030 0.6665748926  0.1588077853  
3 'crystal symmetry operation' 9_556  -x,-x+y,-z+1 0.1993198872  0.8130395806  0.5470267114  10.4350602819  0.8130395806  -0.4488264835 0.3708388169  -31.6077695053 0.5470267114  0.3708388169  -0.7504934037 24.1000888374 
4 'crystal symmetry operation' 12_546 x,x-y-1,-z+1 -0.5324496390 -0.8229588397 0.1980811201  -23.6124110436 -0.8229588397 0.4485311280  -0.3486525139 -11.2128092847 0.1980811201  -0.3486525139 -0.9160814890 9.1493363276 
# 
loop_
_pdbx_audit_revision_history.ordinal 
_pdbx_audit_revision_history.data_content_type 
_pdbx_audit_revision_history.major_revision 
_pdbx_audit_revision_history.minor_revision 
_pdbx_audit_revision_history.revision_date 
1 'Structure model' 1 0 2018-01-03 
2 'Structure model' 1 1 2018-01-24 
3 'Structure model' 1 2 2023-10-04 
# 
_pdbx_audit_revision_details.ordinal             1 
_pdbx_audit_revision_details.revision_ordinal    1 
_pdbx_audit_revision_details.data_content_type   'Structure model' 
_pdbx_audit_revision_details.provider            repository 
_pdbx_audit_revision_details.type                'Initial release' 
_pdbx_audit_revision_details.description         ? 
_pdbx_audit_revision_details.details             ? 
# 
loop_
_pdbx_audit_revision_group.ordinal 
_pdbx_audit_revision_group.revision_ordinal 
_pdbx_audit_revision_group.data_content_type 
_pdbx_audit_revision_group.group 
1 2 'Structure model' 'Database references'    
2 3 'Structure model' 'Data collection'        
3 3 'Structure model' 'Database references'    
4 3 'Structure model' 'Refinement description' 
# 
loop_
_pdbx_audit_revision_category.ordinal 
_pdbx_audit_revision_category.revision_ordinal 
_pdbx_audit_revision_category.data_content_type 
_pdbx_audit_revision_category.category 
1 2 'Structure model' citation                      
2 3 'Structure model' chem_comp_atom                
3 3 'Structure model' chem_comp_bond                
4 3 'Structure model' database_2                    
5 3 'Structure model' pdbx_initial_refinement_model 
# 
loop_
_pdbx_audit_revision_item.ordinal 
_pdbx_audit_revision_item.revision_ordinal 
_pdbx_audit_revision_item.data_content_type 
_pdbx_audit_revision_item.item 
1 2 'Structure model' '_citation.journal_volume'            
2 2 'Structure model' '_citation.page_first'                
3 2 'Structure model' '_citation.page_last'                 
4 2 'Structure model' '_citation.year'                      
5 3 'Structure model' '_database_2.pdbx_DOI'                
6 3 'Structure model' '_database_2.pdbx_database_accession' 
# 
loop_
_software.citation_id 
_software.classification 
_software.compiler_name 
_software.compiler_version 
_software.contact_author 
_software.contact_author_email 
_software.date 
_software.description 
_software.dependencies 
_software.hardware 
_software.language 
_software.location 
_software.mods 
_software.name 
_software.os 
_software.os_version 
_software.type 
_software.version 
_software.pdbx_ordinal 
? 'data scaling'    ? ? ? ? ? ? ? ? ? ? ? SCALA       ? ? ? 3.3.22   1 
? refinement        ? ? ? ? ? ? ? ? ? ? ? REFMAC      ? ? ? 5.8.0158 2 
? 'data extraction' ? ? ? ? ? ? ? ? ? ? ? PDB_EXTRACT ? ? ? 3.22     3 
? 'data reduction'  ? ? ? ? ? ? ? ? ? ? ? XDS         ? ? ? 20161101 4 
? phasing           ? ? ? ? ? ? ? ? ? ? ? REFMAC      ? ? ? 5.8.0158 5 
# 
loop_
_pdbx_validate_torsion.id 
_pdbx_validate_torsion.PDB_model_num 
_pdbx_validate_torsion.auth_comp_id 
_pdbx_validate_torsion.auth_asym_id 
_pdbx_validate_torsion.auth_seq_id 
_pdbx_validate_torsion.PDB_ins_code 
_pdbx_validate_torsion.label_alt_id 
_pdbx_validate_torsion.phi 
_pdbx_validate_torsion.psi 
1 1 ASN A 48  ? ? -117.81 -162.98 
2 1 ASN A 81  ? ? -178.65 109.89  
3 1 PHE A 93  ? ? -133.52 -103.95 
4 1 ILE A 112 ? ? -100.34 -60.71  
5 1 ASP A 113 ? ? -146.13 -156.01 
6 1 LYS A 165 ? ? 29.53   46.43   
# 
loop_
_pdbx_unobs_or_zero_occ_atoms.id 
_pdbx_unobs_or_zero_occ_atoms.PDB_model_num 
_pdbx_unobs_or_zero_occ_atoms.polymer_flag 
_pdbx_unobs_or_zero_occ_atoms.occupancy_flag 
_pdbx_unobs_or_zero_occ_atoms.auth_asym_id 
_pdbx_unobs_or_zero_occ_atoms.auth_comp_id 
_pdbx_unobs_or_zero_occ_atoms.auth_seq_id 
_pdbx_unobs_or_zero_occ_atoms.PDB_ins_code 
_pdbx_unobs_or_zero_occ_atoms.auth_atom_id 
_pdbx_unobs_or_zero_occ_atoms.label_alt_id 
_pdbx_unobs_or_zero_occ_atoms.label_asym_id 
_pdbx_unobs_or_zero_occ_atoms.label_comp_id 
_pdbx_unobs_or_zero_occ_atoms.label_seq_id 
_pdbx_unobs_or_zero_occ_atoms.label_atom_id 
1  1 Y 1 A LYS 46  ? CG  ? A LYS 26  CG  
2  1 Y 1 A LYS 46  ? CD  ? A LYS 26  CD  
3  1 Y 1 A LYS 46  ? CE  ? A LYS 26  CE  
4  1 Y 1 A LYS 46  ? NZ  ? A LYS 26  NZ  
5  1 Y 1 A LYS 50  ? CG  ? A LYS 30  CG  
6  1 Y 1 A LYS 50  ? CD  ? A LYS 30  CD  
7  1 Y 1 A LYS 50  ? CE  ? A LYS 30  CE  
8  1 Y 1 A LYS 50  ? NZ  ? A LYS 30  NZ  
9  1 Y 1 A LYS 97  ? CG  ? A LYS 77  CG  
10 1 Y 1 A LYS 97  ? CD  ? A LYS 77  CD  
11 1 Y 1 A LYS 97  ? CE  ? A LYS 77  CE  
12 1 Y 1 A LYS 97  ? NZ  ? A LYS 77  NZ  
13 1 Y 1 A LYS 158 ? CG  ? A LYS 138 CG  
14 1 Y 1 A LYS 158 ? CD  ? A LYS 138 CD  
15 1 Y 1 A LYS 158 ? CE  ? A LYS 138 CE  
16 1 Y 1 A LYS 158 ? NZ  ? A LYS 138 NZ  
17 1 Y 1 A GLU 186 ? CG  ? A GLU 166 CG  
18 1 Y 1 A GLU 186 ? CD  ? A GLU 166 CD  
19 1 Y 1 A GLU 186 ? OE1 ? A GLU 166 OE1 
20 1 Y 1 A GLU 186 ? OE2 ? A GLU 166 OE2 
21 1 Y 1 A GLU 191 ? CG  ? A GLU 171 CG  
22 1 Y 1 A GLU 191 ? CD  ? A GLU 171 CD  
23 1 Y 1 A GLU 191 ? OE1 ? A GLU 171 OE1 
24 1 Y 1 A GLU 191 ? OE2 ? A GLU 171 OE2 
# 
loop_
_pdbx_unobs_or_zero_occ_residues.id 
_pdbx_unobs_or_zero_occ_residues.PDB_model_num 
_pdbx_unobs_or_zero_occ_residues.polymer_flag 
_pdbx_unobs_or_zero_occ_residues.occupancy_flag 
_pdbx_unobs_or_zero_occ_residues.auth_asym_id 
_pdbx_unobs_or_zero_occ_residues.auth_comp_id 
_pdbx_unobs_or_zero_occ_residues.auth_seq_id 
_pdbx_unobs_or_zero_occ_residues.PDB_ins_code 
_pdbx_unobs_or_zero_occ_residues.label_asym_id 
_pdbx_unobs_or_zero_occ_residues.label_comp_id 
_pdbx_unobs_or_zero_occ_residues.label_seq_id 
1 1 Y 1 A GLY 192 ? A GLY 172 
2 1 Y 1 A GLY 193 ? A GLY 173 
3 1 Y 1 A SER 194 ? A SER 174 
4 1 Y 1 A HIS 195 ? A HIS 175 
5 1 Y 1 A HIS 196 ? A HIS 176 
6 1 Y 1 A HIS 197 ? A HIS 177 
7 1 Y 1 A HIS 198 ? A HIS 178 
8 1 Y 1 A HIS 199 ? A HIS 179 
9 1 Y 1 A HIS 200 ? A HIS 180 
# 
loop_
_chem_comp_atom.comp_id 
_chem_comp_atom.atom_id 
_chem_comp_atom.type_symbol 
_chem_comp_atom.pdbx_aromatic_flag 
_chem_comp_atom.pdbx_stereo_config 
_chem_comp_atom.pdbx_ordinal 
ALA N    N N N 1   
ALA CA   C N S 2   
ALA C    C N N 3   
ALA O    O N N 4   
ALA CB   C N N 5   
ALA OXT  O N N 6   
ALA H    H N N 7   
ALA H2   H N N 8   
ALA HA   H N N 9   
ALA HB1  H N N 10  
ALA HB2  H N N 11  
ALA HB3  H N N 12  
ALA HXT  H N N 13  
ARG N    N N N 14  
ARG CA   C N S 15  
ARG C    C N N 16  
ARG O    O N N 17  
ARG CB   C N N 18  
ARG CG   C N N 19  
ARG CD   C N N 20  
ARG NE   N N N 21  
ARG CZ   C N N 22  
ARG NH1  N N N 23  
ARG NH2  N N N 24  
ARG OXT  O N N 25  
ARG H    H N N 26  
ARG H2   H N N 27  
ARG HA   H N N 28  
ARG HB2  H N N 29  
ARG HB3  H N N 30  
ARG HG2  H N N 31  
ARG HG3  H N N 32  
ARG HD2  H N N 33  
ARG HD3  H N N 34  
ARG HE   H N N 35  
ARG HH11 H N N 36  
ARG HH12 H N N 37  
ARG HH21 H N N 38  
ARG HH22 H N N 39  
ARG HXT  H N N 40  
ASN N    N N N 41  
ASN CA   C N S 42  
ASN C    C N N 43  
ASN O    O N N 44  
ASN CB   C N N 45  
ASN CG   C N N 46  
ASN OD1  O N N 47  
ASN ND2  N N N 48  
ASN OXT  O N N 49  
ASN H    H N N 50  
ASN H2   H N N 51  
ASN HA   H N N 52  
ASN HB2  H N N 53  
ASN HB3  H N N 54  
ASN HD21 H N N 55  
ASN HD22 H N N 56  
ASN HXT  H N N 57  
ASP N    N N N 58  
ASP CA   C N S 59  
ASP C    C N N 60  
ASP O    O N N 61  
ASP CB   C N N 62  
ASP CG   C N N 63  
ASP OD1  O N N 64  
ASP OD2  O N N 65  
ASP OXT  O N N 66  
ASP H    H N N 67  
ASP H2   H N N 68  
ASP HA   H N N 69  
ASP HB2  H N N 70  
ASP HB3  H N N 71  
ASP HD2  H N N 72  
ASP HXT  H N N 73  
CYS N    N N N 74  
CYS CA   C N R 75  
CYS C    C N N 76  
CYS O    O N N 77  
CYS CB   C N N 78  
CYS SG   S N N 79  
CYS OXT  O N N 80  
CYS H    H N N 81  
CYS H2   H N N 82  
CYS HA   H N N 83  
CYS HB2  H N N 84  
CYS HB3  H N N 85  
CYS HG   H N N 86  
CYS HXT  H N N 87  
GLN N    N N N 88  
GLN CA   C N S 89  
GLN C    C N N 90  
GLN O    O N N 91  
GLN CB   C N N 92  
GLN CG   C N N 93  
GLN CD   C N N 94  
GLN OE1  O N N 95  
GLN NE2  N N N 96  
GLN OXT  O N N 97  
GLN H    H N N 98  
GLN H2   H N N 99  
GLN HA   H N N 100 
GLN HB2  H N N 101 
GLN HB3  H N N 102 
GLN HG2  H N N 103 
GLN HG3  H N N 104 
GLN HE21 H N N 105 
GLN HE22 H N N 106 
GLN HXT  H N N 107 
GLU N    N N N 108 
GLU CA   C N S 109 
GLU C    C N N 110 
GLU O    O N N 111 
GLU CB   C N N 112 
GLU CG   C N N 113 
GLU CD   C N N 114 
GLU OE1  O N N 115 
GLU OE2  O N N 116 
GLU OXT  O N N 117 
GLU H    H N N 118 
GLU H2   H N N 119 
GLU HA   H N N 120 
GLU HB2  H N N 121 
GLU HB3  H N N 122 
GLU HG2  H N N 123 
GLU HG3  H N N 124 
GLU HE2  H N N 125 
GLU HXT  H N N 126 
GLY N    N N N 127 
GLY CA   C N N 128 
GLY C    C N N 129 
GLY O    O N N 130 
GLY OXT  O N N 131 
GLY H    H N N 132 
GLY H2   H N N 133 
GLY HA2  H N N 134 
GLY HA3  H N N 135 
GLY HXT  H N N 136 
HIS N    N N N 137 
HIS CA   C N S 138 
HIS C    C N N 139 
HIS O    O N N 140 
HIS CB   C N N 141 
HIS CG   C Y N 142 
HIS ND1  N Y N 143 
HIS CD2  C Y N 144 
HIS CE1  C Y N 145 
HIS NE2  N Y N 146 
HIS OXT  O N N 147 
HIS H    H N N 148 
HIS H2   H N N 149 
HIS HA   H N N 150 
HIS HB2  H N N 151 
HIS HB3  H N N 152 
HIS HD1  H N N 153 
HIS HD2  H N N 154 
HIS HE1  H N N 155 
HIS HE2  H N N 156 
HIS HXT  H N N 157 
HOH O    O N N 158 
HOH H1   H N N 159 
HOH H2   H N N 160 
ILE N    N N N 161 
ILE CA   C N S 162 
ILE C    C N N 163 
ILE O    O N N 164 
ILE CB   C N S 165 
ILE CG1  C N N 166 
ILE CG2  C N N 167 
ILE CD1  C N N 168 
ILE OXT  O N N 169 
ILE H    H N N 170 
ILE H2   H N N 171 
ILE HA   H N N 172 
ILE HB   H N N 173 
ILE HG12 H N N 174 
ILE HG13 H N N 175 
ILE HG21 H N N 176 
ILE HG22 H N N 177 
ILE HG23 H N N 178 
ILE HD11 H N N 179 
ILE HD12 H N N 180 
ILE HD13 H N N 181 
ILE HXT  H N N 182 
LEU N    N N N 183 
LEU CA   C N S 184 
LEU C    C N N 185 
LEU O    O N N 186 
LEU CB   C N N 187 
LEU CG   C N N 188 
LEU CD1  C N N 189 
LEU CD2  C N N 190 
LEU OXT  O N N 191 
LEU H    H N N 192 
LEU H2   H N N 193 
LEU HA   H N N 194 
LEU HB2  H N N 195 
LEU HB3  H N N 196 
LEU HG   H N N 197 
LEU HD11 H N N 198 
LEU HD12 H N N 199 
LEU HD13 H N N 200 
LEU HD21 H N N 201 
LEU HD22 H N N 202 
LEU HD23 H N N 203 
LEU HXT  H N N 204 
LYS N    N N N 205 
LYS CA   C N S 206 
LYS C    C N N 207 
LYS O    O N N 208 
LYS CB   C N N 209 
LYS CG   C N N 210 
LYS CD   C N N 211 
LYS CE   C N N 212 
LYS NZ   N N N 213 
LYS OXT  O N N 214 
LYS H    H N N 215 
LYS H2   H N N 216 
LYS HA   H N N 217 
LYS HB2  H N N 218 
LYS HB3  H N N 219 
LYS HG2  H N N 220 
LYS HG3  H N N 221 
LYS HD2  H N N 222 
LYS HD3  H N N 223 
LYS HE2  H N N 224 
LYS HE3  H N N 225 
LYS HZ1  H N N 226 
LYS HZ2  H N N 227 
LYS HZ3  H N N 228 
LYS HXT  H N N 229 
MET N    N N N 230 
MET CA   C N S 231 
MET C    C N N 232 
MET O    O N N 233 
MET CB   C N N 234 
MET CG   C N N 235 
MET SD   S N N 236 
MET CE   C N N 237 
MET OXT  O N N 238 
MET H    H N N 239 
MET H2   H N N 240 
MET HA   H N N 241 
MET HB2  H N N 242 
MET HB3  H N N 243 
MET HG2  H N N 244 
MET HG3  H N N 245 
MET HE1  H N N 246 
MET HE2  H N N 247 
MET HE3  H N N 248 
MET HXT  H N N 249 
PHE N    N N N 250 
PHE CA   C N S 251 
PHE C    C N N 252 
PHE O    O N N 253 
PHE CB   C N N 254 
PHE CG   C Y N 255 
PHE CD1  C Y N 256 
PHE CD2  C Y N 257 
PHE CE1  C Y N 258 
PHE CE2  C Y N 259 
PHE CZ   C Y N 260 
PHE OXT  O N N 261 
PHE H    H N N 262 
PHE H2   H N N 263 
PHE HA   H N N 264 
PHE HB2  H N N 265 
PHE HB3  H N N 266 
PHE HD1  H N N 267 
PHE HD2  H N N 268 
PHE HE1  H N N 269 
PHE HE2  H N N 270 
PHE HZ   H N N 271 
PHE HXT  H N N 272 
PRO N    N N N 273 
PRO CA   C N S 274 
PRO C    C N N 275 
PRO O    O N N 276 
PRO CB   C N N 277 
PRO CG   C N N 278 
PRO CD   C N N 279 
PRO OXT  O N N 280 
PRO H    H N N 281 
PRO HA   H N N 282 
PRO HB2  H N N 283 
PRO HB3  H N N 284 
PRO HG2  H N N 285 
PRO HG3  H N N 286 
PRO HD2  H N N 287 
PRO HD3  H N N 288 
PRO HXT  H N N 289 
SER N    N N N 290 
SER CA   C N S 291 
SER C    C N N 292 
SER O    O N N 293 
SER CB   C N N 294 
SER OG   O N N 295 
SER OXT  O N N 296 
SER H    H N N 297 
SER H2   H N N 298 
SER HA   H N N 299 
SER HB2  H N N 300 
SER HB3  H N N 301 
SER HG   H N N 302 
SER HXT  H N N 303 
SO4 S    S N N 304 
SO4 O1   O N N 305 
SO4 O2   O N N 306 
SO4 O3   O N N 307 
SO4 O4   O N N 308 
THR N    N N N 309 
THR CA   C N S 310 
THR C    C N N 311 
THR O    O N N 312 
THR CB   C N R 313 
THR OG1  O N N 314 
THR CG2  C N N 315 
THR OXT  O N N 316 
THR H    H N N 317 
THR H2   H N N 318 
THR HA   H N N 319 
THR HB   H N N 320 
THR HG1  H N N 321 
THR HG21 H N N 322 
THR HG22 H N N 323 
THR HG23 H N N 324 
THR HXT  H N N 325 
TYR N    N N N 326 
TYR CA   C N S 327 
TYR C    C N N 328 
TYR O    O N N 329 
TYR CB   C N N 330 
TYR CG   C Y N 331 
TYR CD1  C Y N 332 
TYR CD2  C Y N 333 
TYR CE1  C Y N 334 
TYR CE2  C Y N 335 
TYR CZ   C Y N 336 
TYR OH   O N N 337 
TYR OXT  O N N 338 
TYR H    H N N 339 
TYR H2   H N N 340 
TYR HA   H N N 341 
TYR HB2  H N N 342 
TYR HB3  H N N 343 
TYR HD1  H N N 344 
TYR HD2  H N N 345 
TYR HE1  H N N 346 
TYR HE2  H N N 347 
TYR HH   H N N 348 
TYR HXT  H N N 349 
VAL N    N N N 350 
VAL CA   C N S 351 
VAL C    C N N 352 
VAL O    O N N 353 
VAL CB   C N N 354 
VAL CG1  C N N 355 
VAL CG2  C N N 356 
VAL OXT  O N N 357 
VAL H    H N N 358 
VAL H2   H N N 359 
VAL HA   H N N 360 
VAL HB   H N N 361 
VAL HG11 H N N 362 
VAL HG12 H N N 363 
VAL HG13 H N N 364 
VAL HG21 H N N 365 
VAL HG22 H N N 366 
VAL HG23 H N N 367 
VAL HXT  H N N 368 
# 
loop_
_chem_comp_bond.comp_id 
_chem_comp_bond.atom_id_1 
_chem_comp_bond.atom_id_2 
_chem_comp_bond.value_order 
_chem_comp_bond.pdbx_aromatic_flag 
_chem_comp_bond.pdbx_stereo_config 
_chem_comp_bond.pdbx_ordinal 
ALA N   CA   sing N N 1   
ALA N   H    sing N N 2   
ALA N   H2   sing N N 3   
ALA CA  C    sing N N 4   
ALA CA  CB   sing N N 5   
ALA CA  HA   sing N N 6   
ALA C   O    doub N N 7   
ALA C   OXT  sing N N 8   
ALA CB  HB1  sing N N 9   
ALA CB  HB2  sing N N 10  
ALA CB  HB3  sing N N 11  
ALA OXT HXT  sing N N 12  
ARG N   CA   sing N N 13  
ARG N   H    sing N N 14  
ARG N   H2   sing N N 15  
ARG CA  C    sing N N 16  
ARG CA  CB   sing N N 17  
ARG CA  HA   sing N N 18  
ARG C   O    doub N N 19  
ARG C   OXT  sing N N 20  
ARG CB  CG   sing N N 21  
ARG CB  HB2  sing N N 22  
ARG CB  HB3  sing N N 23  
ARG CG  CD   sing N N 24  
ARG CG  HG2  sing N N 25  
ARG CG  HG3  sing N N 26  
ARG CD  NE   sing N N 27  
ARG CD  HD2  sing N N 28  
ARG CD  HD3  sing N N 29  
ARG NE  CZ   sing N N 30  
ARG NE  HE   sing N N 31  
ARG CZ  NH1  sing N N 32  
ARG CZ  NH2  doub N N 33  
ARG NH1 HH11 sing N N 34  
ARG NH1 HH12 sing N N 35  
ARG NH2 HH21 sing N N 36  
ARG NH2 HH22 sing N N 37  
ARG OXT HXT  sing N N 38  
ASN N   CA   sing N N 39  
ASN N   H    sing N N 40  
ASN N   H2   sing N N 41  
ASN CA  C    sing N N 42  
ASN CA  CB   sing N N 43  
ASN CA  HA   sing N N 44  
ASN C   O    doub N N 45  
ASN C   OXT  sing N N 46  
ASN CB  CG   sing N N 47  
ASN CB  HB2  sing N N 48  
ASN CB  HB3  sing N N 49  
ASN CG  OD1  doub N N 50  
ASN CG  ND2  sing N N 51  
ASN ND2 HD21 sing N N 52  
ASN ND2 HD22 sing N N 53  
ASN OXT HXT  sing N N 54  
ASP N   CA   sing N N 55  
ASP N   H    sing N N 56  
ASP N   H2   sing N N 57  
ASP CA  C    sing N N 58  
ASP CA  CB   sing N N 59  
ASP CA  HA   sing N N 60  
ASP C   O    doub N N 61  
ASP C   OXT  sing N N 62  
ASP CB  CG   sing N N 63  
ASP CB  HB2  sing N N 64  
ASP CB  HB3  sing N N 65  
ASP CG  OD1  doub N N 66  
ASP CG  OD2  sing N N 67  
ASP OD2 HD2  sing N N 68  
ASP OXT HXT  sing N N 69  
CYS N   CA   sing N N 70  
CYS N   H    sing N N 71  
CYS N   H2   sing N N 72  
CYS CA  C    sing N N 73  
CYS CA  CB   sing N N 74  
CYS CA  HA   sing N N 75  
CYS C   O    doub N N 76  
CYS C   OXT  sing N N 77  
CYS CB  SG   sing N N 78  
CYS CB  HB2  sing N N 79  
CYS CB  HB3  sing N N 80  
CYS SG  HG   sing N N 81  
CYS OXT HXT  sing N N 82  
GLN N   CA   sing N N 83  
GLN N   H    sing N N 84  
GLN N   H2   sing N N 85  
GLN CA  C    sing N N 86  
GLN CA  CB   sing N N 87  
GLN CA  HA   sing N N 88  
GLN C   O    doub N N 89  
GLN C   OXT  sing N N 90  
GLN CB  CG   sing N N 91  
GLN CB  HB2  sing N N 92  
GLN CB  HB3  sing N N 93  
GLN CG  CD   sing N N 94  
GLN CG  HG2  sing N N 95  
GLN CG  HG3  sing N N 96  
GLN CD  OE1  doub N N 97  
GLN CD  NE2  sing N N 98  
GLN NE2 HE21 sing N N 99  
GLN NE2 HE22 sing N N 100 
GLN OXT HXT  sing N N 101 
GLU N   CA   sing N N 102 
GLU N   H    sing N N 103 
GLU N   H2   sing N N 104 
GLU CA  C    sing N N 105 
GLU CA  CB   sing N N 106 
GLU CA  HA   sing N N 107 
GLU C   O    doub N N 108 
GLU C   OXT  sing N N 109 
GLU CB  CG   sing N N 110 
GLU CB  HB2  sing N N 111 
GLU CB  HB3  sing N N 112 
GLU CG  CD   sing N N 113 
GLU CG  HG2  sing N N 114 
GLU CG  HG3  sing N N 115 
GLU CD  OE1  doub N N 116 
GLU CD  OE2  sing N N 117 
GLU OE2 HE2  sing N N 118 
GLU OXT HXT  sing N N 119 
GLY N   CA   sing N N 120 
GLY N   H    sing N N 121 
GLY N   H2   sing N N 122 
GLY CA  C    sing N N 123 
GLY CA  HA2  sing N N 124 
GLY CA  HA3  sing N N 125 
GLY C   O    doub N N 126 
GLY C   OXT  sing N N 127 
GLY OXT HXT  sing N N 128 
HIS N   CA   sing N N 129 
HIS N   H    sing N N 130 
HIS N   H2   sing N N 131 
HIS CA  C    sing N N 132 
HIS CA  CB   sing N N 133 
HIS CA  HA   sing N N 134 
HIS C   O    doub N N 135 
HIS C   OXT  sing N N 136 
HIS CB  CG   sing N N 137 
HIS CB  HB2  sing N N 138 
HIS CB  HB3  sing N N 139 
HIS CG  ND1  sing Y N 140 
HIS CG  CD2  doub Y N 141 
HIS ND1 CE1  doub Y N 142 
HIS ND1 HD1  sing N N 143 
HIS CD2 NE2  sing Y N 144 
HIS CD2 HD2  sing N N 145 
HIS CE1 NE2  sing Y N 146 
HIS CE1 HE1  sing N N 147 
HIS NE2 HE2  sing N N 148 
HIS OXT HXT  sing N N 149 
HOH O   H1   sing N N 150 
HOH O   H2   sing N N 151 
ILE N   CA   sing N N 152 
ILE N   H    sing N N 153 
ILE N   H2   sing N N 154 
ILE CA  C    sing N N 155 
ILE CA  CB   sing N N 156 
ILE CA  HA   sing N N 157 
ILE C   O    doub N N 158 
ILE C   OXT  sing N N 159 
ILE CB  CG1  sing N N 160 
ILE CB  CG2  sing N N 161 
ILE CB  HB   sing N N 162 
ILE CG1 CD1  sing N N 163 
ILE CG1 HG12 sing N N 164 
ILE CG1 HG13 sing N N 165 
ILE CG2 HG21 sing N N 166 
ILE CG2 HG22 sing N N 167 
ILE CG2 HG23 sing N N 168 
ILE CD1 HD11 sing N N 169 
ILE CD1 HD12 sing N N 170 
ILE CD1 HD13 sing N N 171 
ILE OXT HXT  sing N N 172 
LEU N   CA   sing N N 173 
LEU N   H    sing N N 174 
LEU N   H2   sing N N 175 
LEU CA  C    sing N N 176 
LEU CA  CB   sing N N 177 
LEU CA  HA   sing N N 178 
LEU C   O    doub N N 179 
LEU C   OXT  sing N N 180 
LEU CB  CG   sing N N 181 
LEU CB  HB2  sing N N 182 
LEU CB  HB3  sing N N 183 
LEU CG  CD1  sing N N 184 
LEU CG  CD2  sing N N 185 
LEU CG  HG   sing N N 186 
LEU CD1 HD11 sing N N 187 
LEU CD1 HD12 sing N N 188 
LEU CD1 HD13 sing N N 189 
LEU CD2 HD21 sing N N 190 
LEU CD2 HD22 sing N N 191 
LEU CD2 HD23 sing N N 192 
LEU OXT HXT  sing N N 193 
LYS N   CA   sing N N 194 
LYS N   H    sing N N 195 
LYS N   H2   sing N N 196 
LYS CA  C    sing N N 197 
LYS CA  CB   sing N N 198 
LYS CA  HA   sing N N 199 
LYS C   O    doub N N 200 
LYS C   OXT  sing N N 201 
LYS CB  CG   sing N N 202 
LYS CB  HB2  sing N N 203 
LYS CB  HB3  sing N N 204 
LYS CG  CD   sing N N 205 
LYS CG  HG2  sing N N 206 
LYS CG  HG3  sing N N 207 
LYS CD  CE   sing N N 208 
LYS CD  HD2  sing N N 209 
LYS CD  HD3  sing N N 210 
LYS CE  NZ   sing N N 211 
LYS CE  HE2  sing N N 212 
LYS CE  HE3  sing N N 213 
LYS NZ  HZ1  sing N N 214 
LYS NZ  HZ2  sing N N 215 
LYS NZ  HZ3  sing N N 216 
LYS OXT HXT  sing N N 217 
MET N   CA   sing N N 218 
MET N   H    sing N N 219 
MET N   H2   sing N N 220 
MET CA  C    sing N N 221 
MET CA  CB   sing N N 222 
MET CA  HA   sing N N 223 
MET C   O    doub N N 224 
MET C   OXT  sing N N 225 
MET CB  CG   sing N N 226 
MET CB  HB2  sing N N 227 
MET CB  HB3  sing N N 228 
MET CG  SD   sing N N 229 
MET CG  HG2  sing N N 230 
MET CG  HG3  sing N N 231 
MET SD  CE   sing N N 232 
MET CE  HE1  sing N N 233 
MET CE  HE2  sing N N 234 
MET CE  HE3  sing N N 235 
MET OXT HXT  sing N N 236 
PHE N   CA   sing N N 237 
PHE N   H    sing N N 238 
PHE N   H2   sing N N 239 
PHE CA  C    sing N N 240 
PHE CA  CB   sing N N 241 
PHE CA  HA   sing N N 242 
PHE C   O    doub N N 243 
PHE C   OXT  sing N N 244 
PHE CB  CG   sing N N 245 
PHE CB  HB2  sing N N 246 
PHE CB  HB3  sing N N 247 
PHE CG  CD1  doub Y N 248 
PHE CG  CD2  sing Y N 249 
PHE CD1 CE1  sing Y N 250 
PHE CD1 HD1  sing N N 251 
PHE CD2 CE2  doub Y N 252 
PHE CD2 HD2  sing N N 253 
PHE CE1 CZ   doub Y N 254 
PHE CE1 HE1  sing N N 255 
PHE CE2 CZ   sing Y N 256 
PHE CE2 HE2  sing N N 257 
PHE CZ  HZ   sing N N 258 
PHE OXT HXT  sing N N 259 
PRO N   CA   sing N N 260 
PRO N   CD   sing N N 261 
PRO N   H    sing N N 262 
PRO CA  C    sing N N 263 
PRO CA  CB   sing N N 264 
PRO CA  HA   sing N N 265 
PRO C   O    doub N N 266 
PRO C   OXT  sing N N 267 
PRO CB  CG   sing N N 268 
PRO CB  HB2  sing N N 269 
PRO CB  HB3  sing N N 270 
PRO CG  CD   sing N N 271 
PRO CG  HG2  sing N N 272 
PRO CG  HG3  sing N N 273 
PRO CD  HD2  sing N N 274 
PRO CD  HD3  sing N N 275 
PRO OXT HXT  sing N N 276 
SER N   CA   sing N N 277 
SER N   H    sing N N 278 
SER N   H2   sing N N 279 
SER CA  C    sing N N 280 
SER CA  CB   sing N N 281 
SER CA  HA   sing N N 282 
SER C   O    doub N N 283 
SER C   OXT  sing N N 284 
SER CB  OG   sing N N 285 
SER CB  HB2  sing N N 286 
SER CB  HB3  sing N N 287 
SER OG  HG   sing N N 288 
SER OXT HXT  sing N N 289 
SO4 S   O1   doub N N 290 
SO4 S   O2   doub N N 291 
SO4 S   O3   sing N N 292 
SO4 S   O4   sing N N 293 
THR N   CA   sing N N 294 
THR N   H    sing N N 295 
THR N   H2   sing N N 296 
THR CA  C    sing N N 297 
THR CA  CB   sing N N 298 
THR CA  HA   sing N N 299 
THR C   O    doub N N 300 
THR C   OXT  sing N N 301 
THR CB  OG1  sing N N 302 
THR CB  CG2  sing N N 303 
THR CB  HB   sing N N 304 
THR OG1 HG1  sing N N 305 
THR CG2 HG21 sing N N 306 
THR CG2 HG22 sing N N 307 
THR CG2 HG23 sing N N 308 
THR OXT HXT  sing N N 309 
TYR N   CA   sing N N 310 
TYR N   H    sing N N 311 
TYR N   H2   sing N N 312 
TYR CA  C    sing N N 313 
TYR CA  CB   sing N N 314 
TYR CA  HA   sing N N 315 
TYR C   O    doub N N 316 
TYR C   OXT  sing N N 317 
TYR CB  CG   sing N N 318 
TYR CB  HB2  sing N N 319 
TYR CB  HB3  sing N N 320 
TYR CG  CD1  doub Y N 321 
TYR CG  CD2  sing Y N 322 
TYR CD1 CE1  sing Y N 323 
TYR CD1 HD1  sing N N 324 
TYR CD2 CE2  doub Y N 325 
TYR CD2 HD2  sing N N 326 
TYR CE1 CZ   doub Y N 327 
TYR CE1 HE1  sing N N 328 
TYR CE2 CZ   sing Y N 329 
TYR CE2 HE2  sing N N 330 
TYR CZ  OH   sing N N 331 
TYR OH  HH   sing N N 332 
TYR OXT HXT  sing N N 333 
VAL N   CA   sing N N 334 
VAL N   H    sing N N 335 
VAL N   H2   sing N N 336 
VAL CA  C    sing N N 337 
VAL CA  CB   sing N N 338 
VAL CA  HA   sing N N 339 
VAL C   O    doub N N 340 
VAL C   OXT  sing N N 341 
VAL CB  CG1  sing N N 342 
VAL CB  CG2  sing N N 343 
VAL CB  HB   sing N N 344 
VAL CG1 HG11 sing N N 345 
VAL CG1 HG12 sing N N 346 
VAL CG1 HG13 sing N N 347 
VAL CG2 HG21 sing N N 348 
VAL CG2 HG22 sing N N 349 
VAL CG2 HG23 sing N N 350 
VAL OXT HXT  sing N N 351 
# 
loop_
_pdbx_entity_nonpoly.entity_id 
_pdbx_entity_nonpoly.name 
_pdbx_entity_nonpoly.comp_id 
2 'UNKNOWN LIGAND' UNL 
3 'SULFATE ION'    SO4 
4 water            HOH 
# 
_pdbx_initial_refinement_model.id               1 
_pdbx_initial_refinement_model.entity_id_list   ? 
_pdbx_initial_refinement_model.type             'experimental model' 
_pdbx_initial_refinement_model.source_name      PDB 
_pdbx_initial_refinement_model.accession_code   5W17 
_pdbx_initial_refinement_model.details          ? 
# 
_pdbx_struct_assembly_auth_evidence.id                     1 
_pdbx_struct_assembly_auth_evidence.assembly_id            1 
_pdbx_struct_assembly_auth_evidence.experimental_support   none 
_pdbx_struct_assembly_auth_evidence.details                . 
# 
